data_1HYI
#
_entry.id   1HYI
#
_cell.length_a   1.000
_cell.length_b   1.000
_cell.length_c   1.000
_cell.angle_alpha   90.00
_cell.angle_beta   90.00
_cell.angle_gamma   90.00
#
_symmetry.space_group_name_H-M   'P 1'
#
loop_
_entity.id
_entity.type
_entity.pdbx_description
1 polymer 'ENDOSOME-ASSOCIATED PROTEIN'
2 non-polymer 'ZINC ION'
3 non-polymer 'PHOSPHORIC ACID MONO-(2,3,4,6-TETRAHYDROXY-5-PHOSPHONOOXY-CYCLOHEXYL) ESTER'
#
_entity_poly.entity_id   1
_entity_poly.type   'polypeptide(L)'
_entity_poly.pdbx_seq_one_letter_code
;RKWAEDNEVQNCMACGKGFSVTVRRHHCRQCGNIFCAECSAKNALTPSSKKPVRVCDACFNDLQG
;
_entity_poly.pdbx_strand_id   A
#
loop_
_chem_comp.id
_chem_comp.type
_chem_comp.name
_chem_comp.formula
ITP non-polymer 'PHOSPHORIC ACID MONO-(2,3,4,6-TETRAHYDROXY-5-PHOSPHONOOXY-CYCLOHEXYL) ESTER' 'C6 H14 O12 P2'
ZN non-polymer 'ZINC ION' 'Zn 2'
#
# COMPACT_ATOMS: atom_id res chain seq x y z
N ARG A 1 -8.76 -13.15 1.48
CA ARG A 1 -9.30 -13.51 0.13
C ARG A 1 -9.46 -12.26 -0.73
N LYS A 2 -10.47 -11.48 -0.47
CA LYS A 2 -10.69 -10.24 -1.29
C LYS A 2 -9.53 -9.26 -1.07
N TRP A 3 -8.89 -9.32 0.07
CA TRP A 3 -7.75 -8.39 0.32
C TRP A 3 -6.42 -9.11 0.10
N ALA A 4 -5.42 -8.40 -0.34
CA ALA A 4 -4.09 -9.03 -0.58
C ALA A 4 -3.36 -9.26 0.74
N GLU A 5 -3.68 -10.32 1.44
CA GLU A 5 -3.01 -10.59 2.74
C GLU A 5 -1.88 -11.61 2.55
N ASP A 6 -0.93 -11.32 1.71
CA ASP A 6 0.19 -12.28 1.48
C ASP A 6 -0.36 -13.63 1.01
N ASN A 7 -1.56 -13.65 0.52
CA ASN A 7 -2.14 -14.93 0.03
C ASN A 7 -1.20 -15.59 -0.98
N GLU A 8 -0.45 -14.79 -1.69
CA GLU A 8 0.51 -15.34 -2.68
C GLU A 8 1.15 -14.19 -3.46
N VAL A 9 1.35 -13.06 -2.82
CA VAL A 9 1.97 -11.90 -3.51
C VAL A 9 3.50 -11.96 -3.45
N GLN A 10 4.07 -11.65 -2.32
CA GLN A 10 5.55 -11.70 -2.20
C GLN A 10 6.20 -10.86 -3.31
N ASN A 11 5.55 -9.81 -3.73
CA ASN A 11 6.14 -8.97 -4.80
C ASN A 11 5.34 -7.67 -4.97
N CYS A 12 5.91 -6.55 -4.63
CA CYS A 12 5.17 -5.27 -4.79
C CYS A 12 4.52 -5.21 -6.18
N MET A 13 3.63 -4.30 -6.38
CA MET A 13 2.97 -4.17 -7.72
C MET A 13 3.78 -3.22 -8.59
N ALA A 14 4.09 -2.07 -8.08
CA ALA A 14 4.88 -1.08 -8.87
C ALA A 14 6.31 -1.57 -9.05
N CYS A 15 7.21 -1.19 -8.16
CA CYS A 15 8.61 -1.65 -8.30
C CYS A 15 8.62 -3.15 -8.61
N GLY A 16 7.61 -3.85 -8.17
CA GLY A 16 7.53 -5.32 -8.43
C GLY A 16 8.79 -6.01 -7.92
N LYS A 17 9.23 -5.64 -6.76
CA LYS A 17 10.45 -6.27 -6.20
C LYS A 17 10.09 -7.51 -5.37
N GLY A 18 10.92 -8.51 -5.37
CA GLY A 18 10.62 -9.73 -4.58
C GLY A 18 10.82 -9.43 -3.09
N PHE A 19 9.75 -9.18 -2.39
CA PHE A 19 9.86 -8.88 -0.94
C PHE A 19 10.90 -9.78 -0.28
N SER A 20 11.78 -9.21 0.52
CA SER A 20 12.82 -10.04 1.19
C SER A 20 13.00 -9.61 2.64
N VAL A 21 14.06 -10.04 3.27
CA VAL A 21 14.31 -9.67 4.68
C VAL A 21 14.66 -8.19 4.79
N THR A 22 15.06 -7.58 3.71
CA THR A 22 15.44 -6.13 3.75
C THR A 22 14.21 -5.25 3.48
N VAL A 23 13.49 -5.54 2.43
CA VAL A 23 12.29 -4.71 2.10
C VAL A 23 11.01 -5.39 2.60
N ARG A 24 10.13 -4.63 3.20
CA ARG A 24 8.86 -5.23 3.71
C ARG A 24 7.77 -5.11 2.64
N ARG A 25 6.57 -5.49 2.96
CA ARG A 25 5.47 -5.38 1.97
C ARG A 25 4.30 -4.58 2.56
N HIS A 26 3.70 -3.73 1.77
CA HIS A 26 2.56 -2.93 2.29
C HIS A 26 1.55 -2.71 1.17
N HIS A 27 0.32 -3.09 1.36
CA HIS A 27 -0.66 -2.90 0.26
C HIS A 27 -1.53 -1.67 0.48
N CYS A 28 -1.95 -1.05 -0.58
CA CYS A 28 -2.81 0.17 -0.46
C CYS A 28 -4.23 -0.23 -0.05
N ARG A 29 -4.71 0.30 1.04
CA ARG A 29 -6.08 -0.04 1.51
C ARG A 29 -7.14 0.58 0.59
N GLN A 30 -6.75 1.49 -0.26
CA GLN A 30 -7.74 2.13 -1.17
C GLN A 30 -7.91 1.28 -2.44
N CYS A 31 -6.94 1.31 -3.31
CA CYS A 31 -7.04 0.51 -4.55
C CYS A 31 -6.96 -0.98 -4.23
N GLY A 32 -6.18 -1.35 -3.23
CA GLY A 32 -6.07 -2.79 -2.86
C GLY A 32 -4.88 -3.40 -3.60
N ASN A 33 -3.75 -2.75 -3.57
CA ASN A 33 -2.56 -3.30 -4.28
C ASN A 33 -1.40 -3.49 -3.31
N ILE A 34 -0.48 -4.37 -3.62
CA ILE A 34 0.69 -4.60 -2.72
C ILE A 34 1.86 -3.69 -3.12
N PHE A 35 2.32 -2.85 -2.25
CA PHE A 35 3.46 -1.95 -2.60
C PHE A 35 4.62 -2.16 -1.62
N CYS A 36 5.84 -1.99 -2.06
CA CYS A 36 6.99 -2.19 -1.13
C CYS A 36 7.19 -0.96 -0.22
N ALA A 37 8.00 -1.09 0.78
CA ALA A 37 8.22 0.04 1.72
C ALA A 37 8.46 1.36 0.99
N GLU A 38 8.89 1.32 -0.24
CA GLU A 38 9.14 2.58 -1.00
C GLU A 38 7.86 3.03 -1.70
N CYS A 39 7.09 2.12 -2.22
CA CYS A 39 5.84 2.51 -2.91
C CYS A 39 4.76 2.85 -1.89
N SER A 40 4.71 2.12 -0.81
CA SER A 40 3.69 2.40 0.23
C SER A 40 4.23 3.38 1.27
N ALA A 41 5.20 4.16 0.91
CA ALA A 41 5.78 5.14 1.88
C ALA A 41 4.93 6.41 1.96
N LYS A 42 3.63 6.28 1.89
CA LYS A 42 2.75 7.48 1.96
C LYS A 42 1.39 7.12 2.57
N ASN A 43 0.94 7.87 3.54
CA ASN A 43 -0.37 7.57 4.17
C ASN A 43 -1.21 8.87 4.24
N ALA A 44 -2.51 8.77 4.20
CA ALA A 44 -3.34 10.01 4.26
C ALA A 44 -4.53 9.82 5.20
N LEU A 45 -4.97 10.89 5.81
CA LEU A 45 -6.14 10.79 6.73
C LEU A 45 -7.44 10.92 5.94
N THR A 46 -8.34 9.97 6.10
CA THR A 46 -9.62 10.04 5.35
C THR A 46 -10.77 10.36 6.29
N PRO A 47 -11.68 11.17 5.81
CA PRO A 47 -12.85 11.55 6.63
C PRO A 47 -13.82 10.37 6.73
N SER A 48 -13.53 9.31 6.01
CA SER A 48 -14.42 8.11 6.04
C SER A 48 -14.31 7.41 7.41
N SER A 49 -13.14 7.42 7.99
CA SER A 49 -12.96 6.76 9.32
C SER A 49 -12.12 7.63 10.24
N LYS A 50 -11.84 8.84 9.84
CA LYS A 50 -11.02 9.74 10.70
C LYS A 50 -9.69 9.08 11.07
N LYS A 51 -9.04 8.46 10.12
CA LYS A 51 -7.74 7.80 10.42
C LYS A 51 -6.86 7.74 9.17
N PRO A 52 -5.58 7.82 9.39
CA PRO A 52 -4.60 7.76 8.27
C PRO A 52 -4.53 6.36 7.69
N VAL A 53 -5.17 6.14 6.57
CA VAL A 53 -5.15 4.79 5.95
C VAL A 53 -3.87 4.64 5.11
N ARG A 54 -3.27 3.48 5.14
CA ARG A 54 -2.02 3.28 4.34
C ARG A 54 -2.34 3.13 2.86
N VAL A 55 -1.71 3.93 2.02
CA VAL A 55 -1.98 3.85 0.56
C VAL A 55 -0.70 4.21 -0.22
N CYS A 56 -0.65 3.92 -1.50
CA CYS A 56 0.58 4.24 -2.26
C CYS A 56 0.72 5.77 -2.45
N ASP A 57 1.82 6.20 -3.01
CA ASP A 57 2.06 7.67 -3.20
C ASP A 57 0.97 8.33 -4.03
N ALA A 58 0.58 7.73 -5.14
CA ALA A 58 -0.45 8.36 -6.00
C ALA A 58 -1.77 8.52 -5.25
N CYS A 59 -2.40 7.44 -4.91
CA CYS A 59 -3.71 7.52 -4.19
C CYS A 59 -3.58 8.41 -2.96
N PHE A 60 -2.46 8.34 -2.27
CA PHE A 60 -2.28 9.19 -1.07
C PHE A 60 -2.62 10.65 -1.41
N ASN A 61 -2.15 11.12 -2.52
CA ASN A 61 -2.44 12.53 -2.91
C ASN A 61 -3.80 12.60 -3.63
N ASP A 62 -4.21 11.51 -4.21
CA ASP A 62 -5.51 11.50 -4.93
C ASP A 62 -6.68 11.46 -3.93
N LEU A 63 -6.45 10.95 -2.75
CA LEU A 63 -7.55 10.89 -1.75
C LEU A 63 -7.33 11.94 -0.65
N GLN A 64 -6.10 12.35 -0.45
CA GLN A 64 -5.83 13.38 0.60
C GLN A 64 -6.63 14.65 0.31
N GLY A 65 -7.18 14.75 -0.87
CA GLY A 65 -7.96 15.97 -1.22
C GLY A 65 -8.52 15.82 -2.63
ZN ZN B . 7.15 -0.94 -4.55
ZN ZN C . -3.11 3.36 -4.42
C1 ITP D . 1.33 -5.94 6.90
O1 ITP D . 2.05 -6.96 7.75
C2 ITP D . -0.07 -5.51 7.23
O2 ITP D . -1.08 -6.52 6.97
C3 ITP D . -0.30 -4.26 6.44
O3 ITP D . -1.53 -3.69 6.83
C4 ITP D . -0.22 -4.52 4.85
O4 ITP D . -0.19 -3.25 4.23
C5 ITP D . 1.06 -5.21 4.45
O5 ITP D . 0.82 -5.80 3.12
C6 ITP D . 1.45 -6.36 5.41
O6 ITP D . 2.80 -6.60 5.18
P1 ITP D . 3.67 -7.02 8.06
OP1 ITP D . 4.23 -8.21 7.40
OP2 ITP D . 3.86 -7.12 9.54
OP3 ITP D . 3.98 -5.67 7.50
P3 ITP D . -1.81 -2.17 6.74
O10 ITP D . -3.04 -2.15 7.40
O11 ITP D . -0.61 -1.66 7.36
O12 ITP D . -1.85 -1.89 5.34
H1 ITP D . 1.94 -5.03 6.84
H2 ITP D . -0.12 -5.29 8.31
HO2 ITP D . -1.53 -6.33 6.06
H3 ITP D . 0.51 -3.55 6.61
H4 ITP D . -1.12 -5.04 4.56
HO4 ITP D . -1.15 -2.93 4.04
H5 ITP D . 1.84 -4.44 4.39
HO5 ITP D . 1.69 -6.20 2.77
H6 ITP D . 0.79 -7.18 5.17
HO6 ITP D . 3.33 -5.72 5.24
N ARG A 1 -8.24 -12.91 -1.42
CA ARG A 1 -8.55 -11.94 -2.50
C ARG A 1 -8.97 -10.60 -1.91
N LYS A 2 -9.79 -10.61 -0.90
CA LYS A 2 -10.24 -9.33 -0.28
C LYS A 2 -9.04 -8.39 -0.07
N TRP A 3 -8.16 -8.72 0.85
CA TRP A 3 -6.98 -7.84 1.08
C TRP A 3 -5.73 -8.49 0.48
N ALA A 4 -4.94 -7.73 -0.23
CA ALA A 4 -3.71 -8.31 -0.83
C ALA A 4 -2.62 -8.45 0.24
N GLU A 5 -2.71 -9.47 1.07
CA GLU A 5 -1.68 -9.65 2.13
C GLU A 5 -0.44 -10.32 1.54
N ASP A 6 -0.57 -11.54 1.09
CA ASP A 6 0.60 -12.25 0.49
C ASP A 6 0.16 -13.64 0.01
N ASN A 7 -1.04 -13.76 -0.47
CA ASN A 7 -1.52 -15.10 -0.95
C ASN A 7 -0.91 -15.43 -2.31
N GLU A 8 -0.78 -14.45 -3.17
CA GLU A 8 -0.19 -14.70 -4.51
C GLU A 8 0.38 -13.41 -5.10
N VAL A 9 1.19 -12.71 -4.33
CA VAL A 9 1.78 -11.45 -4.85
C VAL A 9 3.28 -11.41 -4.58
N GLN A 10 3.68 -11.69 -3.37
CA GLN A 10 5.14 -11.70 -3.00
C GLN A 10 5.95 -10.73 -3.87
N ASN A 11 5.40 -9.59 -4.20
CA ASN A 11 6.16 -8.63 -5.04
C ASN A 11 5.41 -7.28 -5.11
N CYS A 12 6.04 -6.21 -4.73
CA CYS A 12 5.34 -4.89 -4.80
C CYS A 12 4.72 -4.71 -6.19
N MET A 13 3.61 -4.04 -6.28
CA MET A 13 2.96 -3.86 -7.60
C MET A 13 3.57 -2.66 -8.33
N ALA A 14 3.92 -1.63 -7.61
CA ALA A 14 4.53 -0.43 -8.25
C ALA A 14 5.98 -0.73 -8.63
N CYS A 15 6.88 -0.61 -7.70
CA CYS A 15 8.32 -0.89 -8.01
C CYS A 15 8.47 -2.27 -8.62
N GLY A 16 7.69 -3.21 -8.17
CA GLY A 16 7.78 -4.59 -8.71
C GLY A 16 9.02 -5.29 -8.15
N LYS A 17 9.38 -5.01 -6.93
CA LYS A 17 10.59 -5.67 -6.34
C LYS A 17 10.20 -6.97 -5.63
N GLY A 18 10.82 -8.05 -5.98
CA GLY A 18 10.49 -9.34 -5.32
C GLY A 18 10.85 -9.25 -3.84
N PHE A 19 9.88 -8.96 -3.01
CA PHE A 19 10.14 -8.86 -1.55
C PHE A 19 11.12 -9.93 -1.09
N SER A 20 11.94 -9.62 -0.13
CA SER A 20 12.92 -10.63 0.37
C SER A 20 13.08 -10.49 1.89
N VAL A 21 14.26 -10.71 2.40
CA VAL A 21 14.45 -10.57 3.88
C VAL A 21 14.75 -9.11 4.22
N THR A 22 15.25 -8.36 3.28
CA THR A 22 15.56 -6.93 3.55
C THR A 22 14.37 -6.03 3.23
N VAL A 23 13.61 -6.36 2.21
CA VAL A 23 12.44 -5.51 1.85
C VAL A 23 11.15 -6.13 2.40
N ARG A 24 10.15 -5.33 2.65
CA ARG A 24 8.87 -5.88 3.19
C ARG A 24 7.79 -5.86 2.11
N ARG A 25 6.66 -6.45 2.37
CA ARG A 25 5.57 -6.47 1.36
C ARG A 25 4.31 -5.80 1.92
N HIS A 26 4.29 -4.50 1.96
CA HIS A 26 3.10 -3.78 2.50
C HIS A 26 1.98 -3.75 1.45
N HIS A 27 0.93 -3.03 1.69
CA HIS A 27 -0.16 -2.95 0.69
C HIS A 27 -1.10 -1.78 1.01
N CYS A 28 -1.57 -1.09 -0.01
CA CYS A 28 -2.48 0.05 0.24
C CYS A 28 -3.84 -0.44 0.73
N ARG A 29 -4.40 0.21 1.70
CA ARG A 29 -5.73 -0.22 2.23
C ARG A 29 -6.86 0.45 1.44
N GLN A 30 -6.54 1.45 0.66
CA GLN A 30 -7.60 2.15 -0.13
C GLN A 30 -7.97 1.30 -1.36
N CYS A 31 -7.11 1.24 -2.34
CA CYS A 31 -7.42 0.44 -3.55
C CYS A 31 -7.15 -1.05 -3.29
N GLY A 32 -6.24 -1.35 -2.41
CA GLY A 32 -5.92 -2.78 -2.11
C GLY A 32 -4.79 -3.25 -3.00
N ASN A 33 -3.68 -2.54 -3.00
CA ASN A 33 -2.53 -2.94 -3.86
C ASN A 33 -1.31 -3.24 -3.00
N ILE A 34 -0.32 -3.89 -3.57
CA ILE A 34 0.90 -4.22 -2.77
C ILE A 34 2.01 -3.21 -3.08
N PHE A 35 2.76 -2.81 -2.09
CA PHE A 35 3.85 -1.82 -2.34
C PHE A 35 5.03 -2.08 -1.40
N CYS A 36 6.23 -1.82 -1.86
CA CYS A 36 7.42 -2.06 -0.98
C CYS A 36 7.53 -0.92 0.04
N ALA A 37 8.39 -1.07 1.02
CA ALA A 37 8.54 -0.01 2.06
C ALA A 37 8.76 1.37 1.41
N GLU A 38 9.14 1.42 0.17
CA GLU A 38 9.36 2.74 -0.49
C GLU A 38 8.05 3.23 -1.13
N CYS A 39 7.36 2.35 -1.80
CA CYS A 39 6.08 2.76 -2.44
C CYS A 39 5.00 2.98 -1.37
N SER A 40 5.06 2.22 -0.31
CA SER A 40 4.05 2.37 0.78
C SER A 40 4.55 3.37 1.82
N ALA A 41 5.45 4.24 1.44
CA ALA A 41 5.98 5.24 2.43
C ALA A 41 4.99 6.39 2.62
N LYS A 42 3.86 6.34 1.97
CA LYS A 42 2.88 7.45 2.12
C LYS A 42 1.68 6.99 2.96
N ASN A 43 1.09 7.87 3.71
CA ASN A 43 -0.09 7.49 4.55
C ASN A 43 -1.00 8.70 4.78
N ALA A 44 -2.21 8.63 4.32
CA ALA A 44 -3.15 9.77 4.51
C ALA A 44 -4.51 9.25 5.00
N LEU A 45 -5.21 10.02 5.78
CA LEU A 45 -6.54 9.55 6.29
C LEU A 45 -7.60 9.65 5.19
N THR A 46 -8.81 9.26 5.51
CA THR A 46 -9.89 9.32 4.48
C THR A 46 -11.07 10.14 5.03
N PRO A 47 -11.76 10.78 4.12
CA PRO A 47 -12.92 11.62 4.50
C PRO A 47 -14.09 10.73 4.95
N SER A 48 -13.99 9.45 4.75
CA SER A 48 -15.10 8.54 5.16
C SER A 48 -15.03 8.29 6.67
N SER A 49 -13.85 8.12 7.20
CA SER A 49 -13.71 7.88 8.67
C SER A 49 -13.08 9.10 9.35
N LYS A 50 -12.14 8.89 10.24
CA LYS A 50 -11.50 10.04 10.94
C LYS A 50 -10.08 9.68 11.38
N LYS A 51 -9.28 9.13 10.51
CA LYS A 51 -7.89 8.77 10.89
C LYS A 51 -7.04 8.51 9.65
N PRO A 52 -5.74 8.55 9.85
CA PRO A 52 -4.78 8.32 8.74
C PRO A 52 -4.77 6.83 8.34
N VAL A 53 -4.63 6.56 7.07
CA VAL A 53 -4.61 5.13 6.62
C VAL A 53 -3.39 4.88 5.73
N ARG A 54 -2.83 3.70 5.80
CA ARG A 54 -1.62 3.41 4.97
C ARG A 54 -2.02 3.23 3.51
N VAL A 55 -1.42 3.98 2.62
CA VAL A 55 -1.75 3.86 1.17
C VAL A 55 -0.55 4.31 0.33
N CYS A 56 -0.52 3.94 -0.92
CA CYS A 56 0.62 4.34 -1.79
C CYS A 56 0.48 5.81 -2.21
N ASP A 57 1.55 6.39 -2.71
CA ASP A 57 1.48 7.81 -3.15
C ASP A 57 0.25 8.05 -4.02
N ALA A 58 0.05 7.26 -5.03
CA ALA A 58 -1.14 7.44 -5.91
C ALA A 58 -2.41 7.58 -5.06
N CYS A 59 -2.78 6.54 -4.35
CA CYS A 59 -4.00 6.61 -3.51
C CYS A 59 -3.92 7.79 -2.55
N PHE A 60 -2.79 7.97 -1.91
CA PHE A 60 -2.66 9.11 -0.95
C PHE A 60 -3.20 10.39 -1.59
N ASN A 61 -2.89 10.62 -2.84
CA ASN A 61 -3.40 11.85 -3.52
C ASN A 61 -4.91 11.74 -3.72
N ASP A 62 -5.39 10.59 -4.12
CA ASP A 62 -6.86 10.43 -4.33
C ASP A 62 -7.62 10.98 -3.13
N LEU A 63 -7.00 11.00 -1.98
CA LEU A 63 -7.67 11.53 -0.76
C LEU A 63 -7.36 13.01 -0.60
N GLN A 64 -6.18 13.42 -0.97
CA GLN A 64 -5.80 14.86 -0.85
C GLN A 64 -6.31 15.64 -2.06
N GLY A 65 -6.71 14.95 -3.09
CA GLY A 65 -7.22 15.65 -4.30
C GLY A 65 -6.24 16.76 -4.71
ZN ZN B . 7.14 -0.22 -4.73
ZN ZN C . -2.89 1.70 -3.38
C1 ITP D . 2.23 -6.65 6.77
O1 ITP D . 2.75 -7.73 7.67
C2 ITP D . 1.15 -5.71 7.26
O2 ITP D . -0.15 -6.34 7.47
C3 ITP D . 1.09 -4.61 6.24
O3 ITP D . 0.26 -3.57 6.71
C4 ITP D . 0.62 -5.16 4.81
O4 ITP D . 0.72 -4.09 3.89
C5 ITP D . 1.55 -6.23 4.30
O5 ITP D . 0.87 -6.90 3.19
C6 ITP D . 1.86 -7.29 5.39
O6 ITP D . 3.00 -7.96 4.95
P1 ITP D . 4.33 -8.19 7.80
OP1 ITP D . 5.02 -8.01 6.53
OP2 ITP D . 4.38 -9.63 8.22
OP3 ITP D . 4.62 -7.24 8.93
P3 ITP D . 0.65 -2.09 6.57
O10 ITP D . 0.11 -1.84 5.30
O11 ITP D . 0.01 -1.57 7.77
O12 ITP D . 2.07 -2.06 6.66
H1 ITP D . 3.06 -6.04 6.41
H2 ITP D . 1.47 -5.31 8.22
HO2 ITP D . -0.05 -7.35 7.29
H3 ITP D . 2.08 -4.23 6.02
H4 ITP D . -0.42 -5.46 4.90
HO4 ITP D . 0.86 -3.21 4.41
H5 ITP D . 2.45 -5.72 3.95
HO5 ITP D . -0.07 -7.22 3.49
H6 ITP D . 0.96 -7.91 5.47
HO6 ITP D . 3.83 -7.45 5.28
N ARG A 1 -7.17 -12.72 -1.76
CA ARG A 1 -8.58 -12.88 -1.32
C ARG A 1 -8.97 -11.76 -0.35
N LYS A 2 -10.20 -11.31 -0.41
CA LYS A 2 -10.64 -10.22 0.51
C LYS A 2 -9.75 -8.99 0.33
N TRP A 3 -8.60 -8.97 0.96
CA TRP A 3 -7.70 -7.80 0.82
C TRP A 3 -6.36 -8.23 0.22
N ALA A 4 -5.52 -7.29 -0.11
CA ALA A 4 -4.19 -7.65 -0.71
C ALA A 4 -3.24 -8.14 0.38
N GLU A 5 -3.36 -9.36 0.78
CA GLU A 5 -2.45 -9.90 1.83
C GLU A 5 -1.25 -10.60 1.19
N ASP A 6 -1.40 -11.85 0.85
CA ASP A 6 -0.27 -12.60 0.21
C ASP A 6 -0.79 -13.89 -0.42
N ASN A 7 -2.05 -13.94 -0.75
CA ASN A 7 -2.62 -15.18 -1.35
C ASN A 7 -1.99 -15.46 -2.72
N GLU A 8 -1.50 -14.45 -3.37
CA GLU A 8 -0.89 -14.67 -4.72
C GLU A 8 0.24 -13.67 -5.01
N VAL A 9 0.29 -12.57 -4.30
CA VAL A 9 1.38 -11.57 -4.57
C VAL A 9 2.69 -11.99 -3.88
N GLN A 10 3.80 -11.73 -4.51
CA GLN A 10 5.11 -12.10 -3.90
C GLN A 10 6.11 -10.96 -4.07
N ASN A 11 5.65 -9.81 -4.49
CA ASN A 11 6.57 -8.65 -4.68
C ASN A 11 5.76 -7.36 -4.88
N CYS A 12 6.31 -6.23 -4.54
CA CYS A 12 5.56 -4.96 -4.72
C CYS A 12 5.00 -4.88 -6.14
N MET A 13 3.89 -4.21 -6.31
CA MET A 13 3.29 -4.10 -7.67
C MET A 13 3.96 -2.95 -8.45
N ALA A 14 4.25 -1.87 -7.78
CA ALA A 14 4.91 -0.73 -8.47
C ALA A 14 6.41 -1.01 -8.63
N CYS A 15 7.17 -0.87 -7.58
CA CYS A 15 8.62 -1.16 -7.67
C CYS A 15 8.83 -2.53 -8.31
N GLY A 16 7.98 -3.45 -7.99
CA GLY A 16 8.10 -4.83 -8.57
C GLY A 16 9.31 -5.54 -7.97
N LYS A 17 9.63 -5.26 -6.74
CA LYS A 17 10.80 -5.93 -6.11
C LYS A 17 10.38 -7.22 -5.41
N GLY A 18 11.00 -8.32 -5.75
CA GLY A 18 10.66 -9.62 -5.12
C GLY A 18 10.90 -9.51 -3.60
N PHE A 19 9.86 -9.27 -2.85
CA PHE A 19 10.03 -9.15 -1.38
C PHE A 19 11.00 -10.21 -0.85
N SER A 20 11.53 -10.02 0.32
CA SER A 20 12.49 -11.02 0.88
C SER A 20 12.54 -10.88 2.41
N VAL A 21 13.68 -11.11 3.00
CA VAL A 21 13.78 -10.99 4.47
C VAL A 21 14.18 -9.56 4.85
N THR A 22 14.96 -8.92 4.03
CA THR A 22 15.37 -7.51 4.34
C THR A 22 14.33 -6.52 3.83
N VAL A 23 13.56 -6.90 2.86
CA VAL A 23 12.52 -5.97 2.31
C VAL A 23 11.18 -6.22 3.00
N ARG A 24 10.26 -5.32 2.87
CA ARG A 24 8.93 -5.51 3.52
C ARG A 24 7.81 -5.51 2.46
N ARG A 25 6.68 -6.06 2.79
CA ARG A 25 5.56 -6.10 1.81
C ARG A 25 4.39 -5.27 2.32
N HIS A 26 4.14 -4.15 1.72
CA HIS A 26 2.99 -3.30 2.17
C HIS A 26 1.93 -3.24 1.07
N HIS A 27 0.74 -2.79 1.37
CA HIS A 27 -0.31 -2.71 0.32
C HIS A 27 -1.21 -1.51 0.54
N CYS A 28 -1.67 -0.90 -0.51
CA CYS A 28 -2.56 0.29 -0.37
C CYS A 28 -3.93 -0.14 0.19
N ARG A 29 -4.36 0.48 1.25
CA ARG A 29 -5.68 0.11 1.86
C ARG A 29 -6.83 0.51 0.94
N GLN A 30 -6.61 1.46 0.07
CA GLN A 30 -7.72 1.88 -0.84
C GLN A 30 -7.82 0.92 -2.03
N CYS A 31 -6.90 1.00 -2.95
CA CYS A 31 -6.94 0.09 -4.13
C CYS A 31 -6.63 -1.35 -3.69
N GLY A 32 -5.96 -1.52 -2.58
CA GLY A 32 -5.63 -2.89 -2.12
C GLY A 32 -4.45 -3.40 -2.95
N ASN A 33 -3.56 -2.53 -3.32
CA ASN A 33 -2.39 -2.94 -4.15
C ASN A 33 -1.24 -3.40 -3.24
N ILE A 34 -0.20 -3.94 -3.82
CA ILE A 34 0.96 -4.39 -2.99
C ILE A 34 2.16 -3.49 -3.25
N PHE A 35 2.53 -2.69 -2.30
CA PHE A 35 3.69 -1.78 -2.50
C PHE A 35 4.77 -2.06 -1.46
N CYS A 36 6.02 -1.85 -1.81
CA CYS A 36 7.10 -2.10 -0.82
C CYS A 36 7.18 -0.92 0.15
N ALA A 37 7.96 -1.04 1.19
CA ALA A 37 8.06 0.09 2.17
C ALA A 37 8.35 1.42 1.46
N GLU A 38 8.82 1.38 0.23
CA GLU A 38 9.13 2.65 -0.48
C GLU A 38 7.90 3.16 -1.26
N CYS A 39 7.24 2.29 -1.97
CA CYS A 39 6.04 2.74 -2.74
C CYS A 39 4.92 3.13 -1.79
N SER A 40 4.72 2.38 -0.74
CA SER A 40 3.64 2.72 0.24
C SER A 40 4.19 3.65 1.33
N ALA A 41 5.24 4.37 1.03
CA ALA A 41 5.83 5.28 2.05
C ALA A 41 5.02 6.59 2.14
N LYS A 42 3.72 6.50 2.16
CA LYS A 42 2.89 7.74 2.24
C LYS A 42 1.59 7.43 3.03
N ASN A 43 0.96 8.44 3.57
CA ASN A 43 -0.30 8.20 4.33
C ASN A 43 -1.24 9.40 4.17
N ALA A 44 -2.52 9.15 4.15
CA ALA A 44 -3.49 10.27 4.00
C ALA A 44 -4.74 10.00 4.83
N LEU A 45 -5.13 10.93 5.64
CA LEU A 45 -6.34 10.74 6.49
C LEU A 45 -7.61 10.96 5.66
N THR A 46 -8.68 10.33 6.03
CA THR A 46 -9.95 10.51 5.25
C THR A 46 -11.15 10.58 6.20
N PRO A 47 -12.19 11.20 5.71
CA PRO A 47 -13.45 11.35 6.49
C PRO A 47 -14.12 9.98 6.68
N SER A 48 -13.69 9.00 5.93
CA SER A 48 -14.30 7.65 6.05
C SER A 48 -13.67 6.86 7.20
N SER A 49 -12.42 7.10 7.48
CA SER A 49 -11.75 6.35 8.59
C SER A 49 -11.46 7.29 9.76
N LYS A 50 -11.63 8.57 9.57
CA LYS A 50 -11.37 9.53 10.68
C LYS A 50 -9.92 9.40 11.16
N LYS A 51 -9.08 8.79 10.38
CA LYS A 51 -7.66 8.63 10.78
C LYS A 51 -6.77 8.46 9.55
N PRO A 52 -5.49 8.62 9.75
CA PRO A 52 -4.53 8.50 8.63
C PRO A 52 -4.33 7.03 8.23
N VAL A 53 -4.85 6.64 7.09
CA VAL A 53 -4.68 5.23 6.64
C VAL A 53 -3.46 5.13 5.72
N ARG A 54 -3.02 3.93 5.43
CA ARG A 54 -1.84 3.76 4.55
C ARG A 54 -2.26 3.65 3.09
N VAL A 55 -1.61 4.36 2.22
CA VAL A 55 -1.96 4.31 0.77
C VAL A 55 -0.76 4.69 -0.08
N CYS A 56 -0.67 4.17 -1.27
CA CYS A 56 0.50 4.51 -2.14
C CYS A 56 0.43 5.96 -2.61
N ASP A 57 1.50 6.47 -3.17
CA ASP A 57 1.51 7.87 -3.64
C ASP A 57 0.24 8.18 -4.45
N ALA A 58 -0.01 7.43 -5.48
CA ALA A 58 -1.21 7.67 -6.32
C ALA A 58 -2.46 7.82 -5.44
N CYS A 59 -2.88 6.77 -4.79
CA CYS A 59 -4.08 6.87 -3.92
C CYS A 59 -3.94 8.03 -2.94
N PHE A 60 -2.82 8.13 -2.28
CA PHE A 60 -2.62 9.24 -1.29
C PHE A 60 -3.19 10.55 -1.86
N ASN A 61 -2.91 10.82 -3.12
CA ASN A 61 -3.42 12.08 -3.73
C ASN A 61 -4.94 11.99 -3.90
N ASP A 62 -5.44 10.82 -4.21
CA ASP A 62 -6.90 10.66 -4.40
C ASP A 62 -7.65 10.99 -3.10
N LEU A 63 -6.97 11.00 -1.99
CA LEU A 63 -7.63 11.30 -0.70
C LEU A 63 -7.52 12.80 -0.39
N GLN A 64 -6.35 13.36 -0.57
CA GLN A 64 -6.18 14.80 -0.29
C GLN A 64 -6.56 15.64 -1.53
N GLY A 65 -7.35 15.08 -2.40
CA GLY A 65 -7.76 15.83 -3.61
C GLY A 65 -9.16 16.39 -3.42
ZN ZN B . 7.41 -0.39 -4.81
ZN ZN C . -3.85 2.81 -4.49
C1 ITP D . 2.18 -5.83 7.30
O1 ITP D . 3.10 -6.75 8.08
C2 ITP D . 0.68 -5.96 7.48
O2 ITP D . 0.13 -7.20 6.95
C3 ITP D . 0.07 -4.75 6.81
O3 ITP D . -1.33 -4.87 6.84
C4 ITP D . 0.61 -4.46 5.30
O4 ITP D . 1.42 -3.31 5.36
C5 ITP D . 1.49 -5.56 4.80
O5 ITP D . 0.67 -6.77 4.66
C6 ITP D . 2.64 -5.86 5.80
O6 ITP D . 3.56 -4.84 5.65
P1 ITP D . 4.55 -7.37 7.56
OP1 ITP D . 4.32 -8.17 6.35
OP2 ITP D . 5.11 -8.23 8.64
OP3 ITP D . 5.19 -6.03 7.44
P3 ITP D . -2.20 -4.15 7.88
O10 ITP D . -1.74 -4.81 9.03
O11 ITP D . -1.82 -2.78 7.61
O12 ITP D . -3.54 -4.43 7.49
H1 ITP D . 2.46 -4.80 7.52
H2 ITP D . 0.47 -5.95 8.54
HO2 ITP D . -0.87 -7.27 7.18
H3 ITP D . 0.36 -3.84 7.34
H4 ITP D . -0.27 -4.27 4.68
HO4 ITP D . 1.13 -2.72 6.15
H5 ITP D . 1.88 -5.24 3.83
HO5 ITP D . 1.01 -7.33 3.86
H6 ITP D . 3.01 -6.85 5.52
HO6 ITP D . 3.09 -3.93 5.72
N ARG A 1 -4.33 -10.62 5.69
CA ARG A 1 -4.95 -11.96 5.94
C ARG A 1 -6.28 -12.06 5.20
N LYS A 2 -6.97 -10.97 5.02
CA LYS A 2 -8.28 -11.02 4.31
C LYS A 2 -8.40 -9.86 3.32
N TRP A 3 -7.30 -9.36 2.84
CA TRP A 3 -7.36 -8.22 1.87
C TRP A 3 -6.64 -8.59 0.57
N ALA A 4 -5.81 -7.72 0.05
CA ALA A 4 -5.09 -8.04 -1.22
C ALA A 4 -4.19 -9.26 -1.04
N GLU A 5 -4.77 -10.44 -0.98
CA GLU A 5 -3.96 -11.69 -0.81
C GLU A 5 -3.25 -11.69 0.54
N ASP A 6 -2.42 -10.71 0.78
CA ASP A 6 -1.68 -10.65 2.06
C ASP A 6 -0.95 -11.97 2.33
N ASN A 7 -0.53 -12.65 1.30
CA ASN A 7 0.18 -13.96 1.51
C ASN A 7 0.66 -14.55 0.19
N GLU A 8 -0.17 -14.54 -0.82
CA GLU A 8 0.26 -15.13 -2.13
C GLU A 8 1.10 -14.13 -2.93
N VAL A 9 1.14 -12.90 -2.51
CA VAL A 9 1.95 -11.88 -3.26
C VAL A 9 3.28 -11.64 -2.54
N GLN A 10 4.38 -11.92 -3.19
CA GLN A 10 5.71 -11.69 -2.53
C GLN A 10 6.55 -10.76 -3.40
N ASN A 11 5.94 -9.76 -3.98
CA ASN A 11 6.71 -8.83 -4.85
C ASN A 11 5.89 -7.56 -5.11
N CYS A 12 6.34 -6.43 -4.64
CA CYS A 12 5.59 -5.16 -4.87
C CYS A 12 5.04 -5.11 -6.31
N MET A 13 4.01 -4.36 -6.52
CA MET A 13 3.42 -4.26 -7.89
C MET A 13 4.12 -3.16 -8.68
N ALA A 14 4.47 -2.08 -8.03
CA ALA A 14 5.16 -0.97 -8.74
C ALA A 14 6.66 -1.22 -8.79
N CYS A 15 7.36 -0.94 -7.74
CA CYS A 15 8.84 -1.18 -7.73
C CYS A 15 9.12 -2.60 -8.22
N GLY A 16 8.22 -3.51 -7.93
CA GLY A 16 8.41 -4.92 -8.37
C GLY A 16 9.60 -5.54 -7.63
N LYS A 17 9.79 -5.19 -6.39
CA LYS A 17 10.93 -5.78 -5.63
C LYS A 17 10.49 -7.06 -4.91
N GLY A 18 11.19 -8.14 -5.11
CA GLY A 18 10.81 -9.42 -4.44
C GLY A 18 10.99 -9.27 -2.93
N PHE A 19 9.93 -9.00 -2.22
CA PHE A 19 10.04 -8.84 -0.74
C PHE A 19 10.96 -9.91 -0.14
N SER A 20 11.42 -9.70 1.05
CA SER A 20 12.32 -10.70 1.70
C SER A 20 12.47 -10.37 3.19
N VAL A 21 13.56 -10.76 3.79
CA VAL A 21 13.77 -10.46 5.24
C VAL A 21 14.28 -9.03 5.41
N THR A 22 14.93 -8.51 4.41
CA THR A 22 15.46 -7.11 4.50
C THR A 22 14.41 -6.12 3.98
N VAL A 23 13.75 -6.44 2.92
CA VAL A 23 12.71 -5.52 2.36
C VAL A 23 11.35 -5.80 3.00
N ARG A 24 10.51 -4.80 3.09
CA ARG A 24 9.17 -5.01 3.72
C ARG A 24 8.08 -5.00 2.64
N ARG A 25 7.00 -5.70 2.87
CA ARG A 25 5.90 -5.72 1.86
C ARG A 25 4.72 -4.87 2.36
N HIS A 26 4.01 -4.24 1.45
CA HIS A 26 2.86 -3.40 1.87
C HIS A 26 1.79 -3.42 0.77
N HIS A 27 0.60 -2.97 1.07
CA HIS A 27 -0.46 -2.96 0.02
C HIS A 27 -1.42 -1.79 0.24
N CYS A 28 -1.73 -1.05 -0.79
CA CYS A 28 -2.65 0.11 -0.65
C CYS A 28 -4.07 -0.37 -0.36
N ARG A 29 -4.67 0.12 0.70
CA ARG A 29 -6.06 -0.31 1.02
C ARG A 29 -7.05 0.46 0.15
N GLN A 30 -6.54 1.27 -0.75
CA GLN A 30 -7.45 2.06 -1.63
C GLN A 30 -7.82 1.22 -2.85
N CYS A 31 -6.88 0.93 -3.71
CA CYS A 31 -7.17 0.10 -4.90
C CYS A 31 -7.06 -1.38 -4.53
N GLY A 32 -6.19 -1.72 -3.64
CA GLY A 32 -6.03 -3.14 -3.25
C GLY A 32 -4.88 -3.76 -4.04
N ASN A 33 -3.68 -3.34 -3.77
CA ASN A 33 -2.52 -3.90 -4.51
C ASN A 33 -1.37 -4.18 -3.53
N ILE A 34 -0.28 -4.70 -4.01
CA ILE A 34 0.86 -4.99 -3.10
C ILE A 34 2.04 -4.08 -3.41
N PHE A 35 2.22 -3.05 -2.62
CA PHE A 35 3.36 -2.12 -2.84
C PHE A 35 4.41 -2.31 -1.75
N CYS A 36 5.63 -1.99 -2.03
CA CYS A 36 6.68 -2.14 -0.98
C CYS A 36 6.58 -0.95 -0.02
N ALA A 37 7.08 -1.09 1.17
CA ALA A 37 7.01 0.04 2.14
C ALA A 37 7.38 1.36 1.45
N GLU A 38 8.12 1.29 0.38
CA GLU A 38 8.52 2.52 -0.34
C GLU A 38 7.37 3.06 -1.20
N CYS A 39 6.61 2.18 -1.81
CA CYS A 39 5.47 2.66 -2.66
C CYS A 39 4.28 3.06 -1.79
N SER A 40 4.01 2.30 -0.76
CA SER A 40 2.86 2.64 0.13
C SER A 40 3.35 3.55 1.27
N ALA A 41 4.47 4.18 1.10
CA ALA A 41 5.00 5.07 2.19
C ALA A 41 4.11 6.30 2.37
N LYS A 42 3.50 6.75 1.31
CA LYS A 42 2.61 7.95 1.41
C LYS A 42 1.27 7.58 2.06
N ASN A 43 0.93 8.21 3.15
CA ASN A 43 -0.37 7.91 3.82
C ASN A 43 -1.21 9.18 3.90
N ALA A 44 -2.50 9.06 4.03
CA ALA A 44 -3.36 10.27 4.09
C ALA A 44 -4.51 10.08 5.08
N LEU A 45 -4.78 11.07 5.89
CA LEU A 45 -5.89 10.94 6.88
C LEU A 45 -7.24 11.18 6.19
N THR A 46 -8.26 10.50 6.60
CA THR A 46 -9.59 10.70 5.97
C THR A 46 -10.65 11.04 7.03
N PRO A 47 -11.57 11.87 6.63
CA PRO A 47 -12.66 12.28 7.55
C PRO A 47 -13.65 11.13 7.73
N SER A 48 -13.54 10.12 6.90
CA SER A 48 -14.46 8.96 7.01
C SER A 48 -14.07 8.09 8.21
N SER A 49 -12.94 7.44 8.14
CA SER A 49 -12.51 6.57 9.28
C SER A 49 -12.01 7.44 10.45
N LYS A 50 -10.74 7.40 10.74
CA LYS A 50 -10.21 8.22 11.87
C LYS A 50 -8.70 8.05 11.98
N LYS A 51 -8.04 7.81 10.88
CA LYS A 51 -6.56 7.63 10.92
C LYS A 51 -5.98 7.82 9.52
N PRO A 52 -4.68 7.73 9.44
CA PRO A 52 -3.98 7.89 8.15
C PRO A 52 -4.20 6.66 7.27
N VAL A 53 -5.08 6.74 6.31
CA VAL A 53 -5.33 5.55 5.43
C VAL A 53 -4.11 5.30 4.56
N ARG A 54 -3.49 4.17 4.71
CA ARG A 54 -2.27 3.89 3.90
C ARG A 54 -2.63 3.63 2.43
N VAL A 55 -1.91 4.25 1.54
CA VAL A 55 -2.17 4.07 0.09
C VAL A 55 -0.91 4.45 -0.70
N CYS A 56 -0.85 4.12 -1.96
CA CYS A 56 0.35 4.48 -2.77
C CYS A 56 0.29 5.95 -3.18
N ASP A 57 1.42 6.52 -3.54
CA ASP A 57 1.44 7.96 -3.95
C ASP A 57 0.17 8.31 -4.75
N ALA A 58 0.02 7.71 -5.91
CA ALA A 58 -1.18 8.01 -6.74
C ALA A 58 -2.44 8.06 -5.86
N CYS A 59 -2.63 7.09 -5.00
CA CYS A 59 -3.83 7.10 -4.11
C CYS A 59 -3.69 8.18 -3.04
N PHE A 60 -2.54 8.28 -2.42
CA PHE A 60 -2.37 9.33 -1.37
C PHE A 60 -2.82 10.68 -1.93
N ASN A 61 -2.46 10.97 -3.15
CA ASN A 61 -2.86 12.27 -3.76
C ASN A 61 -4.39 12.31 -3.92
N ASP A 62 -4.99 11.19 -4.25
CA ASP A 62 -6.47 11.17 -4.42
C ASP A 62 -7.13 11.39 -3.06
N LEU A 63 -6.53 10.91 -2.00
CA LEU A 63 -7.11 11.10 -0.65
C LEU A 63 -7.03 12.58 -0.26
N GLN A 64 -5.93 13.22 -0.55
CA GLN A 64 -5.79 14.66 -0.20
C GLN A 64 -6.89 15.47 -0.88
N GLY A 65 -7.56 14.88 -1.85
CA GLY A 65 -8.64 15.63 -2.55
C GLY A 65 -9.73 16.00 -1.55
ZN ZN B . 7.25 -0.45 -5.07
ZN ZN C . -3.49 2.09 -4.91
C1 ITP D . 2.26 -5.34 7.30
O1 ITP D . 3.13 -6.28 8.10
C2 ITP D . 0.75 -5.45 7.40
O2 ITP D . 0.22 -6.69 6.86
C3 ITP D . 0.19 -4.23 6.69
O3 ITP D . -1.20 -4.32 6.68
C4 ITP D . 0.77 -4.02 5.19
O4 ITP D . 1.55 -2.83 5.21
C5 ITP D . 1.70 -5.10 4.76
O5 ITP D . 0.91 -6.33 4.61
C6 ITP D . 2.80 -5.35 5.82
O6 ITP D . 3.69 -4.29 5.73
P1 ITP D . 4.74 -6.58 7.86
OP1 ITP D . 4.97 -6.95 6.47
OP2 ITP D . 5.16 -7.67 8.77
OP3 ITP D . 5.16 -5.22 8.33
P3 ITP D . -2.09 -3.26 7.36
O10 ITP D . -1.71 -3.46 8.70
O11 ITP D . -1.67 -2.09 6.62
O12 ITP D . -3.44 -3.65 7.03
H1 ITP D . 2.54 -4.32 7.54
H2 ITP D . 0.49 -5.42 8.46
HO2 ITP D . 0.52 -7.48 7.45
H3 ITP D . 0.51 -3.32 7.19
H4 ITP D . -0.08 -3.88 4.53
HO4 ITP D . 1.89 -2.62 4.25
H5 ITP D . 2.13 -4.80 3.80
HO5 ITP D . 0.82 -6.56 3.61
H6 ITP D . 3.23 -6.32 5.58
HO6 ITP D . 3.95 -3.97 6.67
N ARG A 1 -7.96 -13.65 4.79
CA ARG A 1 -8.25 -13.81 3.34
C ARG A 1 -8.96 -12.57 2.79
N LYS A 2 -8.31 -11.45 2.79
CA LYS A 2 -8.96 -10.20 2.29
C LYS A 2 -8.21 -9.68 1.06
N TRP A 3 -7.05 -9.11 1.27
CA TRP A 3 -6.26 -8.58 0.11
C TRP A 3 -5.09 -9.52 -0.21
N ALA A 4 -4.11 -9.04 -0.92
CA ALA A 4 -2.95 -9.90 -1.26
C ALA A 4 -2.53 -10.72 -0.04
N GLU A 5 -2.20 -10.05 1.04
CA GLU A 5 -1.79 -10.79 2.27
C GLU A 5 -0.70 -11.81 1.94
N ASP A 6 0.31 -11.41 1.22
CA ASP A 6 1.39 -12.36 0.87
C ASP A 6 0.80 -13.71 0.43
N ASN A 7 -0.39 -13.69 -0.12
CA ASN A 7 -1.02 -14.96 -0.56
C ASN A 7 -0.65 -15.28 -2.01
N GLU A 8 -0.31 -14.29 -2.79
CA GLU A 8 0.04 -14.57 -4.20
C GLU A 8 0.71 -13.37 -4.87
N VAL A 9 1.32 -12.49 -4.10
CA VAL A 9 1.99 -11.32 -4.73
C VAL A 9 3.51 -11.42 -4.56
N GLN A 10 3.97 -11.70 -3.37
CA GLN A 10 5.44 -11.83 -3.12
C GLN A 10 6.23 -10.84 -3.99
N ASN A 11 5.66 -9.72 -4.33
CA ASN A 11 6.39 -8.74 -5.18
C ASN A 11 5.62 -7.42 -5.27
N CYS A 12 6.16 -6.36 -4.74
CA CYS A 12 5.44 -5.05 -4.82
C CYS A 12 4.87 -4.87 -6.22
N MET A 13 3.71 -4.27 -6.33
CA MET A 13 3.10 -4.09 -7.68
C MET A 13 3.80 -2.96 -8.43
N ALA A 14 4.23 -1.95 -7.74
CA ALA A 14 4.92 -0.82 -8.44
C ALA A 14 6.41 -1.15 -8.65
N CYS A 15 7.20 -0.98 -7.63
CA CYS A 15 8.66 -1.28 -7.77
C CYS A 15 8.85 -2.69 -8.33
N GLY A 16 7.96 -3.59 -8.02
CA GLY A 16 8.09 -4.98 -8.54
C GLY A 16 9.30 -5.65 -7.87
N LYS A 17 9.56 -5.34 -6.63
CA LYS A 17 10.72 -5.96 -5.93
C LYS A 17 10.29 -7.25 -5.22
N GLY A 18 11.10 -8.28 -5.31
CA GLY A 18 10.74 -9.56 -4.65
C GLY A 18 10.93 -9.42 -3.13
N PHE A 19 9.86 -9.21 -2.42
CA PHE A 19 9.96 -9.06 -0.94
C PHE A 19 10.97 -10.05 -0.36
N SER A 20 11.98 -9.56 0.32
CA SER A 20 12.99 -10.48 0.90
C SER A 20 13.37 -10.00 2.31
N VAL A 21 14.57 -10.28 2.75
CA VAL A 21 14.98 -9.83 4.10
C VAL A 21 15.41 -8.36 4.08
N THR A 22 15.55 -7.80 2.92
CA THR A 22 15.96 -6.36 2.83
C THR A 22 14.73 -5.46 2.88
N VAL A 23 13.61 -5.94 2.44
CA VAL A 23 12.38 -5.10 2.47
C VAL A 23 11.16 -5.93 2.91
N ARG A 24 10.12 -5.29 3.35
CA ARG A 24 8.91 -6.04 3.80
C ARG A 24 7.81 -5.91 2.74
N ARG A 25 6.63 -6.38 3.04
CA ARG A 25 5.54 -6.27 2.04
C ARG A 25 4.44 -5.33 2.57
N HIS A 26 3.87 -4.54 1.71
CA HIS A 26 2.80 -3.61 2.13
C HIS A 26 1.74 -3.51 1.04
N HIS A 27 0.54 -3.17 1.37
CA HIS A 27 -0.51 -3.08 0.31
C HIS A 27 -1.34 -1.81 0.46
N CYS A 28 -1.69 -1.19 -0.63
CA CYS A 28 -2.50 0.05 -0.56
C CYS A 28 -3.93 -0.28 -0.10
N ARG A 29 -4.28 0.16 1.07
CA ARG A 29 -5.66 -0.13 1.60
C ARG A 29 -6.73 0.41 0.66
N GLN A 30 -6.41 1.38 -0.17
CA GLN A 30 -7.44 1.93 -1.09
C GLN A 30 -7.67 0.96 -2.26
N CYS A 31 -6.99 1.17 -3.36
CA CYS A 31 -7.18 0.26 -4.53
C CYS A 31 -6.98 -1.19 -4.10
N GLY A 32 -6.09 -1.44 -3.17
CA GLY A 32 -5.84 -2.83 -2.72
C GLY A 32 -4.68 -3.43 -3.51
N ASN A 33 -3.58 -2.74 -3.58
CA ASN A 33 -2.41 -3.27 -4.35
C ASN A 33 -1.21 -3.43 -3.43
N ILE A 34 -0.28 -4.28 -3.79
CA ILE A 34 0.94 -4.49 -2.94
C ILE A 34 2.01 -3.46 -3.29
N PHE A 35 2.70 -2.96 -2.30
CA PHE A 35 3.78 -1.96 -2.55
C PHE A 35 4.89 -2.16 -1.52
N CYS A 36 6.12 -1.93 -1.90
CA CYS A 36 7.23 -2.12 -0.92
C CYS A 36 7.24 -0.99 0.11
N ALA A 37 7.87 -1.19 1.24
CA ALA A 37 7.91 -0.12 2.27
C ALA A 37 8.25 1.23 1.64
N GLU A 38 8.87 1.23 0.48
CA GLU A 38 9.24 2.52 -0.17
C GLU A 38 8.09 3.01 -1.04
N CYS A 39 7.26 2.12 -1.52
CA CYS A 39 6.11 2.55 -2.39
C CYS A 39 4.88 2.83 -1.52
N SER A 40 4.67 2.03 -0.51
CA SER A 40 3.49 2.23 0.37
C SER A 40 3.85 3.20 1.51
N ALA A 41 4.91 3.94 1.35
CA ALA A 41 5.32 4.89 2.42
C ALA A 41 4.40 6.12 2.44
N LYS A 42 3.38 6.13 1.62
CA LYS A 42 2.46 7.30 1.61
C LYS A 42 1.18 6.96 2.39
N ASN A 43 0.87 7.75 3.39
CA ASN A 43 -0.36 7.50 4.19
C ASN A 43 -1.28 8.73 4.12
N ALA A 44 -2.56 8.53 4.02
CA ALA A 44 -3.48 9.70 3.93
C ALA A 44 -4.51 9.68 5.05
N LEU A 45 -5.06 10.82 5.37
CA LEU A 45 -6.07 10.90 6.45
C LEU A 45 -7.46 11.06 5.84
N THR A 46 -8.36 10.16 6.11
CA THR A 46 -9.73 10.28 5.54
C THR A 46 -10.69 10.88 6.56
N PRO A 47 -11.34 11.94 6.16
CA PRO A 47 -12.32 12.61 7.04
C PRO A 47 -13.56 11.73 7.22
N SER A 48 -13.61 10.62 6.53
CA SER A 48 -14.78 9.71 6.64
C SER A 48 -14.69 8.86 7.90
N SER A 49 -13.56 8.28 8.17
CA SER A 49 -13.42 7.43 9.40
C SER A 49 -12.35 8.00 10.33
N LYS A 50 -12.23 9.31 10.37
CA LYS A 50 -11.21 9.98 11.26
C LYS A 50 -9.99 9.08 11.46
N LYS A 51 -9.59 8.37 10.44
CA LYS A 51 -8.39 7.48 10.57
C LYS A 51 -7.58 7.48 9.26
N PRO A 52 -6.30 7.64 9.41
CA PRO A 52 -5.39 7.67 8.23
C PRO A 52 -5.18 6.27 7.68
N VAL A 53 -4.79 6.16 6.44
CA VAL A 53 -4.56 4.82 5.84
C VAL A 53 -3.19 4.77 5.14
N ARG A 54 -2.67 3.59 4.91
CA ARG A 54 -1.35 3.49 4.23
C ARG A 54 -1.55 3.12 2.76
N VAL A 55 -1.94 4.07 1.97
CA VAL A 55 -2.19 3.81 0.53
C VAL A 55 -1.01 4.32 -0.32
N CYS A 56 -0.71 3.65 -1.40
CA CYS A 56 0.41 4.09 -2.28
C CYS A 56 0.31 5.60 -2.55
N ASP A 57 1.41 6.22 -2.87
CA ASP A 57 1.38 7.68 -3.15
C ASP A 57 0.23 8.03 -4.09
N ALA A 58 -0.01 7.22 -5.08
CA ALA A 58 -1.12 7.50 -6.03
C ALA A 58 -2.41 7.79 -5.24
N CYS A 59 -2.90 6.82 -4.52
CA CYS A 59 -4.14 7.04 -3.72
C CYS A 59 -3.94 8.19 -2.73
N PHE A 60 -2.76 8.26 -2.14
CA PHE A 60 -2.50 9.36 -1.16
C PHE A 60 -2.95 10.70 -1.75
N ASN A 61 -2.77 10.89 -3.03
CA ASN A 61 -3.20 12.16 -3.66
C ASN A 61 -4.73 12.23 -3.72
N ASP A 62 -5.36 11.15 -4.13
CA ASP A 62 -6.85 11.14 -4.20
C ASP A 62 -7.44 11.67 -2.89
N LEU A 63 -7.17 10.99 -1.80
CA LEU A 63 -7.71 11.46 -0.49
C LEU A 63 -7.53 12.97 -0.35
N GLN A 64 -6.32 13.45 -0.57
CA GLN A 64 -6.07 14.91 -0.47
C GLN A 64 -6.78 15.66 -1.58
N GLY A 65 -6.95 15.06 -2.71
CA GLY A 65 -7.63 15.74 -3.84
C GLY A 65 -6.66 15.91 -5.01
ZN ZN B . 7.47 -0.53 -4.60
ZN ZN C . -4.00 2.50 -4.85
C1 ITP D . 2.09 -5.66 7.59
O1 ITP D . 3.00 -6.63 8.29
C2 ITP D . 0.59 -5.94 7.55
O2 ITP D . 0.24 -7.18 6.88
C3 ITP D . -0.03 -4.73 6.88
O3 ITP D . -1.43 -4.86 6.94
C4 ITP D . 0.49 -4.50 5.37
O4 ITP D . 0.92 -3.14 5.28
C5 ITP D . 1.70 -5.32 5.03
O5 ITP D . 1.24 -6.70 4.78
C6 ITP D . 2.73 -5.35 6.18
O6 ITP D . 3.25 -4.06 6.27
P1 ITP D . 3.44 -8.12 7.74
OP1 ITP D . 3.15 -8.22 6.30
OP2 ITP D . 2.67 -9.16 8.49
OP3 ITP D . 4.86 -7.98 8.18
P3 ITP D . -2.24 -4.33 8.14
O10 ITP D . -1.74 -5.19 9.12
O11 ITP D . -1.86 -2.94 8.10
O12 ITP D . -3.61 -4.53 7.76
H1 ITP D . 2.23 -4.67 8.03
H2 ITP D . 0.24 -6.02 8.58
HO2 ITP D . 1.09 -7.77 6.80
H3 ITP D . 0.28 -3.82 7.38
H4 ITP D . -0.35 -4.65 4.71
HO4 ITP D . 0.31 -2.56 5.87
H5 ITP D . 2.13 -4.89 4.13
HO5 ITP D . 0.35 -6.68 4.26
H6 ITP D . 3.46 -6.11 5.92
HO6 ITP D . 3.75 -3.95 7.15
N ARG A 1 -5.53 -9.56 3.98
CA ARG A 1 -6.70 -10.47 3.85
C ARG A 1 -7.98 -9.66 3.64
N LYS A 2 -8.02 -8.46 4.15
CA LYS A 2 -9.24 -7.61 3.97
C LYS A 2 -9.25 -7.01 2.56
N TRP A 3 -8.10 -6.72 2.03
CA TRP A 3 -8.02 -6.15 0.65
C TRP A 3 -6.93 -6.87 -0.14
N ALA A 4 -5.70 -6.47 0.01
CA ALA A 4 -4.61 -7.15 -0.71
C ALA A 4 -4.40 -8.54 -0.12
N GLU A 5 -4.98 -9.54 -0.75
CA GLU A 5 -4.87 -10.97 -0.27
C GLU A 5 -3.87 -11.13 0.88
N ASP A 6 -2.63 -10.82 0.63
CA ASP A 6 -1.61 -10.96 1.70
C ASP A 6 -1.40 -12.43 2.05
N ASN A 7 -1.98 -13.31 1.29
CA ASN A 7 -1.82 -14.77 1.58
C ASN A 7 -0.90 -15.43 0.55
N GLU A 8 -0.86 -14.90 -0.65
CA GLU A 8 0.02 -15.51 -1.70
C GLU A 8 0.86 -14.44 -2.39
N VAL A 9 0.59 -13.19 -2.14
CA VAL A 9 1.40 -12.11 -2.80
C VAL A 9 2.76 -11.99 -2.12
N GLN A 10 3.78 -11.67 -2.88
CA GLN A 10 5.13 -11.52 -2.28
C GLN A 10 6.01 -10.65 -3.19
N ASN A 11 5.43 -9.66 -3.80
CA ASN A 11 6.22 -8.77 -4.70
C ASN A 11 5.46 -7.47 -4.94
N CYS A 12 6.02 -6.34 -4.55
CA CYS A 12 5.32 -5.04 -4.77
C CYS A 12 4.76 -4.97 -6.19
N MET A 13 3.54 -4.52 -6.34
CA MET A 13 2.96 -4.41 -7.71
C MET A 13 3.62 -3.28 -8.48
N ALA A 14 4.05 -2.25 -7.78
CA ALA A 14 4.71 -1.11 -8.46
C ALA A 14 6.20 -1.40 -8.66
N CYS A 15 7.02 -1.08 -7.69
CA CYS A 15 8.48 -1.34 -7.83
C CYS A 15 8.69 -2.75 -8.40
N GLY A 16 7.80 -3.65 -8.12
CA GLY A 16 7.94 -5.04 -8.64
C GLY A 16 9.13 -5.71 -7.98
N LYS A 17 9.40 -5.38 -6.74
CA LYS A 17 10.56 -6.01 -6.04
C LYS A 17 10.12 -7.28 -5.30
N GLY A 18 10.79 -8.37 -5.52
CA GLY A 18 10.42 -9.62 -4.82
C GLY A 18 10.72 -9.45 -3.32
N PHE A 19 9.72 -9.12 -2.55
CA PHE A 19 9.93 -8.92 -1.09
C PHE A 19 10.90 -9.96 -0.52
N SER A 20 11.56 -9.62 0.56
CA SER A 20 12.53 -10.58 1.17
C SER A 20 12.58 -10.36 2.69
N VAL A 21 13.73 -10.50 3.28
CA VAL A 21 13.83 -10.29 4.76
C VAL A 21 14.05 -8.81 5.06
N THR A 22 14.91 -8.17 4.32
CA THR A 22 15.19 -6.73 4.55
C THR A 22 14.26 -5.85 3.71
N VAL A 23 13.21 -6.42 3.17
CA VAL A 23 12.27 -5.62 2.34
C VAL A 23 10.84 -6.13 2.52
N ARG A 24 10.17 -5.70 3.56
CA ARG A 24 8.78 -6.16 3.79
C ARG A 24 7.84 -5.57 2.73
N ARG A 25 6.61 -6.01 2.69
CA ARG A 25 5.67 -5.47 1.66
C ARG A 25 4.72 -4.45 2.28
N HIS A 26 3.99 -3.75 1.46
CA HIS A 26 3.03 -2.74 1.97
C HIS A 26 1.89 -2.53 0.96
N HIS A 27 0.69 -2.90 1.31
CA HIS A 27 -0.44 -2.74 0.34
C HIS A 27 -1.21 -1.44 0.61
N CYS A 28 -1.74 -0.84 -0.43
CA CYS A 28 -2.52 0.42 -0.26
C CYS A 28 -3.87 0.10 0.37
N ARG A 29 -4.21 0.77 1.44
CA ARG A 29 -5.52 0.51 2.11
C ARG A 29 -6.66 1.20 1.37
N GLN A 30 -6.35 1.98 0.37
CA GLN A 30 -7.42 2.68 -0.39
C GLN A 30 -7.90 1.81 -1.55
N CYS A 31 -7.10 1.68 -2.58
CA CYS A 31 -7.51 0.85 -3.74
C CYS A 31 -7.33 -0.64 -3.42
N GLY A 32 -6.30 -0.98 -2.69
CA GLY A 32 -6.07 -2.41 -2.34
C GLY A 32 -5.01 -3.00 -3.26
N ASN A 33 -3.80 -2.54 -3.17
CA ASN A 33 -2.72 -3.10 -4.05
C ASN A 33 -1.50 -3.47 -3.20
N ILE A 34 -0.47 -4.01 -3.80
CA ILE A 34 0.73 -4.38 -2.99
C ILE A 34 1.89 -3.46 -3.36
N PHE A 35 2.46 -2.79 -2.40
CA PHE A 35 3.59 -1.87 -2.69
C PHE A 35 4.71 -2.06 -1.68
N CYS A 36 5.93 -1.78 -2.06
CA CYS A 36 7.06 -1.95 -1.09
C CYS A 36 7.17 -0.71 -0.20
N ALA A 37 8.17 -0.66 0.65
CA ALA A 37 8.33 0.53 1.54
C ALA A 37 8.52 1.80 0.71
N GLU A 38 9.00 1.68 -0.49
CA GLU A 38 9.21 2.88 -1.33
C GLU A 38 7.90 3.35 -1.97
N CYS A 39 7.09 2.42 -2.41
CA CYS A 39 5.80 2.81 -3.05
C CYS A 39 4.76 3.17 -1.97
N SER A 40 4.69 2.38 -0.93
CA SER A 40 3.70 2.68 0.15
C SER A 40 4.28 3.72 1.12
N ALA A 41 5.44 4.24 0.83
CA ALA A 41 6.05 5.25 1.73
C ALA A 41 5.03 6.34 2.10
N LYS A 42 4.08 6.57 1.25
CA LYS A 42 3.06 7.63 1.55
C LYS A 42 1.85 7.01 2.28
N ASN A 43 1.03 7.84 2.84
CA ASN A 43 -0.17 7.33 3.56
C ASN A 43 -1.10 8.49 3.90
N ALA A 44 -2.34 8.22 4.20
CA ALA A 44 -3.27 9.35 4.53
C ALA A 44 -4.47 8.85 5.34
N LEU A 45 -5.29 9.75 5.79
CA LEU A 45 -6.48 9.35 6.59
C LEU A 45 -7.74 9.61 5.78
N THR A 46 -8.71 8.75 5.88
CA THR A 46 -9.96 8.95 5.08
C THR A 46 -11.04 9.61 5.95
N PRO A 47 -11.77 10.50 5.34
CA PRO A 47 -12.86 11.22 6.06
C PRO A 47 -13.99 10.23 6.34
N SER A 48 -13.95 9.09 5.72
CA SER A 48 -15.02 8.07 5.95
C SER A 48 -15.00 7.64 7.43
N SER A 49 -13.83 7.58 8.01
CA SER A 49 -13.72 7.19 9.44
C SER A 49 -12.81 8.19 10.17
N LYS A 50 -11.88 7.72 10.96
CA LYS A 50 -10.98 8.66 11.68
C LYS A 50 -9.63 8.00 11.94
N LYS A 51 -8.91 7.67 10.91
CA LYS A 51 -7.58 7.01 11.10
C LYS A 51 -6.74 7.13 9.82
N PRO A 52 -5.45 7.19 10.01
CA PRO A 52 -4.52 7.28 8.86
C PRO A 52 -4.27 5.90 8.27
N VAL A 53 -4.70 5.67 7.05
CA VAL A 53 -4.48 4.34 6.43
C VAL A 53 -3.22 4.36 5.56
N ARG A 54 -2.65 3.23 5.29
CA ARG A 54 -1.41 3.19 4.46
C ARG A 54 -1.76 3.11 2.98
N VAL A 55 -1.32 4.06 2.20
CA VAL A 55 -1.63 4.03 0.74
C VAL A 55 -0.41 4.47 -0.07
N CYS A 56 -0.41 4.19 -1.35
CA CYS A 56 0.75 4.59 -2.19
C CYS A 56 0.70 6.08 -2.50
N ASP A 57 1.82 6.66 -2.85
CA ASP A 57 1.86 8.12 -3.16
C ASP A 57 0.67 8.53 -4.02
N ALA A 58 0.34 7.75 -5.01
CA ALA A 58 -0.80 8.10 -5.90
C ALA A 58 -2.08 8.26 -5.07
N CYS A 59 -2.44 7.27 -4.31
CA CYS A 59 -3.67 7.37 -3.47
C CYS A 59 -3.55 8.56 -2.53
N PHE A 60 -2.36 8.83 -2.06
CA PHE A 60 -2.17 9.99 -1.15
C PHE A 60 -2.69 11.27 -1.80
N ASN A 61 -2.38 11.47 -3.05
CA ASN A 61 -2.87 12.69 -3.75
C ASN A 61 -4.35 12.52 -4.13
N ASP A 62 -4.75 11.32 -4.43
CA ASP A 62 -6.17 11.09 -4.81
C ASP A 62 -7.09 11.49 -3.65
N LEU A 63 -6.65 11.27 -2.43
CA LEU A 63 -7.49 11.66 -1.26
C LEU A 63 -7.53 13.18 -1.12
N GLN A 64 -6.40 13.82 -1.23
CA GLN A 64 -6.37 15.30 -1.11
C GLN A 64 -7.03 15.95 -2.34
N GLY A 65 -7.36 15.16 -3.32
CA GLY A 65 -8.00 15.72 -4.54
C GLY A 65 -6.96 16.48 -5.37
ZN ZN B . 6.73 -0.39 -4.36
ZN ZN C . -3.29 2.96 -4.18
C1 ITP D . 2.60 -5.56 7.06
O1 ITP D . 3.33 -6.80 7.49
C2 ITP D . 1.10 -5.48 7.23
O2 ITP D . 0.37 -6.55 6.55
C3 ITP D . 0.70 -4.12 6.72
O3 ITP D . -0.64 -3.87 7.07
C4 ITP D . 0.96 -3.94 5.15
O4 ITP D . 1.54 -2.65 4.96
C5 ITP D . 1.97 -4.91 4.61
O5 ITP D . 1.26 -6.18 4.35
C6 ITP D . 3.11 -5.20 5.60
O6 ITP D . 3.83 -4.03 5.72
P1 ITP D . 4.94 -7.11 7.31
OP1 ITP D . 5.17 -7.78 6.03
OP2 ITP D . 5.39 -7.98 8.43
OP3 ITP D . 5.34 -5.67 7.46
P3 ITP D . -1.23 -2.45 7.11
O10 ITP D . -2.59 -2.78 7.03
O11 ITP D . -0.65 -1.98 8.35
O12 ITP D . -0.67 -1.80 5.96
H1 ITP D . 3.05 -4.70 7.57
H2 ITP D . 0.87 -5.57 8.30
HO2 ITP D . 1.04 -7.24 6.19
H3 ITP D . 1.34 -3.36 7.16
H4 ITP D . -0.01 -3.97 4.66
HO4 ITP D . 0.93 -2.09 4.37
H5 ITP D . 2.35 -4.49 3.68
HO5 ITP D . 1.57 -6.89 5.02
H6 ITP D . 3.68 -6.04 5.18
HO6 ITP D . 3.56 -3.55 6.59
N ARG A 1 -7.65 -10.80 3.16
CA ARG A 1 -8.78 -11.36 2.36
C ARG A 1 -9.56 -10.21 1.68
N LYS A 2 -9.39 -9.01 2.17
CA LYS A 2 -10.12 -7.86 1.56
C LYS A 2 -9.56 -7.55 0.18
N TRP A 3 -8.26 -7.56 0.04
CA TRP A 3 -7.66 -7.25 -1.29
C TRP A 3 -6.63 -8.32 -1.68
N ALA A 4 -5.36 -8.05 -1.46
CA ALA A 4 -4.32 -9.05 -1.80
C ALA A 4 -4.40 -10.26 -0.86
N GLU A 5 -4.60 -10.01 0.40
CA GLU A 5 -4.70 -11.13 1.39
C GLU A 5 -3.41 -11.94 1.38
N ASP A 6 -2.34 -11.38 0.88
CA ASP A 6 -1.06 -12.12 0.86
C ASP A 6 -1.30 -13.57 0.43
N ASN A 7 -2.32 -13.80 -0.33
CA ASN A 7 -2.62 -15.19 -0.78
C ASN A 7 -1.48 -15.70 -1.68
N GLU A 8 -0.83 -14.82 -2.38
CA GLU A 8 0.27 -15.26 -3.27
C GLU A 8 0.93 -14.04 -3.94
N VAL A 9 1.01 -12.94 -3.24
CA VAL A 9 1.64 -11.73 -3.84
C VAL A 9 2.90 -11.33 -3.06
N GLN A 10 3.87 -12.20 -3.00
CA GLN A 10 5.13 -11.87 -2.25
C GLN A 10 6.04 -11.01 -3.15
N ASN A 11 5.52 -9.95 -3.69
CA ASN A 11 6.35 -9.08 -4.57
C ASN A 11 5.59 -7.79 -4.87
N CYS A 12 6.14 -6.65 -4.51
CA CYS A 12 5.42 -5.36 -4.77
C CYS A 12 4.93 -5.31 -6.22
N MET A 13 3.93 -4.52 -6.48
CA MET A 13 3.40 -4.41 -7.87
C MET A 13 4.12 -3.25 -8.58
N ALA A 14 4.38 -2.19 -7.87
CA ALA A 14 5.08 -1.03 -8.49
C ALA A 14 6.54 -1.37 -8.78
N CYS A 15 7.45 -1.03 -7.90
CA CYS A 15 8.88 -1.36 -8.14
C CYS A 15 8.99 -2.83 -8.55
N GLY A 16 8.02 -3.62 -8.16
CA GLY A 16 8.05 -5.07 -8.54
C GLY A 16 9.24 -5.77 -7.88
N LYS A 17 9.56 -5.41 -6.67
CA LYS A 17 10.71 -6.07 -5.98
C LYS A 17 10.25 -7.28 -5.17
N GLY A 18 10.93 -8.39 -5.31
CA GLY A 18 10.54 -9.60 -4.52
C GLY A 18 10.77 -9.32 -3.03
N PHE A 19 9.73 -9.01 -2.31
CA PHE A 19 9.87 -8.72 -0.85
C PHE A 19 10.94 -9.62 -0.22
N SER A 20 11.94 -9.02 0.36
CA SER A 20 13.03 -9.84 0.99
C SER A 20 13.15 -9.54 2.49
N VAL A 21 14.34 -9.55 3.00
CA VAL A 21 14.53 -9.26 4.46
C VAL A 21 14.65 -7.76 4.71
N THR A 22 15.22 -7.05 3.77
CA THR A 22 15.39 -5.57 3.95
C THR A 22 14.09 -4.83 3.59
N VAL A 23 13.27 -5.42 2.76
CA VAL A 23 12.00 -4.74 2.38
C VAL A 23 10.80 -5.60 2.78
N ARG A 24 9.85 -5.02 3.47
CA ARG A 24 8.65 -5.80 3.88
C ARG A 24 7.58 -5.73 2.79
N ARG A 25 6.45 -6.34 3.02
CA ARG A 25 5.37 -6.33 2.00
C ARG A 25 4.25 -5.38 2.43
N HIS A 26 3.90 -4.43 1.60
CA HIS A 26 2.81 -3.47 1.95
C HIS A 26 1.87 -3.32 0.75
N HIS A 27 0.68 -2.81 0.96
CA HIS A 27 -0.27 -2.67 -0.18
C HIS A 27 -1.20 -1.47 0.01
N CYS A 28 -1.79 -1.00 -1.07
CA CYS A 28 -2.72 0.15 -0.97
C CYS A 28 -4.12 -0.33 -0.58
N ARG A 29 -4.61 0.07 0.56
CA ARG A 29 -5.96 -0.38 1.00
C ARG A 29 -7.05 0.25 0.12
N GLN A 30 -6.70 1.21 -0.67
CA GLN A 30 -7.73 1.86 -1.54
C GLN A 30 -7.92 1.06 -2.83
N CYS A 31 -7.09 1.30 -3.82
CA CYS A 31 -7.23 0.55 -5.11
C CYS A 31 -7.04 -0.95 -4.88
N GLY A 32 -6.18 -1.31 -3.96
CA GLY A 32 -5.95 -2.75 -3.69
C GLY A 32 -4.68 -3.23 -4.41
N ASN A 33 -3.61 -2.50 -4.28
CA ASN A 33 -2.34 -2.91 -4.95
C ASN A 33 -1.29 -3.28 -3.91
N ILE A 34 -0.26 -3.98 -4.31
CA ILE A 34 0.81 -4.38 -3.35
C ILE A 34 2.06 -3.53 -3.60
N PHE A 35 2.46 -2.78 -2.63
CA PHE A 35 3.67 -1.92 -2.81
C PHE A 35 4.68 -2.18 -1.69
N CYS A 36 5.95 -2.05 -1.99
CA CYS A 36 6.97 -2.28 -0.92
C CYS A 36 7.06 -1.04 -0.03
N ALA A 37 7.54 -1.19 1.17
CA ALA A 37 7.66 -0.02 2.08
C ALA A 37 8.15 1.22 1.32
N GLU A 38 8.88 1.02 0.26
CA GLU A 38 9.39 2.19 -0.53
C GLU A 38 8.28 2.76 -1.41
N CYS A 39 7.43 1.93 -1.94
CA CYS A 39 6.32 2.42 -2.80
C CYS A 39 5.14 2.86 -1.93
N SER A 40 4.77 2.05 -0.98
CA SER A 40 3.63 2.42 -0.10
C SER A 40 4.13 3.21 1.11
N ALA A 41 5.24 3.88 0.96
CA ALA A 41 5.79 4.68 2.09
C ALA A 41 4.99 5.97 2.25
N LYS A 42 3.70 5.86 2.44
CA LYS A 42 2.86 7.07 2.61
C LYS A 42 1.55 6.72 3.30
N ASN A 43 0.89 7.68 3.87
CA ASN A 43 -0.40 7.40 4.57
C ASN A 43 -1.26 8.67 4.58
N ALA A 44 -2.51 8.56 4.23
CA ALA A 44 -3.38 9.77 4.22
C ALA A 44 -4.53 9.62 5.19
N LEU A 45 -5.01 10.70 5.74
CA LEU A 45 -6.13 10.63 6.71
C LEU A 45 -7.46 10.97 6.03
N THR A 46 -8.46 10.16 6.25
CA THR A 46 -9.79 10.44 5.62
C THR A 46 -10.78 10.89 6.69
N PRO A 47 -11.60 11.84 6.33
CA PRO A 47 -12.63 12.35 7.27
C PRO A 47 -13.71 11.29 7.49
N SER A 48 -13.64 10.21 6.77
CA SER A 48 -14.64 9.12 6.94
C SER A 48 -14.60 8.59 8.37
N SER A 49 -13.43 8.28 8.86
CA SER A 49 -13.32 7.75 10.25
C SER A 49 -12.22 8.50 11.00
N LYS A 50 -11.71 9.56 10.43
CA LYS A 50 -10.63 10.34 11.12
C LYS A 50 -9.43 9.43 11.41
N LYS A 51 -9.03 8.61 10.48
CA LYS A 51 -7.87 7.71 10.72
C LYS A 51 -6.97 7.68 9.48
N PRO A 52 -5.69 7.78 9.72
CA PRO A 52 -4.69 7.75 8.60
C PRO A 52 -4.56 6.32 8.07
N VAL A 53 -5.00 6.10 6.86
CA VAL A 53 -4.88 4.72 6.28
C VAL A 53 -3.69 4.63 5.33
N ARG A 54 -3.16 3.45 5.12
CA ARG A 54 -2.01 3.31 4.19
C ARG A 54 -2.47 3.51 2.75
N VAL A 55 -1.61 4.03 1.92
CA VAL A 55 -2.00 4.28 0.50
C VAL A 55 -0.76 4.65 -0.31
N CYS A 56 -0.54 4.03 -1.43
CA CYS A 56 0.64 4.36 -2.26
C CYS A 56 0.63 5.85 -2.63
N ASP A 57 1.70 6.34 -3.18
CA ASP A 57 1.77 7.78 -3.55
C ASP A 57 0.62 8.17 -4.48
N ALA A 58 0.14 7.26 -5.29
CA ALA A 58 -0.98 7.61 -6.21
C ALA A 58 -2.28 7.82 -5.42
N CYS A 59 -2.80 6.79 -4.83
CA CYS A 59 -4.05 6.93 -4.05
C CYS A 59 -3.85 7.89 -2.87
N PHE A 60 -2.69 7.88 -2.27
CA PHE A 60 -2.46 8.81 -1.13
C PHE A 60 -2.82 10.24 -1.56
N ASN A 61 -2.57 10.58 -2.80
CA ASN A 61 -2.90 11.95 -3.28
C ASN A 61 -4.40 12.02 -3.59
N ASP A 62 -4.96 10.96 -4.10
CA ASP A 62 -6.42 10.97 -4.42
C ASP A 62 -7.22 11.23 -3.14
N LEU A 63 -6.74 10.76 -2.03
CA LEU A 63 -7.46 11.00 -0.75
C LEU A 63 -7.35 12.48 -0.39
N GLN A 64 -6.19 13.04 -0.52
CA GLN A 64 -5.99 14.48 -0.21
C GLN A 64 -6.71 15.33 -1.26
N GLY A 65 -7.16 14.72 -2.32
CA GLY A 65 -7.86 15.47 -3.38
C GLY A 65 -9.37 15.47 -3.10
ZN ZN B . 7.32 -0.91 -4.15
ZN ZN C . -2.95 2.85 -4.46
C1 ITP D . 1.17 -6.15 6.93
O1 ITP D . 1.60 -7.46 7.54
C2 ITP D . -0.32 -5.84 6.81
O2 ITP D . -1.05 -6.80 6.00
C3 ITP D . -0.41 -4.44 6.27
O3 ITP D . -1.75 -4.05 6.28
C4 ITP D . 0.27 -4.27 4.81
O4 ITP D . 1.15 -3.17 4.88
C5 ITP D . 1.11 -5.44 4.41
O5 ITP D . 0.21 -6.52 3.99
C6 ITP D . 1.98 -5.98 5.59
O6 ITP D . 2.94 -5.01 5.83
P1 ITP D . 3.02 -7.76 8.33
OP1 ITP D . 3.25 -9.21 8.38
OP2 ITP D . 2.91 -7.21 9.71
OP3 ITP D . 3.84 -6.92 7.40
P3 ITP D . -2.21 -2.66 6.77
O10 ITP D . -1.63 -2.69 8.05
O11 ITP D . -1.65 -1.83 5.72
O12 ITP D . -3.64 -2.71 6.74
H1 ITP D . 1.64 -5.34 7.48
H2 ITP D . -0.74 -5.89 7.82
HO2 ITP D . -1.70 -7.32 6.60
H3 ITP D . 0.18 -3.76 6.88
H4 ITP D . -0.55 -4.05 4.12
HO4 ITP D . 2.10 -3.46 4.58
H5 ITP D . 1.73 -5.12 3.58
HO5 ITP D . 0.76 -7.33 3.66
H6 ITP D . 2.37 -6.94 5.25
HO6 ITP D . 2.73 -4.17 5.27
N ARG A 1 -9.99 -13.40 -1.23
CA ARG A 1 -10.48 -13.26 -2.62
C ARG A 1 -10.40 -11.80 -3.06
N LYS A 2 -9.77 -10.96 -2.28
CA LYS A 2 -9.66 -9.52 -2.65
C LYS A 2 -8.73 -8.79 -1.68
N TRP A 3 -8.44 -7.55 -1.96
CA TRP A 3 -7.53 -6.75 -1.07
C TRP A 3 -6.12 -7.36 -1.05
N ALA A 4 -5.12 -6.54 -0.92
CA ALA A 4 -3.73 -7.06 -0.88
C ALA A 4 -3.52 -7.91 0.37
N GLU A 5 -4.25 -8.99 0.51
CA GLU A 5 -4.11 -9.84 1.72
C GLU A 5 -2.97 -10.86 1.51
N ASP A 6 -2.04 -10.56 0.65
CA ASP A 6 -0.90 -11.50 0.43
C ASP A 6 -1.39 -12.90 0.07
N ASN A 7 -2.50 -13.02 -0.61
CA ASN A 7 -2.99 -14.37 -0.99
C ASN A 7 -2.30 -14.82 -2.27
N GLU A 8 -1.67 -13.92 -2.96
CA GLU A 8 -0.97 -14.29 -4.22
C GLU A 8 -0.05 -13.15 -4.66
N VAL A 9 0.48 -12.39 -3.73
CA VAL A 9 1.39 -11.28 -4.12
C VAL A 9 2.62 -11.25 -3.23
N GLN A 10 3.72 -11.75 -3.72
CA GLN A 10 4.97 -11.72 -2.91
C GLN A 10 5.98 -10.81 -3.61
N ASN A 11 5.51 -9.67 -4.06
CA ASN A 11 6.40 -8.71 -4.77
C ASN A 11 5.67 -7.38 -4.98
N CYS A 12 6.26 -6.28 -4.59
CA CYS A 12 5.58 -4.97 -4.78
C CYS A 12 4.99 -4.89 -6.19
N MET A 13 3.80 -4.38 -6.30
CA MET A 13 3.17 -4.27 -7.65
C MET A 13 3.74 -3.04 -8.39
N ALA A 14 4.15 -2.05 -7.65
CA ALA A 14 4.72 -0.83 -8.30
C ALA A 14 6.20 -1.07 -8.61
N CYS A 15 7.07 -0.81 -7.67
CA CYS A 15 8.52 -1.03 -7.92
C CYS A 15 8.71 -2.41 -8.57
N GLY A 16 7.95 -3.36 -8.14
CA GLY A 16 8.07 -4.73 -8.73
C GLY A 16 9.24 -5.47 -8.10
N LYS A 17 9.58 -5.15 -6.88
CA LYS A 17 10.73 -5.86 -6.23
C LYS A 17 10.24 -7.11 -5.49
N GLY A 18 10.83 -8.24 -5.79
CA GLY A 18 10.40 -9.50 -5.10
C GLY A 18 10.76 -9.41 -3.62
N PHE A 19 9.79 -9.14 -2.79
CA PHE A 19 10.05 -9.05 -1.32
C PHE A 19 11.04 -10.12 -0.89
N SER A 20 11.76 -9.87 0.19
CA SER A 20 12.74 -10.87 0.68
C SER A 20 13.06 -10.59 2.15
N VAL A 21 13.93 -11.36 2.74
CA VAL A 21 14.28 -11.13 4.17
C VAL A 21 14.78 -9.69 4.38
N THR A 22 15.37 -9.11 3.36
CA THR A 22 15.88 -7.73 3.51
C THR A 22 14.79 -6.71 3.14
N VAL A 23 14.07 -6.96 2.08
CA VAL A 23 13.00 -6.02 1.67
C VAL A 23 11.74 -6.26 2.49
N ARG A 24 10.84 -5.31 2.51
CA ARG A 24 9.58 -5.48 3.29
C ARG A 24 8.37 -5.47 2.37
N ARG A 25 7.23 -5.85 2.85
CA ARG A 25 6.02 -5.84 2.00
C ARG A 25 4.93 -4.96 2.60
N HIS A 26 4.28 -4.19 1.78
CA HIS A 26 3.20 -3.29 2.28
C HIS A 26 2.16 -3.13 1.17
N HIS A 27 0.92 -2.87 1.51
CA HIS A 27 -0.09 -2.73 0.43
C HIS A 27 -1.02 -1.54 0.67
N CYS A 28 -1.42 -0.89 -0.39
CA CYS A 28 -2.33 0.28 -0.26
C CYS A 28 -3.71 -0.22 0.18
N ARG A 29 -4.08 0.01 1.40
CA ARG A 29 -5.41 -0.45 1.90
C ARG A 29 -6.55 0.25 1.17
N GLN A 30 -6.26 1.22 0.36
CA GLN A 30 -7.34 1.93 -0.38
C GLN A 30 -7.43 1.36 -1.80
N CYS A 31 -6.31 1.04 -2.37
CA CYS A 31 -6.30 0.46 -3.74
C CYS A 31 -6.37 -1.06 -3.66
N GLY A 32 -5.90 -1.62 -2.57
CA GLY A 32 -5.93 -3.10 -2.42
C GLY A 32 -4.77 -3.70 -3.22
N ASN A 33 -3.74 -2.94 -3.42
CA ASN A 33 -2.58 -3.44 -4.20
C ASN A 33 -1.40 -3.75 -3.26
N ILE A 34 -0.27 -4.10 -3.81
CA ILE A 34 0.90 -4.41 -2.95
C ILE A 34 2.07 -3.49 -3.30
N PHE A 35 2.56 -2.74 -2.36
CA PHE A 35 3.68 -1.81 -2.64
C PHE A 35 4.82 -2.03 -1.64
N CYS A 36 6.04 -1.72 -2.01
CA CYS A 36 7.17 -1.91 -1.07
C CYS A 36 7.23 -0.74 -0.08
N ALA A 37 8.05 -0.83 0.92
CA ALA A 37 8.14 0.29 1.92
C ALA A 37 8.36 1.62 1.21
N GLU A 38 8.82 1.60 -0.01
CA GLU A 38 9.05 2.87 -0.76
C GLU A 38 7.74 3.36 -1.39
N CYS A 39 6.98 2.47 -1.96
CA CYS A 39 5.71 2.87 -2.60
C CYS A 39 4.60 3.02 -1.54
N SER A 40 4.60 2.16 -0.56
CA SER A 40 3.55 2.26 0.50
C SER A 40 4.04 3.15 1.65
N ALA A 41 4.99 4.02 1.39
CA ALA A 41 5.51 4.91 2.46
C ALA A 41 4.58 6.12 2.65
N LYS A 42 3.41 6.10 2.07
CA LYS A 42 2.48 7.25 2.23
C LYS A 42 1.20 6.80 2.95
N ASN A 43 0.49 7.72 3.55
CA ASN A 43 -0.75 7.34 4.28
C ASN A 43 -1.54 8.60 4.66
N ALA A 44 -2.76 8.70 4.24
CA ALA A 44 -3.58 9.90 4.58
C ALA A 44 -4.94 9.48 5.13
N LEU A 45 -5.54 10.29 5.96
CA LEU A 45 -6.87 9.94 6.52
C LEU A 45 -7.98 10.29 5.53
N THR A 46 -9.15 9.75 5.73
CA THR A 46 -10.28 10.06 4.79
C THR A 46 -11.47 10.62 5.56
N PRO A 47 -12.38 11.20 4.83
CA PRO A 47 -13.60 11.79 5.43
C PRO A 47 -14.50 10.68 5.99
N SER A 48 -14.20 9.45 5.67
CA SER A 48 -15.02 8.31 6.17
C SER A 48 -14.75 8.10 7.67
N SER A 49 -13.50 7.98 8.03
CA SER A 49 -13.15 7.78 9.46
C SER A 49 -12.30 8.95 9.97
N LYS A 50 -12.05 9.01 11.25
CA LYS A 50 -11.23 10.13 11.79
C LYS A 50 -9.78 9.67 11.99
N LYS A 51 -9.22 9.00 11.02
CA LYS A 51 -7.80 8.53 11.17
C LYS A 51 -7.10 8.45 9.82
N PRO A 52 -5.80 8.38 9.88
CA PRO A 52 -4.97 8.28 8.66
C PRO A 52 -4.98 6.86 8.11
N VAL A 53 -5.28 6.71 6.84
CA VAL A 53 -5.29 5.35 6.23
C VAL A 53 -3.96 5.09 5.52
N ARG A 54 -3.66 3.85 5.22
CA ARG A 54 -2.38 3.56 4.52
C ARG A 54 -2.59 3.50 3.00
N VAL A 55 -1.91 4.34 2.27
CA VAL A 55 -2.08 4.33 0.79
C VAL A 55 -0.77 4.71 0.10
N CYS A 56 -0.61 4.36 -1.15
CA CYS A 56 0.65 4.70 -1.87
C CYS A 56 0.61 6.15 -2.37
N ASP A 57 1.71 6.64 -2.85
CA ASP A 57 1.74 8.05 -3.35
C ASP A 57 0.52 8.35 -4.22
N ALA A 58 0.25 7.52 -5.18
CA ALA A 58 -0.93 7.76 -6.07
C ALA A 58 -2.21 7.90 -5.24
N CYS A 59 -2.53 6.91 -4.45
CA CYS A 59 -3.75 6.99 -3.61
C CYS A 59 -3.68 8.19 -2.66
N PHE A 60 -2.57 8.36 -1.98
CA PHE A 60 -2.44 9.51 -1.04
C PHE A 60 -2.98 10.78 -1.69
N ASN A 61 -2.58 11.06 -2.90
CA ASN A 61 -3.08 12.29 -3.58
C ASN A 61 -4.55 12.09 -4.00
N ASP A 62 -4.96 10.87 -4.21
CA ASP A 62 -6.37 10.63 -4.60
C ASP A 62 -7.28 10.86 -3.39
N LEU A 63 -6.73 10.91 -2.22
CA LEU A 63 -7.56 11.14 -1.00
C LEU A 63 -7.73 12.63 -0.75
N GLN A 64 -6.69 13.40 -0.92
CA GLN A 64 -6.81 14.87 -0.70
C GLN A 64 -6.48 15.63 -1.98
N GLY A 65 -6.34 14.93 -3.08
CA GLY A 65 -6.02 15.61 -4.37
C GLY A 65 -7.29 16.17 -4.99
ZN ZN B . 7.10 -0.19 -4.90
ZN ZN C . -3.06 2.16 -4.46
C1 ITP D . 2.70 -6.05 7.46
O1 ITP D . 3.64 -7.07 8.04
C2 ITP D . 1.21 -6.36 7.41
O2 ITP D . 0.86 -7.48 6.56
C3 ITP D . 0.54 -5.07 6.95
O3 ITP D . -0.85 -5.28 6.89
C4 ITP D . 1.12 -4.49 5.55
O4 ITP D . 1.66 -3.21 5.83
C5 ITP D . 2.24 -5.29 5.00
O5 ITP D . 1.69 -6.57 4.52
C6 ITP D . 3.32 -5.59 6.08
O6 ITP D . 3.96 -4.39 6.32
P1 ITP D . 4.72 -8.02 7.20
OP1 ITP D . 4.24 -8.20 5.83
OP2 ITP D . 4.82 -9.34 7.88
OP3 ITP D . 5.88 -7.11 7.46
P3 ITP D . -1.86 -4.30 7.51
O10 ITP D . -2.89 -4.42 6.56
O11 ITP D . -2.00 -4.88 8.83
O12 ITP D . -1.20 -3.04 7.55
H1 ITP D . 2.83 -5.11 7.98
H2 ITP D . 0.89 -6.61 8.42
HO2 ITP D . 1.59 -8.21 6.62
H3 ITP D . 0.76 -4.26 7.64
H4 ITP D . 0.27 -4.38 4.86
HO4 ITP D . 1.26 -2.84 6.70
H5 ITP D . 2.66 -4.72 4.17
HO5 ITP D . 1.84 -6.65 3.51
H6 ITP D . 3.94 -6.38 5.66
HO6 ITP D . 3.28 -3.70 6.68
N ARG A 1 -2.97 -7.71 5.43
CA ARG A 1 -3.42 -8.94 6.15
C ARG A 1 -4.94 -8.92 6.33
N LYS A 2 -5.68 -8.77 5.26
CA LYS A 2 -7.16 -8.75 5.38
C LYS A 2 -7.81 -8.36 4.05
N TRP A 3 -7.11 -7.68 3.18
CA TRP A 3 -7.73 -7.29 1.87
C TRP A 3 -6.88 -7.78 0.70
N ALA A 4 -5.73 -7.20 0.49
CA ALA A 4 -4.88 -7.64 -0.66
C ALA A 4 -4.29 -9.02 -0.38
N GLU A 5 -5.08 -10.05 -0.46
CA GLU A 5 -4.55 -11.43 -0.20
C GLU A 5 -3.63 -11.40 1.02
N ASP A 6 -3.87 -10.52 1.94
CA ASP A 6 -3.02 -10.46 3.16
C ASP A 6 -1.54 -10.32 2.77
N ASN A 7 -0.82 -11.40 2.69
CA ASN A 7 0.62 -11.32 2.31
C ASN A 7 0.88 -12.17 1.07
N GLU A 8 -0.14 -12.75 0.50
CA GLU A 8 0.06 -13.59 -0.70
C GLU A 8 0.79 -12.78 -1.78
N VAL A 9 0.54 -11.50 -1.86
CA VAL A 9 1.23 -10.68 -2.88
C VAL A 9 2.71 -10.54 -2.51
N GLN A 10 3.48 -11.58 -2.73
CA GLN A 10 4.92 -11.54 -2.38
C GLN A 10 5.72 -10.72 -3.41
N ASN A 11 5.24 -9.56 -3.76
CA ASN A 11 5.97 -8.73 -4.75
C ASN A 11 5.34 -7.33 -4.84
N CYS A 12 6.08 -6.31 -4.51
CA CYS A 12 5.52 -4.92 -4.60
C CYS A 12 4.72 -4.77 -5.89
N MET A 13 3.68 -3.98 -5.86
CA MET A 13 2.86 -3.79 -7.09
C MET A 13 3.43 -2.66 -7.95
N ALA A 14 4.08 -1.70 -7.34
CA ALA A 14 4.65 -0.57 -8.12
C ALA A 14 5.99 -0.99 -8.74
N CYS A 15 7.05 -0.97 -7.98
CA CYS A 15 8.38 -1.36 -8.55
C CYS A 15 8.33 -2.81 -9.01
N GLY A 16 7.70 -3.67 -8.26
CA GLY A 16 7.60 -5.10 -8.65
C GLY A 16 8.83 -5.85 -8.13
N LYS A 17 9.28 -5.54 -6.95
CA LYS A 17 10.47 -6.24 -6.39
C LYS A 17 10.03 -7.47 -5.59
N GLY A 18 10.67 -8.59 -5.81
CA GLY A 18 10.30 -9.82 -5.06
C GLY A 18 10.67 -9.63 -3.58
N PHE A 19 9.69 -9.33 -2.77
CA PHE A 19 9.96 -9.11 -1.31
C PHE A 19 11.02 -10.09 -0.80
N SER A 20 11.64 -9.76 0.29
CA SER A 20 12.69 -10.66 0.86
C SER A 20 12.89 -10.34 2.34
N VAL A 21 14.10 -10.41 2.81
CA VAL A 21 14.37 -10.10 4.25
C VAL A 21 14.68 -8.61 4.41
N THR A 22 15.28 -8.02 3.42
CA THR A 22 15.65 -6.57 3.51
C THR A 22 14.52 -5.69 2.98
N VAL A 23 13.69 -6.20 2.11
CA VAL A 23 12.59 -5.37 1.56
C VAL A 23 11.25 -5.73 2.22
N ARG A 24 10.71 -4.83 2.99
CA ARG A 24 9.40 -5.13 3.66
C ARG A 24 8.27 -4.92 2.65
N ARG A 25 7.04 -5.13 3.06
CA ARG A 25 5.90 -4.95 2.10
C ARG A 25 4.78 -4.15 2.75
N HIS A 26 3.94 -3.56 1.96
CA HIS A 26 2.81 -2.77 2.53
C HIS A 26 1.60 -2.81 1.60
N HIS A 27 0.43 -3.14 2.10
CA HIS A 27 -0.75 -3.19 1.20
C HIS A 27 -1.60 -1.93 1.32
N CYS A 28 -1.86 -1.30 0.20
CA CYS A 28 -2.68 -0.05 0.20
C CYS A 28 -4.13 -0.42 0.53
N ARG A 29 -4.71 0.23 1.50
CA ARG A 29 -6.11 -0.09 1.88
C ARG A 29 -7.11 0.59 0.94
N GLN A 30 -6.64 1.48 0.11
CA GLN A 30 -7.57 2.17 -0.83
C GLN A 30 -7.86 1.28 -2.04
N CYS A 31 -6.94 1.21 -2.98
CA CYS A 31 -7.16 0.36 -4.18
C CYS A 31 -7.09 -1.12 -3.80
N GLY A 32 -6.11 -1.50 -3.02
CA GLY A 32 -6.00 -2.93 -2.62
C GLY A 32 -4.75 -3.54 -3.26
N ASN A 33 -3.60 -2.96 -3.06
CA ASN A 33 -2.36 -3.52 -3.66
C ASN A 33 -1.21 -3.48 -2.64
N ILE A 34 -0.15 -4.22 -2.89
CA ILE A 34 0.98 -4.21 -1.91
C ILE A 34 2.24 -3.61 -2.54
N PHE A 35 2.65 -2.48 -2.03
CA PHE A 35 3.87 -1.82 -2.55
C PHE A 35 5.01 -2.03 -1.56
N CYS A 36 6.24 -1.86 -1.97
CA CYS A 36 7.36 -2.08 -1.01
C CYS A 36 7.48 -0.86 -0.08
N ALA A 37 8.27 -0.96 0.95
CA ALA A 37 8.42 0.19 1.89
C ALA A 37 8.70 1.49 1.13
N GLU A 38 9.13 1.40 -0.09
CA GLU A 38 9.44 2.63 -0.87
C GLU A 38 8.19 3.12 -1.63
N CYS A 39 7.51 2.23 -2.32
CA CYS A 39 6.31 2.66 -3.07
C CYS A 39 5.16 2.92 -2.11
N SER A 40 5.07 2.16 -1.05
CA SER A 40 3.98 2.37 -0.06
C SER A 40 4.45 3.35 1.02
N ALA A 41 5.38 4.20 0.71
CA ALA A 41 5.88 5.18 1.72
C ALA A 41 4.94 6.38 1.83
N LYS A 42 3.65 6.17 1.73
CA LYS A 42 2.70 7.31 1.84
C LYS A 42 1.39 6.82 2.47
N ASN A 43 0.65 7.71 3.06
CA ASN A 43 -0.65 7.33 3.70
C ASN A 43 -1.41 8.59 4.10
N ALA A 44 -2.70 8.49 4.32
CA ALA A 44 -3.46 9.71 4.71
C ALA A 44 -4.78 9.35 5.41
N LEU A 45 -5.31 10.25 6.18
CA LEU A 45 -6.60 9.97 6.87
C LEU A 45 -7.75 10.11 5.88
N THR A 46 -8.89 9.56 6.18
CA THR A 46 -10.04 9.67 5.24
C THR A 46 -11.26 10.26 5.95
N PRO A 47 -12.03 11.02 5.22
CA PRO A 47 -13.25 11.64 5.77
C PRO A 47 -14.31 10.57 6.01
N SER A 48 -14.19 9.46 5.34
CA SER A 48 -15.18 8.35 5.53
C SER A 48 -15.07 7.80 6.95
N SER A 49 -14.01 8.14 7.64
CA SER A 49 -13.82 7.65 9.02
C SER A 49 -12.90 8.59 9.79
N LYS A 50 -12.09 8.08 10.68
CA LYS A 50 -11.17 8.96 11.46
C LYS A 50 -9.86 8.21 11.73
N LYS A 51 -9.28 7.64 10.72
CA LYS A 51 -7.99 6.90 10.92
C LYS A 51 -7.07 7.12 9.73
N PRO A 52 -5.79 7.04 9.99
CA PRO A 52 -4.78 7.23 8.92
C PRO A 52 -4.71 5.97 8.05
N VAL A 53 -5.26 6.02 6.87
CA VAL A 53 -5.23 4.82 5.99
C VAL A 53 -3.90 4.73 5.25
N ARG A 54 -3.33 3.57 5.16
CA ARG A 54 -2.04 3.43 4.45
C ARG A 54 -2.28 3.31 2.94
N VAL A 55 -1.78 4.23 2.16
CA VAL A 55 -2.02 4.14 0.69
C VAL A 55 -0.77 4.54 -0.10
N CYS A 56 -0.57 3.93 -1.24
CA CYS A 56 0.63 4.27 -2.06
C CYS A 56 0.56 5.74 -2.51
N ASP A 57 1.62 6.23 -3.09
CA ASP A 57 1.64 7.64 -3.55
C ASP A 57 0.39 7.95 -4.37
N ALA A 58 0.23 7.31 -5.49
CA ALA A 58 -0.96 7.57 -6.36
C ALA A 58 -2.22 7.75 -5.51
N CYS A 59 -2.37 6.99 -4.46
CA CYS A 59 -3.59 7.13 -3.61
C CYS A 59 -3.45 8.36 -2.71
N PHE A 60 -2.34 8.47 -2.03
CA PHE A 60 -2.12 9.63 -1.13
C PHE A 60 -2.51 10.94 -1.83
N ASN A 61 -2.15 11.09 -3.08
CA ASN A 61 -2.50 12.36 -3.80
C ASN A 61 -4.00 12.43 -4.06
N ASP A 62 -4.62 11.33 -4.39
CA ASP A 62 -6.09 11.36 -4.65
C ASP A 62 -6.84 11.78 -3.38
N LEU A 63 -6.35 11.38 -2.24
CA LEU A 63 -7.03 11.75 -0.96
C LEU A 63 -6.80 13.24 -0.67
N GLN A 64 -5.59 13.70 -0.81
CA GLN A 64 -5.31 15.14 -0.55
C GLN A 64 -5.69 15.99 -1.76
N GLY A 65 -6.27 15.38 -2.76
CA GLY A 65 -6.66 16.17 -3.97
C GLY A 65 -8.03 16.82 -3.74
ZN ZN B . 8.21 -0.62 -5.30
ZN ZN C . -3.47 2.19 -4.30
C1 ITP D . 2.61 -4.81 7.64
O1 ITP D . 3.02 -5.88 8.62
C2 ITP D . 1.93 -3.55 8.15
O2 ITP D . 0.63 -3.78 8.72
C3 ITP D . 1.88 -2.61 6.97
O3 ITP D . 1.42 -1.35 7.39
C4 ITP D . 1.01 -3.21 5.76
O4 ITP D . 1.10 -2.31 4.68
C5 ITP D . 1.60 -4.52 5.29
O5 ITP D . 0.63 -5.12 4.37
C6 ITP D . 1.82 -5.49 6.48
O6 ITP D . 2.62 -6.50 6.00
P1 ITP D . 4.56 -6.35 9.01
OP1 ITP D . 4.67 -7.81 8.87
OP2 ITP D . 4.83 -5.95 10.42
OP3 ITP D . 5.22 -5.47 7.99
P3 ITP D . -0.06 -0.95 7.34
O10 ITP D . -0.03 0.13 8.25
O11 ITP D . -0.21 -0.72 5.92
O12 ITP D . -0.77 -2.10 7.78
H1 ITP D . 3.49 -4.51 7.06
H2 ITP D . 2.56 -3.13 8.93
HO2 ITP D . 0.64 -4.65 9.27
H3 ITP D . 2.87 -2.51 6.51
H4 ITP D . -0.01 -3.28 6.10
HO4 ITP D . 0.15 -2.06 4.37
H5 ITP D . 2.53 -4.28 4.78
HO5 ITP D . -0.33 -4.83 4.62
H6 ITP D . 0.82 -5.80 6.80
HO6 ITP D . 2.11 -7.04 5.28
N ARG A 1 -8.50 -12.75 0.01
CA ARG A 1 -9.47 -12.32 -1.03
C ARG A 1 -9.88 -10.86 -0.79
N LYS A 2 -10.52 -10.25 -1.75
CA LYS A 2 -10.95 -8.84 -1.58
C LYS A 2 -9.73 -7.92 -1.49
N TRP A 3 -8.99 -8.00 -0.42
CA TRP A 3 -7.79 -7.14 -0.26
C TRP A 3 -6.52 -7.96 -0.52
N ALA A 4 -5.56 -7.39 -1.20
CA ALA A 4 -4.30 -8.13 -1.49
C ALA A 4 -3.46 -8.21 -0.21
N GLU A 5 -3.74 -9.17 0.63
CA GLU A 5 -2.95 -9.30 1.89
C GLU A 5 -2.21 -10.64 1.91
N ASP A 6 -1.19 -10.77 1.09
CA ASP A 6 -0.43 -12.04 1.06
C ASP A 6 -1.29 -13.18 0.50
N ASN A 7 -2.45 -12.86 -0.01
CA ASN A 7 -3.32 -13.92 -0.58
C ASN A 7 -2.59 -14.67 -1.69
N GLU A 8 -1.85 -13.95 -2.50
CA GLU A 8 -1.10 -14.62 -3.59
C GLU A 8 -0.14 -13.62 -4.25
N VAL A 9 0.33 -12.65 -3.50
CA VAL A 9 1.28 -11.65 -4.08
C VAL A 9 2.62 -11.67 -3.34
N GLN A 10 3.69 -11.83 -4.05
CA GLN A 10 5.04 -11.83 -3.40
C GLN A 10 5.93 -10.80 -4.12
N ASN A 11 5.34 -9.73 -4.55
CA ASN A 11 6.11 -8.68 -5.28
C ASN A 11 5.33 -7.35 -5.27
N CYS A 12 5.97 -6.25 -4.94
CA CYS A 12 5.22 -4.96 -4.93
C CYS A 12 4.54 -4.73 -6.28
N MET A 13 3.55 -3.90 -6.31
CA MET A 13 2.86 -3.60 -7.61
C MET A 13 3.53 -2.42 -8.30
N ALA A 14 4.62 -1.95 -7.75
CA ALA A 14 5.32 -0.78 -8.37
C ALA A 14 6.80 -1.12 -8.62
N CYS A 15 7.64 -0.92 -7.64
CA CYS A 15 9.08 -1.24 -7.84
C CYS A 15 9.23 -2.66 -8.36
N GLY A 16 8.31 -3.52 -7.99
CA GLY A 16 8.37 -4.93 -8.47
C GLY A 16 9.53 -5.67 -7.81
N LYS A 17 9.83 -5.38 -6.58
CA LYS A 17 10.95 -6.10 -5.90
C LYS A 17 10.42 -7.33 -5.16
N GLY A 18 11.17 -8.40 -5.16
CA GLY A 18 10.71 -9.62 -4.45
C GLY A 18 10.82 -9.42 -2.94
N PHE A 19 9.70 -9.17 -2.30
CA PHE A 19 9.70 -8.94 -0.83
C PHE A 19 10.76 -9.79 -0.12
N SER A 20 11.25 -9.32 0.99
CA SER A 20 12.30 -10.08 1.75
C SER A 20 12.42 -9.52 3.19
N VAL A 21 13.59 -9.60 3.76
CA VAL A 21 13.77 -9.07 5.15
C VAL A 21 14.15 -7.58 5.11
N THR A 22 14.68 -7.13 4.00
CA THR A 22 15.08 -5.69 3.91
C THR A 22 13.87 -4.84 3.52
N VAL A 23 12.81 -5.45 3.08
CA VAL A 23 11.60 -4.66 2.69
C VAL A 23 10.32 -5.42 3.04
N ARG A 24 9.25 -4.72 3.22
CA ARG A 24 7.96 -5.40 3.56
C ARG A 24 6.96 -5.25 2.41
N ARG A 25 5.77 -5.76 2.56
CA ARG A 25 4.76 -5.66 1.47
C ARG A 25 3.49 -4.98 1.96
N HIS A 26 3.47 -3.68 1.99
CA HIS A 26 2.25 -2.97 2.46
C HIS A 26 1.20 -2.93 1.35
N HIS A 27 -0.01 -3.36 1.62
CA HIS A 27 -1.05 -3.34 0.55
C HIS A 27 -1.80 -2.00 0.56
N CYS A 28 -2.00 -1.42 -0.60
CA CYS A 28 -2.73 -0.13 -0.65
C CYS A 28 -4.22 -0.35 -0.32
N ARG A 29 -4.65 0.12 0.81
CA ARG A 29 -6.07 -0.07 1.20
C ARG A 29 -6.99 0.73 0.29
N GLN A 30 -6.45 1.59 -0.53
CA GLN A 30 -7.31 2.40 -1.45
C GLN A 30 -7.61 1.60 -2.72
N CYS A 31 -6.71 1.62 -3.67
CA CYS A 31 -6.96 0.87 -4.94
C CYS A 31 -6.92 -0.65 -4.67
N GLY A 32 -6.06 -1.08 -3.79
CA GLY A 32 -5.98 -2.54 -3.49
C GLY A 32 -4.78 -3.15 -4.21
N ASN A 33 -3.58 -2.78 -3.81
CA ASN A 33 -2.37 -3.34 -4.49
C ASN A 33 -1.19 -3.42 -3.52
N ILE A 34 -0.33 -4.38 -3.71
CA ILE A 34 0.85 -4.53 -2.81
C ILE A 34 1.95 -3.52 -3.20
N PHE A 35 2.78 -3.14 -2.27
CA PHE A 35 3.86 -2.16 -2.59
C PHE A 35 5.01 -2.31 -1.58
N CYS A 36 6.23 -2.02 -1.97
CA CYS A 36 7.35 -2.15 -0.99
C CYS A 36 7.21 -1.08 0.08
N ALA A 37 7.86 -1.22 1.19
CA ALA A 37 7.75 -0.19 2.25
C ALA A 37 8.05 1.20 1.67
N GLU A 38 8.70 1.23 0.53
CA GLU A 38 9.03 2.54 -0.10
C GLU A 38 7.90 3.00 -1.04
N CYS A 39 7.15 2.08 -1.60
CA CYS A 39 6.05 2.48 -2.51
C CYS A 39 4.83 2.93 -1.69
N SER A 40 4.48 2.17 -0.69
CA SER A 40 3.32 2.55 0.17
C SER A 40 3.78 3.41 1.34
N ALA A 41 4.94 4.00 1.23
CA ALA A 41 5.45 4.85 2.34
C ALA A 41 4.52 6.05 2.56
N LYS A 42 3.61 6.28 1.67
CA LYS A 42 2.68 7.44 1.83
C LYS A 42 1.41 7.03 2.55
N ASN A 43 0.88 7.88 3.38
CA ASN A 43 -0.38 7.56 4.13
C ASN A 43 -1.27 8.79 4.15
N ALA A 44 -2.52 8.64 3.79
CA ALA A 44 -3.43 9.83 3.79
C ALA A 44 -4.61 9.61 4.75
N LEU A 45 -5.07 10.65 5.39
CA LEU A 45 -6.22 10.49 6.33
C LEU A 45 -7.53 10.60 5.57
N THR A 46 -8.54 9.92 6.02
CA THR A 46 -9.86 9.99 5.31
C THR A 46 -10.99 10.16 6.33
N PRO A 47 -12.13 10.56 5.82
CA PRO A 47 -13.31 10.76 6.69
C PRO A 47 -13.85 9.41 7.17
N SER A 48 -13.58 8.37 6.44
CA SER A 48 -14.05 7.02 6.85
C SER A 48 -13.45 6.66 8.22
N SER A 49 -12.43 7.36 8.62
CA SER A 49 -11.78 7.08 9.93
C SER A 49 -11.12 8.35 10.47
N LYS A 50 -10.34 8.23 11.51
CA LYS A 50 -9.67 9.42 12.09
C LYS A 50 -8.14 9.28 11.99
N LYS A 51 -7.66 8.52 11.05
CA LYS A 51 -6.18 8.36 10.92
C LYS A 51 -5.78 8.26 9.45
N PRO A 52 -4.49 8.25 9.23
CA PRO A 52 -3.93 8.17 7.87
C PRO A 52 -3.92 6.71 7.38
N VAL A 53 -4.70 6.39 6.40
CA VAL A 53 -4.72 4.98 5.89
C VAL A 53 -3.46 4.70 5.07
N ARG A 54 -3.17 3.45 4.84
CA ARG A 54 -1.94 3.11 4.05
C ARG A 54 -2.29 3.00 2.56
N VAL A 55 -1.73 3.85 1.74
CA VAL A 55 -2.02 3.80 0.29
C VAL A 55 -0.79 4.26 -0.50
N CYS A 56 -0.50 3.60 -1.60
CA CYS A 56 0.70 4.01 -2.38
C CYS A 56 0.62 5.50 -2.74
N ASP A 57 1.75 6.12 -2.99
CA ASP A 57 1.74 7.57 -3.33
C ASP A 57 0.61 7.90 -4.32
N ALA A 58 0.30 7.01 -5.21
CA ALA A 58 -0.78 7.28 -6.19
C ALA A 58 -2.11 7.53 -5.46
N CYS A 59 -2.60 6.56 -4.73
CA CYS A 59 -3.88 6.75 -4.00
C CYS A 59 -3.74 7.89 -2.99
N PHE A 60 -2.59 8.02 -2.39
CA PHE A 60 -2.39 9.11 -1.40
C PHE A 60 -2.89 10.44 -1.99
N ASN A 61 -2.57 10.70 -3.23
CA ASN A 61 -3.03 11.97 -3.87
C ASN A 61 -4.55 11.96 -4.01
N ASP A 62 -5.10 10.85 -4.41
CA ASP A 62 -6.59 10.77 -4.57
C ASP A 62 -7.29 11.20 -3.28
N LEU A 63 -6.59 11.14 -2.17
CA LEU A 63 -7.22 11.55 -0.87
C LEU A 63 -6.94 13.01 -0.59
N GLN A 64 -5.86 13.53 -1.11
CA GLN A 64 -5.52 14.96 -0.87
C GLN A 64 -6.58 15.86 -1.50
N GLY A 65 -7.46 15.30 -2.28
CA GLY A 65 -8.53 16.13 -2.93
C GLY A 65 -9.65 16.37 -1.92
ZN ZN B . 6.94 -1.66 -4.50
ZN ZN C . -2.73 2.34 -4.95
C1 ITP D . 1.87 -6.52 6.81
O1 ITP D . 2.26 -7.86 7.39
C2 ITP D . 0.97 -5.60 7.61
O2 ITP D . -0.37 -6.11 7.81
C3 ITP D . 0.98 -4.30 6.85
O3 ITP D . 0.37 -3.29 7.63
C4 ITP D . 0.32 -4.47 5.42
O4 ITP D . 0.37 -3.22 4.76
C5 ITP D . 1.12 -5.43 4.60
O5 ITP D . 0.32 -5.73 3.39
C6 ITP D . 1.37 -6.77 5.34
O6 ITP D . 2.38 -7.41 4.68
P1 ITP D . 3.78 -8.51 7.43
OP1 ITP D . 4.37 -8.46 6.09
OP2 ITP D . 3.68 -9.91 7.91
OP3 ITP D . 4.27 -7.54 8.47
P3 ITP D . -1.14 -2.98 7.55
O10 ITP D . -1.33 -2.46 8.83
O11 ITP D . -1.14 -2.13 6.37
O12 ITP D . -1.76 -4.25 7.29
H1 ITP D . 2.78 -5.98 6.57
H2 ITP D . 1.41 -5.47 8.60
HO2 ITP D . -0.66 -5.97 8.79
H3 ITP D . 2.00 -4.00 6.62
H4 ITP D . -0.72 -4.76 5.57
HO4 ITP D . -0.34 -3.18 4.02
H5 ITP D . 2.04 -4.94 4.32
HO5 ITP D . -0.41 -6.42 3.62
H6 ITP D . 0.41 -7.30 5.35
HO6 ITP D . 2.15 -8.40 4.55
N ARG A 1 -0.59 -9.63 3.08
CA ARG A 1 -0.50 -10.45 4.32
C ARG A 1 -1.76 -10.25 5.17
N LYS A 2 -2.79 -9.70 4.59
CA LYS A 2 -4.05 -9.49 5.37
C LYS A 2 -5.27 -9.44 4.44
N TRP A 3 -5.43 -8.37 3.72
CA TRP A 3 -6.61 -8.26 2.80
C TRP A 3 -6.19 -8.47 1.35
N ALA A 4 -5.21 -7.76 0.90
CA ALA A 4 -4.75 -7.90 -0.51
C ALA A 4 -4.80 -9.37 -0.95
N GLU A 5 -4.05 -10.22 -0.29
CA GLU A 5 -4.05 -11.66 -0.67
C GLU A 5 -3.52 -12.50 0.48
N ASP A 6 -2.41 -12.08 1.04
CA ASP A 6 -1.80 -12.83 2.17
C ASP A 6 -1.47 -14.27 1.76
N ASN A 7 -0.19 -14.54 1.60
CA ASN A 7 0.28 -15.92 1.22
C ASN A 7 0.17 -16.15 -0.28
N GLU A 8 -0.07 -15.12 -1.04
CA GLU A 8 -0.18 -15.31 -2.53
C GLU A 8 0.39 -14.10 -3.28
N VAL A 9 0.93 -13.14 -2.58
CA VAL A 9 1.51 -11.96 -3.29
C VAL A 9 2.79 -11.49 -2.60
N GLN A 10 3.86 -12.20 -2.78
CA GLN A 10 5.15 -11.79 -2.15
C GLN A 10 5.93 -10.90 -3.13
N ASN A 11 5.32 -9.84 -3.58
CA ASN A 11 5.99 -8.93 -4.56
C ASN A 11 5.17 -7.65 -4.73
N CYS A 12 5.77 -6.50 -4.53
CA CYS A 12 5.02 -5.23 -4.68
C CYS A 12 4.19 -5.25 -5.98
N MET A 13 3.13 -4.48 -6.02
CA MET A 13 2.28 -4.45 -7.24
C MET A 13 2.77 -3.37 -8.21
N ALA A 14 3.21 -2.25 -7.70
CA ALA A 14 3.70 -1.16 -8.59
C ALA A 14 5.19 -1.36 -8.91
N CYS A 15 6.05 -1.12 -7.96
CA CYS A 15 7.51 -1.31 -8.22
C CYS A 15 7.74 -2.70 -8.81
N GLY A 16 6.99 -3.66 -8.36
CA GLY A 16 7.14 -5.05 -8.90
C GLY A 16 8.42 -5.67 -8.36
N LYS A 17 8.83 -5.30 -7.18
CA LYS A 17 10.07 -5.88 -6.59
C LYS A 17 9.74 -7.12 -5.76
N GLY A 18 10.65 -8.06 -5.70
CA GLY A 18 10.40 -9.30 -4.90
C GLY A 18 10.76 -9.05 -3.44
N PHE A 19 9.78 -8.84 -2.60
CA PHE A 19 10.04 -8.57 -1.17
C PHE A 19 11.18 -9.44 -0.63
N SER A 20 11.81 -9.02 0.43
CA SER A 20 12.93 -9.81 1.01
C SER A 20 13.15 -9.40 2.47
N VAL A 21 14.37 -9.38 2.93
CA VAL A 21 14.63 -8.99 4.34
C VAL A 21 14.91 -7.48 4.42
N THR A 22 15.46 -6.91 3.38
CA THR A 22 15.76 -5.45 3.40
C THR A 22 14.58 -4.64 2.85
N VAL A 23 13.48 -5.28 2.54
CA VAL A 23 12.31 -4.52 2.01
C VAL A 23 11.01 -5.02 2.63
N ARG A 24 10.05 -4.15 2.79
CA ARG A 24 8.75 -4.58 3.37
C ARG A 24 7.65 -4.45 2.31
N ARG A 25 6.61 -5.22 2.43
CA ARG A 25 5.51 -5.13 1.42
C ARG A 25 4.29 -4.44 2.03
N HIS A 26 4.27 -3.14 2.04
CA HIS A 26 3.10 -2.42 2.61
C HIS A 26 1.94 -2.46 1.61
N HIS A 27 0.82 -3.00 2.03
CA HIS A 27 -0.33 -3.08 1.09
C HIS A 27 -1.20 -1.82 1.21
N CYS A 28 -1.62 -1.28 0.09
CA CYS A 28 -2.48 -0.06 0.13
C CYS A 28 -3.91 -0.45 0.47
N ARG A 29 -4.43 0.02 1.58
CA ARG A 29 -5.82 -0.33 1.96
C ARG A 29 -6.83 0.27 0.97
N GLN A 30 -6.41 1.21 0.18
CA GLN A 30 -7.36 1.83 -0.81
C GLN A 30 -7.44 0.97 -2.06
N CYS A 31 -6.55 1.17 -2.99
CA CYS A 31 -6.58 0.35 -4.23
C CYS A 31 -6.67 -1.14 -3.87
N GLY A 32 -6.16 -1.51 -2.73
CA GLY A 32 -6.21 -2.94 -2.31
C GLY A 32 -5.09 -3.71 -3.00
N ASN A 33 -3.93 -3.12 -3.06
CA ASN A 33 -2.78 -3.81 -3.72
C ASN A 33 -1.59 -3.89 -2.76
N ILE A 34 -0.64 -4.74 -3.08
CA ILE A 34 0.57 -4.87 -2.20
C ILE A 34 1.69 -3.99 -2.75
N PHE A 35 2.30 -3.19 -1.93
CA PHE A 35 3.39 -2.31 -2.42
C PHE A 35 4.62 -2.43 -1.54
N CYS A 36 5.76 -2.03 -2.04
CA CYS A 36 6.99 -2.11 -1.20
C CYS A 36 7.13 -0.84 -0.36
N ALA A 37 8.10 -0.78 0.51
CA ALA A 37 8.27 0.43 1.36
C ALA A 37 8.42 1.67 0.47
N GLU A 38 8.67 1.47 -0.80
CA GLU A 38 8.84 2.65 -1.71
C GLU A 38 7.48 3.11 -2.27
N CYS A 39 6.63 2.19 -2.63
CA CYS A 39 5.30 2.61 -3.18
C CYS A 39 4.36 3.06 -2.06
N SER A 40 4.22 2.27 -1.04
CA SER A 40 3.31 2.65 0.09
C SER A 40 4.06 3.44 1.16
N ALA A 41 5.10 4.12 0.78
CA ALA A 41 5.87 4.92 1.78
C ALA A 41 5.02 6.08 2.31
N LYS A 42 3.86 6.29 1.75
CA LYS A 42 3.01 7.43 2.22
C LYS A 42 1.66 6.93 2.73
N ASN A 43 1.21 7.47 3.84
CA ASN A 43 -0.11 7.06 4.39
C ASN A 43 -0.89 8.32 4.77
N ALA A 44 -2.19 8.29 4.69
CA ALA A 44 -2.99 9.50 5.04
C ALA A 44 -4.35 9.13 5.62
N LEU A 45 -5.21 10.09 5.78
CA LEU A 45 -6.56 9.80 6.33
C LEU A 45 -7.60 9.70 5.21
N THR A 46 -8.64 8.95 5.41
CA THR A 46 -9.68 8.82 4.36
C THR A 46 -10.82 9.83 4.60
N PRO A 47 -11.32 10.37 3.53
CA PRO A 47 -12.43 11.35 3.61
C PRO A 47 -13.73 10.64 4.00
N SER A 48 -13.74 9.34 3.95
CA SER A 48 -14.97 8.58 4.32
C SER A 48 -14.95 8.27 5.82
N SER A 49 -13.85 8.49 6.47
CA SER A 49 -13.76 8.21 7.94
C SER A 49 -12.74 9.13 8.59
N LYS A 50 -12.37 8.85 9.81
CA LYS A 50 -11.37 9.71 10.51
C LYS A 50 -10.17 8.88 10.95
N LYS A 51 -9.68 8.02 10.09
CA LYS A 51 -8.51 7.17 10.48
C LYS A 51 -7.43 7.21 9.39
N PRO A 52 -6.22 7.42 9.81
CA PRO A 52 -5.07 7.47 8.86
C PRO A 52 -4.69 6.06 8.41
N VAL A 53 -4.89 5.76 7.15
CA VAL A 53 -4.53 4.39 6.65
C VAL A 53 -3.27 4.45 5.79
N ARG A 54 -2.85 3.35 5.23
CA ARG A 54 -1.64 3.37 4.37
C ARG A 54 -2.04 3.09 2.93
N VAL A 55 -1.37 3.73 2.02
CA VAL A 55 -1.69 3.52 0.59
C VAL A 55 -0.50 3.95 -0.27
N CYS A 56 -0.49 3.59 -1.53
CA CYS A 56 0.64 3.99 -2.41
C CYS A 56 0.63 5.51 -2.62
N ASP A 57 1.71 6.07 -3.08
CA ASP A 57 1.74 7.55 -3.29
C ASP A 57 0.49 8.01 -4.06
N ALA A 58 0.20 7.39 -5.17
CA ALA A 58 -0.99 7.80 -5.95
C ALA A 58 -2.21 7.95 -5.04
N CYS A 59 -2.38 7.05 -4.11
CA CYS A 59 -3.56 7.16 -3.19
C CYS A 59 -3.28 8.21 -2.12
N PHE A 60 -2.14 8.14 -1.49
CA PHE A 60 -1.81 9.15 -0.44
C PHE A 60 -2.18 10.55 -0.93
N ASN A 61 -1.90 10.84 -2.17
CA ASN A 61 -2.23 12.20 -2.71
C ASN A 61 -3.73 12.29 -2.97
N ASP A 62 -4.37 11.19 -3.27
CA ASP A 62 -5.84 11.22 -3.54
C ASP A 62 -6.60 11.53 -2.26
N LEU A 63 -5.99 11.30 -1.13
CA LEU A 63 -6.69 11.58 0.17
C LEU A 63 -6.38 13.01 0.63
N GLN A 64 -5.15 13.42 0.51
CA GLN A 64 -4.79 14.81 0.94
C GLN A 64 -5.17 15.81 -0.16
N GLY A 65 -5.84 15.35 -1.19
CA GLY A 65 -6.24 16.28 -2.29
C GLY A 65 -5.31 16.08 -3.48
ZN ZN B . 6.62 -0.22 -5.00
ZN ZN C . -3.57 2.50 -4.22
C1 ITP D . 3.77 -5.51 7.87
O1 ITP D . 4.24 -6.67 8.71
C2 ITP D . 2.54 -4.73 8.30
O2 ITP D . 1.30 -5.49 8.19
C3 ITP D . 2.50 -3.47 7.45
O3 ITP D . 1.28 -2.83 7.67
C4 ITP D . 2.78 -3.71 5.88
O4 ITP D . 4.11 -3.29 5.62
C5 ITP D . 2.73 -5.16 5.51
O5 ITP D . 1.36 -5.63 5.76
C6 ITP D . 3.71 -5.99 6.38
O6 ITP D . 4.97 -5.79 5.85
P1 ITP D . 5.81 -6.96 9.18
OP1 ITP D . 6.62 -7.25 8.00
OP2 ITP D . 5.81 -8.12 10.10
OP3 ITP D . 5.96 -5.64 9.87
P3 ITP D . 0.75 -1.70 6.76
O10 ITP D . 0.27 -2.47 5.70
O11 ITP D . -0.15 -1.04 7.68
O12 ITP D . 1.92 -0.90 6.48
H1 ITP D . 4.59 -4.80 7.76
H2 ITP D . 2.67 -4.48 9.35
HO2 ITP D . 0.51 -4.88 8.43
H3 ITP D . 3.32 -2.80 7.74
H4 ITP D . 2.08 -3.08 5.33
HO4 ITP D . 4.18 -2.94 4.66
H5 ITP D . 2.98 -5.21 4.45
HO5 ITP D . 0.99 -6.07 4.89
H6 ITP D . 3.35 -7.02 6.32
HO6 ITP D . 4.89 -5.32 4.93
N ARG A 1 -6.24 -13.64 3.21
CA ARG A 1 -7.67 -13.91 2.88
C ARG A 1 -8.34 -12.62 2.38
N LYS A 2 -8.84 -12.64 1.17
CA LYS A 2 -9.50 -11.41 0.63
C LYS A 2 -8.51 -10.26 0.57
N TRP A 3 -8.85 -9.21 -0.13
CA TRP A 3 -7.94 -8.04 -0.22
C TRP A 3 -6.53 -8.50 -0.58
N ALA A 4 -5.60 -7.58 -0.65
CA ALA A 4 -4.19 -7.97 -0.99
C ALA A 4 -3.43 -8.32 0.28
N GLU A 5 -4.09 -8.97 1.22
CA GLU A 5 -3.40 -9.34 2.49
C GLU A 5 -2.02 -9.93 2.21
N ASP A 6 -1.96 -11.21 1.94
CA ASP A 6 -0.64 -11.86 1.67
C ASP A 6 -0.84 -13.33 1.28
N ASN A 7 -1.97 -13.68 0.76
CA ASN A 7 -2.21 -15.09 0.36
C ASN A 7 -2.11 -15.23 -1.16
N GLU A 8 -2.03 -14.12 -1.85
CA GLU A 8 -1.92 -14.17 -3.33
C GLU A 8 -0.89 -13.16 -3.83
N VAL A 9 -0.07 -12.65 -2.94
CA VAL A 9 0.97 -11.66 -3.37
C VAL A 9 2.23 -11.77 -2.51
N GLN A 10 3.37 -11.75 -3.14
CA GLN A 10 4.66 -11.81 -2.40
C GLN A 10 5.70 -11.02 -3.19
N ASN A 11 5.28 -9.93 -3.78
CA ASN A 11 6.20 -9.11 -4.60
C ASN A 11 5.52 -7.77 -4.94
N CYS A 12 6.13 -6.66 -4.59
CA CYS A 12 5.49 -5.34 -4.90
C CYS A 12 4.91 -5.37 -6.33
N MET A 13 3.78 -4.75 -6.51
CA MET A 13 3.17 -4.75 -7.87
C MET A 13 3.80 -3.66 -8.74
N ALA A 14 4.15 -2.56 -8.15
CA ALA A 14 4.78 -1.46 -8.95
C ALA A 14 6.27 -1.75 -9.19
N CYS A 15 7.10 -1.48 -8.21
CA CYS A 15 8.56 -1.75 -8.39
C CYS A 15 8.77 -3.20 -8.82
N GLY A 16 8.00 -4.10 -8.27
CA GLY A 16 8.14 -5.53 -8.65
C GLY A 16 9.31 -6.17 -7.90
N LYS A 17 9.56 -5.74 -6.69
CA LYS A 17 10.68 -6.34 -5.91
C LYS A 17 10.19 -7.52 -5.07
N GLY A 18 10.94 -8.59 -5.05
CA GLY A 18 10.52 -9.77 -4.26
C GLY A 18 10.71 -9.49 -2.77
N PHE A 19 9.65 -9.17 -2.08
CA PHE A 19 9.74 -8.87 -0.62
C PHE A 19 10.80 -9.73 0.06
N SER A 20 11.44 -9.22 1.07
CA SER A 20 12.49 -10.00 1.78
C SER A 20 12.74 -9.41 3.17
N VAL A 21 13.85 -9.75 3.77
CA VAL A 21 14.14 -9.22 5.13
C VAL A 21 14.54 -7.74 5.05
N THR A 22 14.72 -7.22 3.87
CA THR A 22 15.11 -5.78 3.73
C THR A 22 13.87 -4.90 3.60
N VAL A 23 12.92 -5.28 2.80
CA VAL A 23 11.70 -4.44 2.64
C VAL A 23 10.47 -5.15 3.22
N ARG A 24 9.51 -4.41 3.69
CA ARG A 24 8.29 -5.03 4.25
C ARG A 24 7.17 -4.96 3.22
N ARG A 25 6.01 -5.49 3.53
CA ARG A 25 4.89 -5.44 2.54
C ARG A 25 3.99 -4.24 2.85
N HIS A 26 3.31 -3.75 1.86
CA HIS A 26 2.42 -2.58 2.09
C HIS A 26 1.40 -2.48 0.95
N HIS A 27 0.15 -2.74 1.20
CA HIS A 27 -0.82 -2.65 0.07
C HIS A 27 -1.76 -1.45 0.24
N CYS A 28 -2.07 -0.77 -0.83
CA CYS A 28 -2.97 0.41 -0.77
C CYS A 28 -4.41 -0.02 -0.48
N ARG A 29 -5.03 0.58 0.50
CA ARG A 29 -6.44 0.22 0.84
C ARG A 29 -7.42 0.90 -0.12
N GLN A 30 -6.94 1.80 -0.93
CA GLN A 30 -7.85 2.51 -1.88
C GLN A 30 -7.80 1.82 -3.24
N CYS A 31 -6.64 1.66 -3.80
CA CYS A 31 -6.53 0.99 -5.12
C CYS A 31 -6.55 -0.52 -4.94
N GLY A 32 -6.05 -1.00 -3.82
CA GLY A 32 -6.04 -2.46 -3.57
C GLY A 32 -4.81 -3.07 -4.24
N ASN A 33 -3.66 -2.50 -4.02
CA ASN A 33 -2.43 -3.04 -4.65
C ASN A 33 -1.34 -3.29 -3.61
N ILE A 34 -0.28 -3.97 -3.97
CA ILE A 34 0.81 -4.23 -3.01
C ILE A 34 2.05 -3.40 -3.41
N PHE A 35 2.63 -2.69 -2.48
CA PHE A 35 3.83 -1.87 -2.83
C PHE A 35 4.93 -2.07 -1.80
N CYS A 36 6.17 -1.93 -2.20
CA CYS A 36 7.29 -2.11 -1.24
C CYS A 36 7.38 -0.89 -0.31
N ALA A 37 7.97 -1.06 0.84
CA ALA A 37 8.08 0.08 1.79
C ALA A 37 8.47 1.36 1.03
N GLU A 38 9.13 1.22 -0.08
CA GLU A 38 9.54 2.43 -0.86
C GLU A 38 8.37 2.97 -1.68
N CYS A 39 7.52 2.10 -2.19
CA CYS A 39 6.37 2.57 -3.00
C CYS A 39 5.19 2.90 -2.07
N SER A 40 5.07 2.17 -1.00
CA SER A 40 3.95 2.41 -0.05
C SER A 40 4.37 3.41 1.03
N ALA A 41 5.43 4.13 0.81
CA ALA A 41 5.88 5.13 1.83
C ALA A 41 4.96 6.35 1.82
N LYS A 42 3.67 6.13 1.86
CA LYS A 42 2.71 7.28 1.85
C LYS A 42 1.43 6.89 2.58
N ASN A 43 0.99 7.71 3.50
CA ASN A 43 -0.26 7.39 4.25
C ASN A 43 -1.16 8.62 4.29
N ALA A 44 -2.45 8.43 4.41
CA ALA A 44 -3.37 9.60 4.45
C ALA A 44 -4.53 9.34 5.41
N LEU A 45 -5.09 10.38 5.96
CA LEU A 45 -6.22 10.20 6.89
C LEU A 45 -7.54 10.52 6.19
N THR A 46 -8.55 9.74 6.45
CA THR A 46 -9.87 9.99 5.78
C THR A 46 -10.98 10.06 6.82
N PRO A 47 -12.09 10.60 6.41
CA PRO A 47 -13.27 10.71 7.31
C PRO A 47 -13.88 9.34 7.56
N SER A 48 -13.42 8.34 6.85
CA SER A 48 -13.97 6.97 7.04
C SER A 48 -13.55 6.42 8.40
N SER A 49 -12.27 6.39 8.67
CA SER A 49 -11.79 5.86 9.98
C SER A 49 -11.09 6.96 10.77
N LYS A 50 -11.19 8.19 10.33
CA LYS A 50 -10.54 9.31 11.06
C LYS A 50 -9.09 8.94 11.41
N LYS A 51 -8.49 8.07 10.65
CA LYS A 51 -7.08 7.68 10.94
C LYS A 51 -6.28 7.63 9.65
N PRO A 52 -4.98 7.58 9.80
CA PRO A 52 -4.09 7.55 8.62
C PRO A 52 -4.17 6.19 7.90
N VAL A 53 -4.96 6.11 6.87
CA VAL A 53 -5.08 4.81 6.12
C VAL A 53 -3.81 4.57 5.31
N ARG A 54 -3.57 3.36 4.90
CA ARG A 54 -2.34 3.07 4.11
C ARG A 54 -2.64 3.15 2.61
N VAL A 55 -2.03 4.08 1.93
CA VAL A 55 -2.27 4.22 0.46
C VAL A 55 -0.99 4.68 -0.25
N CYS A 56 -0.65 4.06 -1.34
CA CYS A 56 0.59 4.46 -2.07
C CYS A 56 0.53 5.95 -2.43
N ASP A 57 1.61 6.48 -2.94
CA ASP A 57 1.61 7.92 -3.31
C ASP A 57 0.42 8.24 -4.23
N ALA A 58 0.29 7.52 -5.30
CA ALA A 58 -0.85 7.77 -6.24
C ALA A 58 -2.15 7.97 -5.45
N CYS A 59 -2.57 6.99 -4.71
CA CYS A 59 -3.82 7.13 -3.92
C CYS A 59 -3.67 8.25 -2.88
N PHE A 60 -2.56 8.29 -2.18
CA PHE A 60 -2.37 9.37 -1.16
C PHE A 60 -2.85 10.71 -1.72
N ASN A 61 -2.39 11.06 -2.89
CA ASN A 61 -2.81 12.36 -3.49
C ASN A 61 -4.32 12.36 -3.75
N ASP A 62 -4.87 11.25 -4.17
CA ASP A 62 -6.33 11.20 -4.42
C ASP A 62 -7.11 11.71 -3.20
N LEU A 63 -6.66 11.34 -2.02
CA LEU A 63 -7.37 11.81 -0.79
C LEU A 63 -7.06 13.29 -0.54
N GLN A 64 -5.87 13.72 -0.83
CA GLN A 64 -5.52 15.15 -0.59
C GLN A 64 -6.42 16.07 -1.44
N GLY A 65 -7.09 15.52 -2.41
CA GLY A 65 -7.98 16.36 -3.26
C GLY A 65 -7.65 16.12 -4.74
ZN ZN B . 7.50 -0.82 -5.23
ZN ZN C . -3.47 3.14 -4.91
C1 ITP D . 0.78 -4.99 6.98
O1 ITP D . 1.62 -5.89 7.85
C2 ITP D . -0.73 -5.02 7.11
O2 ITP D . -1.34 -6.24 6.65
C3 ITP D . -1.21 -3.82 6.34
O3 ITP D . -2.59 -3.63 6.57
C4 ITP D . -0.86 -3.93 4.79
O4 ITP D . -1.21 -2.69 4.18
C5 ITP D . 0.62 -4.09 4.56
O5 ITP D . 0.80 -4.55 3.18
C6 ITP D . 1.25 -5.14 5.50
O6 ITP D . 2.61 -4.92 5.48
P1 ITP D . 3.15 -6.46 7.50
OP1 ITP D . 3.14 -7.14 6.21
OP2 ITP D . 3.55 -7.41 8.58
OP3 ITP D . 3.80 -5.11 7.63
P3 ITP D . -3.17 -3.37 7.97
O10 ITP D . -2.35 -2.31 8.37
O11 ITP D . -4.56 -3.16 7.62
O12 ITP D . -2.98 -4.60 8.68
H1 ITP D . 1.12 -3.97 7.12
H2 ITP D . -0.97 -4.92 8.17
HO2 ITP D . -0.69 -6.73 6.00
H3 ITP D . -0.67 -2.92 6.65
H4 ITP D . -1.47 -4.73 4.36
HO4 ITP D . -0.80 -1.92 4.72
H5 ITP D . 1.07 -3.11 4.69
HO5 ITP D . 1.80 -4.58 2.96
H6 ITP D . 0.95 -6.12 5.09
HO6 ITP D . 2.99 -5.16 4.56
N ARG A 1 -4.44 -14.91 4.92
CA ARG A 1 -5.61 -15.48 4.18
C ARG A 1 -6.83 -14.56 4.34
N LYS A 2 -6.71 -13.33 3.91
CA LYS A 2 -7.85 -12.39 4.03
C LYS A 2 -7.78 -11.32 2.92
N TRP A 3 -6.76 -10.50 2.95
CA TRP A 3 -6.63 -9.45 1.90
C TRP A 3 -5.25 -9.51 1.24
N ALA A 4 -4.67 -8.38 0.96
CA ALA A 4 -3.32 -8.36 0.33
C ALA A 4 -2.26 -8.82 1.33
N GLU A 5 -2.12 -10.10 1.52
CA GLU A 5 -1.10 -10.60 2.49
C GLU A 5 0.14 -11.08 1.75
N ASP A 6 -0.03 -12.05 0.88
CA ASP A 6 1.14 -12.57 0.11
C ASP A 6 0.65 -13.58 -0.93
N ASN A 7 -0.36 -14.33 -0.61
CA ASN A 7 -0.89 -15.33 -1.57
C ASN A 7 -1.51 -14.61 -2.78
N GLU A 8 -1.86 -13.36 -2.61
CA GLU A 8 -2.45 -12.60 -3.75
C GLU A 8 -1.37 -11.80 -4.46
N VAL A 9 -0.56 -11.09 -3.71
CA VAL A 9 0.52 -10.29 -4.34
C VAL A 9 1.89 -10.84 -3.95
N GLN A 10 2.93 -10.31 -4.51
CA GLN A 10 4.31 -10.78 -4.19
C GLN A 10 5.31 -9.87 -4.91
N ASN A 11 4.94 -8.64 -5.08
CA ASN A 11 5.83 -7.68 -5.80
C ASN A 11 5.27 -6.25 -5.69
N CYS A 12 6.00 -5.34 -5.10
CA CYS A 12 5.48 -3.94 -4.99
C CYS A 12 4.89 -3.53 -6.35
N MET A 13 3.61 -3.33 -6.43
CA MET A 13 2.99 -2.94 -7.73
C MET A 13 3.84 -1.86 -8.42
N ALA A 14 4.36 -0.92 -7.68
CA ALA A 14 5.19 0.15 -8.31
C ALA A 14 6.61 -0.35 -8.56
N CYS A 15 7.49 -0.20 -7.61
CA CYS A 15 8.89 -0.67 -7.81
C CYS A 15 8.86 -2.07 -8.42
N GLY A 16 7.91 -2.87 -8.02
CA GLY A 16 7.81 -4.25 -8.59
C GLY A 16 8.98 -5.10 -8.11
N LYS A 17 9.54 -4.78 -6.97
CA LYS A 17 10.67 -5.60 -6.45
C LYS A 17 10.14 -6.85 -5.75
N GLY A 18 10.77 -7.96 -5.99
CA GLY A 18 10.31 -9.22 -5.35
C GLY A 18 10.58 -9.17 -3.85
N PHE A 19 9.58 -8.87 -3.07
CA PHE A 19 9.76 -8.81 -1.60
C PHE A 19 10.70 -9.92 -1.12
N SER A 20 11.31 -9.76 0.03
CA SER A 20 12.24 -10.82 0.52
C SER A 20 12.65 -10.54 1.97
N VAL A 21 13.60 -11.28 2.47
CA VAL A 21 14.05 -11.07 3.87
C VAL A 21 14.78 -9.73 4.00
N THR A 22 15.24 -9.17 2.91
CA THR A 22 15.95 -7.86 2.98
C THR A 22 14.96 -6.70 2.85
N VAL A 23 13.75 -6.96 2.43
CA VAL A 23 12.75 -5.86 2.28
C VAL A 23 11.42 -6.27 2.93
N ARG A 24 10.73 -5.32 3.52
CA ARG A 24 9.42 -5.64 4.16
C ARG A 24 8.33 -5.66 3.08
N ARG A 25 7.11 -5.96 3.45
CA ARG A 25 6.03 -5.99 2.43
C ARG A 25 4.72 -5.45 3.01
N HIS A 26 4.24 -4.35 2.49
CA HIS A 26 2.97 -3.76 3.00
C HIS A 26 1.94 -3.69 1.87
N HIS A 27 0.75 -3.21 2.13
CA HIS A 27 -0.25 -3.13 1.03
C HIS A 27 -1.19 -1.93 1.19
N CYS A 28 -1.69 -1.44 0.09
CA CYS A 28 -2.62 -0.28 0.12
C CYS A 28 -4.02 -0.75 0.53
N ARG A 29 -4.58 -0.15 1.54
CA ARG A 29 -5.93 -0.56 2.01
C ARG A 29 -7.02 0.01 1.11
N GLN A 30 -6.66 0.86 0.18
CA GLN A 30 -7.68 1.45 -0.73
C GLN A 30 -7.86 0.57 -1.97
N CYS A 31 -6.88 0.52 -2.83
CA CYS A 31 -7.00 -0.32 -4.06
C CYS A 31 -6.89 -1.81 -3.70
N GLY A 32 -6.13 -2.12 -2.69
CA GLY A 32 -5.97 -3.56 -2.29
C GLY A 32 -4.74 -4.13 -3.00
N ASN A 33 -3.69 -3.36 -3.09
CA ASN A 33 -2.46 -3.85 -3.77
C ASN A 33 -1.28 -3.80 -2.79
N ILE A 34 -0.09 -4.13 -3.23
CA ILE A 34 1.07 -4.10 -2.29
C ILE A 34 2.15 -3.13 -2.77
N PHE A 35 2.97 -2.68 -1.87
CA PHE A 35 4.06 -1.73 -2.22
C PHE A 35 5.27 -1.97 -1.31
N CYS A 36 6.43 -1.57 -1.73
CA CYS A 36 7.63 -1.79 -0.86
C CYS A 36 7.66 -0.70 0.22
N ALA A 37 8.42 -0.92 1.26
CA ALA A 37 8.47 0.10 2.35
C ALA A 37 8.56 1.53 1.78
N GLU A 38 9.06 1.66 0.57
CA GLU A 38 9.20 3.02 -0.03
C GLU A 38 7.90 3.44 -0.73
N CYS A 39 7.22 2.54 -1.38
CA CYS A 39 5.96 2.92 -2.09
C CYS A 39 4.79 2.95 -1.11
N SER A 40 4.74 2.02 -0.19
CA SER A 40 3.61 2.00 0.79
C SER A 40 3.96 2.88 1.99
N ALA A 41 4.99 3.66 1.89
CA ALA A 41 5.38 4.55 3.04
C ALA A 41 4.55 5.84 3.00
N LYS A 42 3.27 5.73 2.80
CA LYS A 42 2.43 6.96 2.76
C LYS A 42 1.18 6.79 3.62
N ASN A 43 0.63 7.86 4.10
CA ASN A 43 -0.60 7.78 4.93
C ASN A 43 -1.47 9.00 4.66
N ALA A 44 -2.55 8.82 3.95
CA ALA A 44 -3.43 9.98 3.64
C ALA A 44 -4.59 10.07 4.63
N LEU A 45 -4.77 11.22 5.23
CA LEU A 45 -5.89 11.38 6.21
C LEU A 45 -7.20 11.55 5.44
N THR A 46 -8.19 10.76 5.75
CA THR A 46 -9.49 10.87 5.03
C THR A 46 -10.56 11.48 5.94
N PRO A 47 -11.34 12.37 5.37
CA PRO A 47 -12.43 13.03 6.12
C PRO A 47 -13.57 12.03 6.36
N SER A 48 -13.49 10.88 5.75
CA SER A 48 -14.56 9.86 5.93
C SER A 48 -14.27 9.02 7.18
N SER A 49 -13.15 8.35 7.21
CA SER A 49 -12.81 7.51 8.40
C SER A 49 -12.45 8.42 9.58
N LYS A 50 -11.43 8.07 10.31
CA LYS A 50 -11.02 8.91 11.48
C LYS A 50 -9.51 8.86 11.67
N LYS A 51 -8.77 8.61 10.62
CA LYS A 51 -7.30 8.55 10.74
C LYS A 51 -6.64 8.49 9.36
N PRO A 52 -5.35 8.41 9.37
CA PRO A 52 -4.58 8.34 8.10
C PRO A 52 -4.65 6.93 7.52
N VAL A 53 -5.17 6.79 6.34
CA VAL A 53 -5.25 5.43 5.73
C VAL A 53 -3.95 5.10 5.00
N ARG A 54 -3.38 3.95 5.28
CA ARG A 54 -2.11 3.56 4.59
C ARG A 54 -2.38 3.21 3.13
N VAL A 55 -1.90 4.01 2.23
CA VAL A 55 -2.15 3.72 0.78
C VAL A 55 -0.92 4.15 -0.04
N CYS A 56 -0.58 3.38 -1.04
CA CYS A 56 0.60 3.74 -1.88
C CYS A 56 0.55 5.23 -2.25
N ASP A 57 1.69 5.83 -2.48
CA ASP A 57 1.70 7.27 -2.84
C ASP A 57 0.59 7.58 -3.86
N ALA A 58 0.63 6.96 -5.00
CA ALA A 58 -0.41 7.20 -6.03
C ALA A 58 -1.79 7.35 -5.36
N CYS A 59 -2.17 6.36 -4.59
CA CYS A 59 -3.49 6.43 -3.91
C CYS A 59 -3.54 7.67 -3.00
N PHE A 60 -2.54 7.86 -2.19
CA PHE A 60 -2.53 9.05 -1.31
C PHE A 60 -2.96 10.29 -2.09
N ASN A 61 -2.73 10.30 -3.37
CA ASN A 61 -3.14 11.48 -4.20
C ASN A 61 -4.65 11.41 -4.50
N ASP A 62 -5.14 10.26 -4.84
CA ASP A 62 -6.60 10.13 -5.14
C ASP A 62 -7.41 10.46 -3.89
N LEU A 63 -6.76 10.48 -2.75
CA LEU A 63 -7.48 10.80 -1.48
C LEU A 63 -7.46 12.31 -1.24
N GLN A 64 -6.36 12.96 -1.52
CA GLN A 64 -6.28 14.42 -1.33
C GLN A 64 -7.52 15.09 -1.93
N GLY A 65 -8.13 14.46 -2.90
CA GLY A 65 -9.34 15.06 -3.52
C GLY A 65 -10.33 13.94 -3.86
ZN ZN B . 8.13 0.48 -4.90
ZN ZN C . -3.68 1.54 -4.22
C1 ITP D . 2.51 -7.04 6.98
O1 ITP D . 3.21 -8.17 7.68
C2 ITP D . 1.48 -6.21 7.72
O2 ITP D . 0.25 -6.93 8.01
C3 ITP D . 1.23 -5.01 6.84
O3 ITP D . 0.41 -4.10 7.54
C4 ITP D . 0.63 -5.43 5.41
O4 ITP D . 0.61 -4.26 4.62
C5 ITP D . 1.53 -6.39 4.70
O5 ITP D . 0.74 -6.96 3.58
C6 ITP D . 1.96 -7.56 5.61
O6 ITP D . 3.03 -8.18 4.97
P1 ITP D . 4.79 -8.62 7.45
OP1 ITP D . 4.88 -9.53 6.30
OP2 ITP D . 5.26 -9.30 8.68
OP3 ITP D . 5.28 -7.21 7.31
P3 ITP D . -0.28 -2.91 6.85
O10 ITP D . -1.30 -3.60 6.17
O11 ITP D . -0.58 -2.10 8.01
O12 ITP D . 0.73 -2.32 6.02
H1 ITP D . 3.25 -6.35 6.57
H2 ITP D . 1.91 -5.91 8.67
HO2 ITP D . -0.15 -7.31 7.15
H3 ITP D . 2.17 -4.54 6.58
H4 ITP D . -0.39 -5.77 5.57
HO4 ITP D . 1.35 -3.62 4.93
H5 ITP D . 2.37 -5.83 4.33
HO5 ITP D . 0.67 -6.26 2.83
H6 ITP D . 1.08 -8.18 5.75
HO6 ITP D . 3.90 -7.67 5.19
N ARG A 1 -7.42 -11.97 4.00
CA ARG A 1 -7.81 -12.90 2.90
C ARG A 1 -8.88 -12.25 2.01
N LYS A 2 -8.96 -10.94 2.03
CA LYS A 2 -9.99 -10.26 1.17
C LYS A 2 -9.32 -9.18 0.31
N TRP A 3 -8.02 -9.06 0.38
CA TRP A 3 -7.32 -8.04 -0.45
C TRP A 3 -5.97 -8.58 -0.93
N ALA A 4 -5.23 -7.80 -1.67
CA ALA A 4 -3.90 -8.29 -2.15
C ALA A 4 -2.93 -8.38 -0.98
N GLU A 5 -2.99 -9.46 -0.24
CA GLU A 5 -2.07 -9.61 0.92
C GLU A 5 -0.83 -10.42 0.53
N ASP A 6 -0.89 -11.71 0.67
CA ASP A 6 0.29 -12.55 0.30
C ASP A 6 -0.15 -13.83 -0.43
N ASN A 7 -1.41 -13.95 -0.72
CA ASN A 7 -1.89 -15.17 -1.44
C ASN A 7 -1.55 -15.06 -2.93
N GLU A 8 -1.82 -13.93 -3.51
CA GLU A 8 -1.52 -13.75 -4.96
C GLU A 8 -0.46 -12.67 -5.14
N VAL A 9 0.06 -12.14 -4.06
CA VAL A 9 1.10 -11.08 -4.17
C VAL A 9 2.36 -11.49 -3.39
N GLN A 10 3.51 -11.29 -3.99
CA GLN A 10 4.78 -11.66 -3.29
C GLN A 10 5.85 -10.63 -3.62
N ASN A 11 5.46 -9.50 -4.11
CA ASN A 11 6.46 -8.44 -4.45
C ASN A 11 5.74 -7.13 -4.80
N CYS A 12 6.36 -6.02 -4.54
CA CYS A 12 5.71 -4.71 -4.86
C CYS A 12 5.07 -4.77 -6.25
N MET A 13 3.98 -4.06 -6.44
CA MET A 13 3.32 -4.06 -7.76
C MET A 13 4.00 -3.06 -8.70
N ALA A 14 4.40 -1.94 -8.18
CA ALA A 14 5.08 -0.91 -9.02
C ALA A 14 6.55 -1.29 -9.23
N CYS A 15 7.38 -1.02 -8.27
CA CYS A 15 8.82 -1.39 -8.43
C CYS A 15 8.93 -2.84 -8.89
N GLY A 16 8.09 -3.69 -8.38
CA GLY A 16 8.11 -5.12 -8.79
C GLY A 16 9.26 -5.84 -8.07
N LYS A 17 9.61 -5.41 -6.90
CA LYS A 17 10.73 -6.08 -6.16
C LYS A 17 10.18 -7.21 -5.28
N GLY A 18 10.78 -8.36 -5.36
CA GLY A 18 10.32 -9.51 -4.51
C GLY A 18 10.60 -9.20 -3.04
N PHE A 19 9.59 -8.84 -2.30
CA PHE A 19 9.79 -8.51 -0.85
C PHE A 19 10.87 -9.41 -0.23
N SER A 20 11.51 -8.94 0.81
CA SER A 20 12.57 -9.77 1.45
C SER A 20 12.71 -9.38 2.92
N VAL A 21 13.91 -9.39 3.44
CA VAL A 21 14.12 -9.02 4.87
C VAL A 21 14.35 -7.51 5.00
N THR A 22 14.73 -6.86 3.94
CA THR A 22 14.98 -5.39 4.00
C THR A 22 13.69 -4.61 3.76
N VAL A 23 12.81 -5.14 2.96
CA VAL A 23 11.54 -4.41 2.68
C VAL A 23 10.34 -5.27 3.10
N ARG A 24 9.27 -4.65 3.51
CA ARG A 24 8.07 -5.43 3.93
C ARG A 24 7.03 -5.45 2.81
N ARG A 25 5.91 -6.07 3.04
CA ARG A 25 4.86 -6.11 1.98
C ARG A 25 3.67 -5.23 2.40
N HIS A 26 3.70 -3.98 2.05
CA HIS A 26 2.57 -3.07 2.42
C HIS A 26 1.49 -3.12 1.34
N HIS A 27 0.26 -3.30 1.72
CA HIS A 27 -0.83 -3.34 0.69
C HIS A 27 -1.67 -2.06 0.74
N CYS A 28 -1.99 -1.52 -0.40
CA CYS A 28 -2.82 -0.28 -0.43
C CYS A 28 -4.25 -0.60 0.02
N ARG A 29 -4.61 -0.16 1.20
CA ARG A 29 -5.99 -0.44 1.71
C ARG A 29 -7.05 0.16 0.79
N GLN A 30 -6.67 1.06 -0.07
CA GLN A 30 -7.67 1.67 -1.00
C GLN A 30 -7.76 0.88 -2.30
N CYS A 31 -6.88 1.14 -3.22
CA CYS A 31 -6.92 0.40 -4.51
C CYS A 31 -6.95 -1.10 -4.26
N GLY A 32 -6.21 -1.57 -3.28
CA GLY A 32 -6.19 -3.04 -2.99
C GLY A 32 -4.98 -3.67 -3.68
N ASN A 33 -3.83 -3.07 -3.55
CA ASN A 33 -2.61 -3.64 -4.20
C ASN A 33 -1.44 -3.63 -3.21
N ILE A 34 -0.24 -3.89 -3.65
CA ILE A 34 0.91 -3.90 -2.70
C ILE A 34 2.14 -3.26 -3.32
N PHE A 35 3.00 -2.73 -2.51
CA PHE A 35 4.23 -2.06 -3.01
C PHE A 35 5.34 -2.19 -1.97
N CYS A 36 6.52 -1.72 -2.29
CA CYS A 36 7.64 -1.83 -1.31
C CYS A 36 7.72 -0.55 -0.49
N ALA A 37 8.39 -0.59 0.62
CA ALA A 37 8.49 0.65 1.47
C ALA A 37 8.75 1.87 0.57
N GLU A 38 9.31 1.66 -0.59
CA GLU A 38 9.58 2.81 -1.49
C GLU A 38 8.29 3.30 -2.17
N CYS A 39 7.49 2.41 -2.69
CA CYS A 39 6.22 2.86 -3.34
C CYS A 39 5.12 3.03 -2.30
N SER A 40 5.04 2.13 -1.35
CA SER A 40 3.99 2.26 -0.29
C SER A 40 4.53 3.08 0.89
N ALA A 41 5.45 3.95 0.64
CA ALA A 41 6.02 4.78 1.74
C ALA A 41 5.12 5.99 2.02
N LYS A 42 3.83 5.84 1.92
CA LYS A 42 2.92 6.99 2.18
C LYS A 42 1.58 6.50 2.73
N ASN A 43 1.06 7.19 3.72
CA ASN A 43 -0.24 6.79 4.31
C ASN A 43 -0.99 8.04 4.78
N ALA A 44 -2.25 8.14 4.46
CA ALA A 44 -3.01 9.34 4.89
C ALA A 44 -4.33 8.95 5.55
N LEU A 45 -4.95 9.87 6.25
CA LEU A 45 -6.24 9.56 6.91
C LEU A 45 -7.36 10.38 6.26
N THR A 46 -8.54 9.85 6.24
CA THR A 46 -9.67 10.59 5.61
C THR A 46 -10.65 11.10 6.67
N PRO A 47 -11.19 12.26 6.42
CA PRO A 47 -12.17 12.85 7.36
C PRO A 47 -13.49 12.06 7.32
N SER A 48 -13.57 11.10 6.44
CA SER A 48 -14.81 10.27 6.34
C SER A 48 -14.87 9.26 7.49
N SER A 49 -13.74 8.93 8.05
CA SER A 49 -13.73 7.94 9.18
C SER A 49 -12.64 8.28 10.20
N LYS A 50 -12.04 9.44 10.08
CA LYS A 50 -10.97 9.82 11.05
C LYS A 50 -10.03 8.65 11.31
N LYS A 51 -9.23 8.27 10.34
CA LYS A 51 -8.29 7.13 10.54
C LYS A 51 -7.25 7.10 9.42
N PRO A 52 -6.01 6.93 9.80
CA PRO A 52 -4.91 6.89 8.81
C PRO A 52 -4.93 5.58 8.02
N VAL A 53 -4.84 5.65 6.73
CA VAL A 53 -4.84 4.41 5.90
C VAL A 53 -3.58 4.36 5.03
N ARG A 54 -2.91 3.23 5.00
CA ARG A 54 -1.69 3.13 4.16
C ARG A 54 -2.06 2.82 2.71
N VAL A 55 -1.54 3.59 1.80
CA VAL A 55 -1.85 3.35 0.36
C VAL A 55 -0.72 3.87 -0.52
N CYS A 56 -0.59 3.34 -1.71
CA CYS A 56 0.51 3.81 -2.61
C CYS A 56 0.40 5.32 -2.85
N ASP A 57 1.48 5.95 -3.20
CA ASP A 57 1.44 7.42 -3.45
C ASP A 57 0.20 7.78 -4.28
N ALA A 58 -0.03 7.08 -5.36
CA ALA A 58 -1.21 7.37 -6.21
C ALA A 58 -2.45 7.60 -5.35
N CYS A 59 -2.65 6.78 -4.36
CA CYS A 59 -3.85 6.95 -3.48
C CYS A 59 -3.60 8.04 -2.44
N PHE A 60 -2.45 8.04 -1.81
CA PHE A 60 -2.16 9.11 -0.80
C PHE A 60 -2.53 10.47 -1.38
N ASN A 61 -2.37 10.66 -2.65
CA ASN A 61 -2.71 11.97 -3.27
C ASN A 61 -4.23 12.04 -3.49
N ASP A 62 -4.82 10.98 -3.99
CA ASP A 62 -6.29 10.99 -4.23
C ASP A 62 -7.02 11.37 -2.94
N LEU A 63 -6.57 10.86 -1.83
CA LEU A 63 -7.22 11.20 -0.53
C LEU A 63 -7.00 12.68 -0.23
N GLN A 64 -5.88 13.21 -0.62
CA GLN A 64 -5.60 14.65 -0.38
C GLN A 64 -6.35 15.51 -1.40
N GLY A 65 -6.96 14.88 -2.38
CA GLY A 65 -7.71 15.66 -3.41
C GLY A 65 -7.73 14.87 -4.73
ZN ZN B . 8.04 0.01 -5.21
ZN ZN C . -3.60 2.16 -4.55
C1 ITP D . 2.49 -4.39 8.00
O1 ITP D . 2.05 -5.74 8.48
C2 ITP D . 1.55 -3.20 8.13
O2 ITP D . 1.07 -2.99 9.49
C3 ITP D . 0.42 -3.48 7.18
O3 ITP D . -0.27 -4.63 7.57
C4 ITP D . 0.93 -3.53 5.67
O4 ITP D . 1.63 -2.32 5.40
C5 ITP D . 1.92 -4.64 5.50
O5 ITP D . 1.20 -5.92 5.71
C6 ITP D . 3.05 -4.55 6.54
O6 ITP D . 3.76 -3.40 6.25
P1 ITP D . 2.99 -7.11 8.58
OP1 ITP D . 3.07 -7.73 7.25
OP2 ITP D . 2.38 -8.04 9.56
OP3 ITP D . 4.18 -6.36 9.11
P3 ITP D . -1.73 -4.60 8.06
O10 ITP D . -1.50 -4.02 9.33
O11 ITP D . -2.33 -3.84 6.99
O12 ITP D . -2.14 -5.96 8.06
H1 ITP D . 3.43 -4.13 8.48
H2 ITP D . 2.09 -2.30 7.84
HO2 ITP D . 1.67 -2.31 9.96
H3 ITP D . -0.27 -2.62 7.15
H4 ITP D . 0.06 -3.61 5.02
HO4 ITP D . 2.51 -2.54 4.92
H5 ITP D . 2.29 -4.58 4.48
HO5 ITP D . 1.41 -6.56 4.95
H6 ITP D . 3.63 -5.47 6.45
HO6 ITP D . 4.37 -3.55 5.45
N ARG A 1 -5.53 -10.78 2.17
CA ARG A 1 -6.34 -12.00 1.87
C ARG A 1 -7.40 -11.69 0.81
N LYS A 2 -8.19 -10.69 1.03
CA LYS A 2 -9.25 -10.33 0.03
C LYS A 2 -8.71 -9.28 -0.94
N TRP A 3 -8.00 -8.31 -0.45
CA TRP A 3 -7.45 -7.26 -1.35
C TRP A 3 -6.46 -7.86 -2.35
N ALA A 4 -5.18 -7.72 -2.12
CA ALA A 4 -4.20 -8.31 -3.07
C ALA A 4 -3.88 -9.74 -2.68
N GLU A 5 -4.78 -10.41 -2.02
CA GLU A 5 -4.54 -11.82 -1.61
C GLU A 5 -3.47 -11.88 -0.51
N ASP A 6 -2.31 -11.34 -0.77
CA ASP A 6 -1.21 -11.33 0.25
C ASP A 6 -0.52 -12.71 0.32
N ASN A 7 -1.16 -13.75 -0.15
CA ASN A 7 -0.51 -15.10 -0.10
C ASN A 7 0.23 -15.36 -1.42
N GLU A 8 -0.35 -14.96 -2.52
CA GLU A 8 0.32 -15.17 -3.84
C GLU A 8 1.05 -13.91 -4.27
N VAL A 9 0.78 -12.80 -3.63
CA VAL A 9 1.46 -11.52 -4.00
C VAL A 9 2.70 -11.33 -3.14
N GLN A 10 3.80 -11.89 -3.53
CA GLN A 10 5.04 -11.75 -2.73
C GLN A 10 5.93 -10.64 -3.30
N ASN A 11 5.33 -9.61 -3.82
CA ASN A 11 6.14 -8.50 -4.40
C ASN A 11 5.30 -7.22 -4.53
N CYS A 12 5.89 -6.08 -4.33
CA CYS A 12 5.14 -4.80 -4.43
C CYS A 12 4.39 -4.72 -5.76
N MET A 13 3.46 -3.81 -5.86
CA MET A 13 2.69 -3.66 -7.13
C MET A 13 3.39 -2.67 -8.05
N ALA A 14 3.75 -1.52 -7.55
CA ALA A 14 4.44 -0.51 -8.40
C ALA A 14 5.86 -0.95 -8.72
N CYS A 15 6.75 -0.89 -7.77
CA CYS A 15 8.15 -1.32 -8.03
C CYS A 15 8.15 -2.74 -8.59
N GLY A 16 7.24 -3.56 -8.14
CA GLY A 16 7.18 -4.95 -8.65
C GLY A 16 8.40 -5.74 -8.19
N LYS A 17 8.96 -5.37 -7.07
CA LYS A 17 10.16 -6.11 -6.56
C LYS A 17 9.73 -7.26 -5.64
N GLY A 18 10.27 -8.43 -5.87
CA GLY A 18 9.90 -9.59 -5.01
C GLY A 18 10.37 -9.33 -3.58
N PHE A 19 9.45 -9.03 -2.71
CA PHE A 19 9.81 -8.74 -1.29
C PHE A 19 10.85 -9.75 -0.79
N SER A 20 11.48 -9.45 0.32
CA SER A 20 12.52 -10.38 0.86
C SER A 20 12.67 -10.15 2.37
N VAL A 21 13.83 -10.42 2.90
CA VAL A 21 14.03 -10.21 4.37
C VAL A 21 14.43 -8.76 4.63
N THR A 22 15.18 -8.16 3.75
CA THR A 22 15.59 -6.74 3.95
C THR A 22 14.51 -5.80 3.42
N VAL A 23 13.76 -6.21 2.45
CA VAL A 23 12.70 -5.33 1.89
C VAL A 23 11.36 -5.62 2.60
N ARG A 24 10.58 -4.60 2.84
CA ARG A 24 9.27 -4.81 3.52
C ARG A 24 8.14 -4.80 2.50
N ARG A 25 6.92 -4.97 2.96
CA ARG A 25 5.76 -4.97 2.03
C ARG A 25 4.52 -4.44 2.76
N HIS A 26 3.66 -3.74 2.07
CA HIS A 26 2.43 -3.19 2.74
C HIS A 26 1.27 -3.17 1.76
N HIS A 27 0.05 -3.23 2.23
CA HIS A 27 -1.11 -3.21 1.29
C HIS A 27 -1.77 -1.83 1.30
N CYS A 28 -2.01 -1.25 0.16
CA CYS A 28 -2.68 0.08 0.13
C CYS A 28 -4.15 -0.11 0.47
N ARG A 29 -4.53 0.22 1.67
CA ARG A 29 -5.96 0.04 2.09
C ARG A 29 -6.91 0.83 1.19
N GLN A 30 -6.39 1.70 0.36
CA GLN A 30 -7.29 2.50 -0.52
C GLN A 30 -7.62 1.71 -1.80
N CYS A 31 -6.88 1.91 -2.85
CA CYS A 31 -7.16 1.17 -4.12
C CYS A 31 -7.16 -0.34 -3.89
N GLY A 32 -6.30 -0.82 -3.02
CA GLY A 32 -6.25 -2.28 -2.76
C GLY A 32 -5.03 -2.88 -3.45
N ASN A 33 -3.87 -2.31 -3.25
CA ASN A 33 -2.65 -2.84 -3.91
C ASN A 33 -1.46 -2.84 -2.93
N ILE A 34 -0.60 -3.82 -3.02
CA ILE A 34 0.57 -3.86 -2.10
C ILE A 34 1.71 -3.02 -2.68
N PHE A 35 2.49 -2.44 -1.82
CA PHE A 35 3.63 -1.62 -2.31
C PHE A 35 4.83 -1.82 -1.39
N CYS A 36 6.02 -1.59 -1.88
CA CYS A 36 7.21 -1.79 -1.02
C CYS A 36 7.46 -0.54 -0.17
N ALA A 37 8.25 -0.66 0.86
CA ALA A 37 8.53 0.52 1.73
C ALA A 37 8.75 1.76 0.87
N GLU A 38 9.19 1.58 -0.35
CA GLU A 38 9.43 2.75 -1.24
C GLU A 38 8.10 3.28 -1.80
N CYS A 39 7.23 2.41 -2.22
CA CYS A 39 5.91 2.87 -2.78
C CYS A 39 4.91 3.09 -1.66
N SER A 40 4.95 2.29 -0.63
CA SER A 40 3.99 2.46 0.49
C SER A 40 4.58 3.41 1.55
N ALA A 41 5.54 4.19 1.17
CA ALA A 41 6.16 5.13 2.16
C ALA A 41 5.26 6.35 2.37
N LYS A 42 4.06 6.34 1.84
CA LYS A 42 3.16 7.51 2.03
C LYS A 42 1.89 7.09 2.76
N ASN A 43 1.42 7.92 3.66
CA ASN A 43 0.17 7.59 4.42
C ASN A 43 -0.71 8.83 4.52
N ALA A 44 -2.00 8.65 4.59
CA ALA A 44 -2.91 9.83 4.69
C ALA A 44 -4.16 9.48 5.49
N LEU A 45 -4.96 10.47 5.82
CA LEU A 45 -6.20 10.19 6.60
C LEU A 45 -7.41 10.18 5.67
N THR A 46 -8.42 9.44 6.01
CA THR A 46 -9.63 9.39 5.14
C THR A 46 -10.80 10.10 5.80
N PRO A 47 -11.52 10.85 4.99
CA PRO A 47 -12.69 11.61 5.50
C PRO A 47 -13.85 10.65 5.79
N SER A 48 -13.75 9.43 5.32
CA SER A 48 -14.84 8.44 5.57
C SER A 48 -14.66 7.82 6.95
N SER A 49 -13.48 7.36 7.27
CA SER A 49 -13.24 6.75 8.61
C SER A 49 -12.40 7.71 9.45
N LYS A 50 -12.23 7.40 10.71
CA LYS A 50 -11.42 8.31 11.58
C LYS A 50 -10.03 7.73 11.81
N LYS A 51 -9.36 7.34 10.76
CA LYS A 51 -7.99 6.76 10.91
C LYS A 51 -7.19 6.91 9.62
N PRO A 52 -5.89 6.90 9.75
CA PRO A 52 -5.00 7.03 8.58
C PRO A 52 -4.95 5.71 7.80
N VAL A 53 -4.95 5.79 6.49
CA VAL A 53 -4.89 4.53 5.68
C VAL A 53 -3.57 4.45 4.92
N ARG A 54 -2.84 3.38 5.09
CA ARG A 54 -1.55 3.23 4.38
C ARG A 54 -1.81 2.97 2.90
N VAL A 55 -1.45 3.91 2.06
CA VAL A 55 -1.70 3.73 0.60
C VAL A 55 -0.46 4.13 -0.21
N CYS A 56 -0.36 3.68 -1.43
CA CYS A 56 0.82 4.05 -2.26
C CYS A 56 0.74 5.53 -2.67
N ASP A 57 1.87 6.13 -2.94
CA ASP A 57 1.88 7.57 -3.33
C ASP A 57 0.69 7.90 -4.25
N ALA A 58 0.50 7.13 -5.28
CA ALA A 58 -0.62 7.38 -6.22
C ALA A 58 -1.93 7.58 -5.45
N CYS A 59 -2.21 6.71 -4.50
CA CYS A 59 -3.46 6.84 -3.72
C CYS A 59 -3.37 8.03 -2.76
N PHE A 60 -2.29 8.11 -2.03
CA PHE A 60 -2.14 9.25 -1.07
C PHE A 60 -2.57 10.56 -1.73
N ASN A 61 -2.33 10.70 -3.01
CA ASN A 61 -2.74 11.95 -3.71
C ASN A 61 -4.24 11.92 -4.01
N ASP A 62 -4.76 10.79 -4.39
CA ASP A 62 -6.22 10.71 -4.70
C ASP A 62 -7.05 11.23 -3.52
N LEU A 63 -6.55 11.09 -2.33
CA LEU A 63 -7.32 11.58 -1.14
C LEU A 63 -7.10 13.09 -0.96
N GLN A 64 -5.90 13.56 -1.19
CA GLN A 64 -5.64 15.02 -1.03
C GLN A 64 -6.06 15.77 -2.29
N GLY A 65 -6.67 15.09 -3.23
CA GLY A 65 -7.10 15.76 -4.48
C GLY A 65 -8.59 15.53 -4.69
ZN ZN B . 7.04 -0.12 -4.90
ZN ZN C . -2.41 2.17 -3.81
C1 ITP D . 3.20 -6.81 6.42
O1 ITP D . 4.34 -7.66 6.91
C2 ITP D . 1.91 -6.74 7.22
O2 ITP D . 1.20 -8.01 7.29
C3 ITP D . 1.08 -5.67 6.57
O3 ITP D . -0.06 -5.43 7.35
C4 ITP D . 0.73 -6.02 5.05
O4 ITP D . 0.01 -4.94 4.51
C5 ITP D . 1.98 -6.14 4.25
O5 ITP D . 1.60 -6.65 2.92
C6 ITP D . 2.95 -7.15 4.90
O6 ITP D . 4.17 -6.98 4.26
P1 ITP D . 5.95 -7.37 6.69
OP1 ITP D . 6.12 -6.36 5.64
OP2 ITP D . 6.62 -8.65 6.30
OP3 ITP D . 6.17 -6.99 8.12
P3 ITP D . -0.69 -4.03 7.51
O10 ITP D . 0.47 -3.31 7.87
O11 ITP D . -1.29 -3.88 6.20
O12 ITP D . -1.66 -4.18 8.55
H1 ITP D . 3.56 -5.79 6.27
H2 ITP D . 2.17 -6.46 8.24
HO2 ITP D . 0.22 -7.84 7.57
H3 ITP D . 1.66 -4.74 6.47
H4 ITP D . 0.10 -6.91 5.06
HO4 ITP D . -1.01 -5.13 4.57
H5 ITP D . 2.41 -5.15 4.17
HO5 ITP D . 2.00 -6.05 2.20
H6 ITP D . 2.51 -8.13 4.79
HO6 ITP D . 4.74 -7.83 4.38
N ARG A 1 -4.75 -10.31 6.75
CA ARG A 1 -4.80 -10.17 5.27
C ARG A 1 -6.20 -10.54 4.74
N LYS A 2 -6.79 -9.68 3.95
CA LYS A 2 -8.15 -10.00 3.40
C LYS A 2 -8.57 -8.91 2.42
N TRP A 3 -7.65 -8.40 1.64
CA TRP A 3 -8.02 -7.34 0.66
C TRP A 3 -6.89 -7.16 -0.38
N ALA A 4 -5.80 -6.58 0.03
CA ALA A 4 -4.68 -6.38 -0.92
C ALA A 4 -3.99 -7.72 -1.20
N GLU A 5 -4.57 -8.51 -2.07
CA GLU A 5 -3.96 -9.84 -2.38
C GLU A 5 -3.45 -10.49 -1.08
N ASP A 6 -4.07 -10.18 0.02
CA ASP A 6 -3.64 -10.77 1.32
C ASP A 6 -2.12 -10.70 1.43
N ASN A 7 -1.43 -11.74 1.02
CA ASN A 7 0.05 -11.73 1.10
C ASN A 7 0.62 -12.82 0.17
N GLU A 8 -0.13 -13.21 -0.81
CA GLU A 8 0.36 -14.27 -1.75
C GLU A 8 1.08 -13.62 -2.93
N VAL A 9 1.44 -12.38 -2.81
CA VAL A 9 2.14 -11.70 -3.94
C VAL A 9 3.66 -11.75 -3.74
N GLN A 10 4.12 -11.50 -2.55
CA GLN A 10 5.58 -11.56 -2.29
C GLN A 10 6.34 -10.64 -3.26
N ASN A 11 5.66 -9.71 -3.87
CA ASN A 11 6.34 -8.80 -4.82
C ASN A 11 5.52 -7.52 -5.03
N CYS A 12 6.11 -6.38 -4.80
CA CYS A 12 5.35 -5.11 -4.99
C CYS A 12 4.76 -5.07 -6.40
N MET A 13 3.68 -4.36 -6.58
CA MET A 13 3.06 -4.28 -7.94
C MET A 13 3.70 -3.14 -8.74
N ALA A 14 4.06 -2.07 -8.07
CA ALA A 14 4.69 -0.92 -8.79
C ALA A 14 6.15 -1.25 -9.11
N CYS A 15 7.02 -1.13 -8.13
CA CYS A 15 8.46 -1.43 -8.38
C CYS A 15 8.62 -2.87 -8.84
N GLY A 16 7.93 -3.77 -8.20
CA GLY A 16 8.02 -5.20 -8.61
C GLY A 16 9.26 -5.84 -7.97
N LYS A 17 9.63 -5.42 -6.79
CA LYS A 17 10.83 -6.02 -6.13
C LYS A 17 10.43 -7.24 -5.28
N GLY A 18 11.14 -8.31 -5.41
CA GLY A 18 10.81 -9.53 -4.61
C GLY A 18 10.98 -9.22 -3.12
N PHE A 19 9.92 -9.02 -2.42
CA PHE A 19 10.01 -8.70 -0.97
C PHE A 19 11.05 -9.61 -0.29
N SER A 20 11.88 -9.04 0.54
CA SER A 20 12.90 -9.86 1.25
C SER A 20 13.09 -9.33 2.69
N VAL A 21 14.27 -9.47 3.24
CA VAL A 21 14.49 -8.96 4.62
C VAL A 21 14.86 -7.48 4.58
N THR A 22 15.15 -6.96 3.41
CA THR A 22 15.52 -5.53 3.31
C THR A 22 14.28 -4.67 3.07
N VAL A 23 13.29 -5.21 2.42
CA VAL A 23 12.06 -4.42 2.16
C VAL A 23 10.82 -5.22 2.60
N ARG A 24 10.00 -4.64 3.44
CA ARG A 24 8.78 -5.35 3.90
C ARG A 24 7.68 -5.29 2.84
N ARG A 25 6.84 -6.28 2.79
CA ARG A 25 5.76 -6.28 1.77
C ARG A 25 4.58 -5.42 2.26
N HIS A 26 4.25 -4.38 1.54
CA HIS A 26 3.11 -3.51 1.95
C HIS A 26 2.06 -3.47 0.83
N HIS A 27 0.89 -2.99 1.11
CA HIS A 27 -0.15 -2.92 0.04
C HIS A 27 -1.15 -1.79 0.33
N CYS A 28 -1.66 -1.16 -0.69
CA CYS A 28 -2.63 -0.05 -0.49
C CYS A 28 -3.97 -0.61 0.03
N ARG A 29 -4.57 0.05 0.99
CA ARG A 29 -5.86 -0.44 1.54
C ARG A 29 -7.04 0.08 0.71
N GLN A 30 -6.81 1.04 -0.13
CA GLN A 30 -7.93 1.58 -0.96
C GLN A 30 -8.17 0.67 -2.17
N CYS A 31 -7.28 0.67 -3.12
CA CYS A 31 -7.47 -0.18 -4.32
C CYS A 31 -7.16 -1.65 -3.98
N GLY A 32 -6.32 -1.86 -2.99
CA GLY A 32 -5.98 -3.26 -2.60
C GLY A 32 -4.80 -3.75 -3.45
N ASN A 33 -3.80 -2.92 -3.62
CA ASN A 33 -2.62 -3.34 -4.44
C ASN A 33 -1.44 -3.65 -3.52
N ILE A 34 -0.42 -4.29 -4.05
CA ILE A 34 0.75 -4.62 -3.20
C ILE A 34 1.90 -3.68 -3.53
N PHE A 35 2.39 -2.98 -2.54
CA PHE A 35 3.51 -2.03 -2.76
C PHE A 35 4.63 -2.27 -1.74
N CYS A 36 5.85 -1.98 -2.09
CA CYS A 36 6.96 -2.20 -1.12
C CYS A 36 7.05 -1.05 -0.13
N ALA A 37 7.85 -1.17 0.89
CA ALA A 37 7.98 -0.08 1.90
C ALA A 37 8.18 1.27 1.23
N GLU A 38 8.59 1.29 -0.01
CA GLU A 38 8.80 2.60 -0.69
C GLU A 38 7.52 3.05 -1.39
N CYS A 39 6.91 2.19 -2.15
CA CYS A 39 5.64 2.58 -2.86
C CYS A 39 4.52 2.86 -1.86
N SER A 40 4.37 2.02 -0.86
CA SER A 40 3.30 2.25 0.14
C SER A 40 3.81 3.12 1.29
N ALA A 41 4.82 3.92 1.03
CA ALA A 41 5.37 4.79 2.11
C ALA A 41 4.48 6.02 2.30
N LYS A 42 3.36 6.07 1.63
CA LYS A 42 2.46 7.25 1.77
C LYS A 42 1.29 6.91 2.71
N ASN A 43 0.96 7.80 3.60
CA ASN A 43 -0.16 7.54 4.54
C ASN A 43 -1.00 8.82 4.74
N ALA A 44 -2.24 8.79 4.33
CA ALA A 44 -3.10 9.99 4.49
C ALA A 44 -4.36 9.62 5.27
N LEU A 45 -5.12 10.59 5.68
CA LEU A 45 -6.36 10.29 6.45
C LEU A 45 -7.59 10.45 5.57
N THR A 46 -8.58 9.61 5.74
CA THR A 46 -9.80 9.72 4.92
C THR A 46 -10.87 10.54 5.65
N PRO A 47 -11.54 11.38 4.92
CA PRO A 47 -12.60 12.23 5.51
C PRO A 47 -13.79 11.36 5.93
N SER A 48 -13.78 10.12 5.54
CA SER A 48 -14.90 9.21 5.91
C SER A 48 -14.73 8.76 7.37
N SER A 49 -13.51 8.61 7.80
CA SER A 49 -13.27 8.18 9.22
C SER A 49 -12.03 8.92 9.76
N LYS A 50 -12.12 9.44 10.95
CA LYS A 50 -10.96 10.18 11.54
C LYS A 50 -9.79 9.21 11.79
N LYS A 51 -9.27 8.60 10.75
CA LYS A 51 -8.13 7.65 10.94
C LYS A 51 -7.28 7.59 9.67
N PRO A 52 -5.99 7.57 9.88
CA PRO A 52 -5.05 7.51 8.74
C PRO A 52 -5.00 6.10 8.16
N VAL A 53 -4.93 5.98 6.86
CA VAL A 53 -4.89 4.62 6.23
C VAL A 53 -3.69 4.50 5.29
N ARG A 54 -3.09 3.35 5.22
CA ARG A 54 -1.92 3.18 4.31
C ARG A 54 -2.39 3.20 2.85
N VAL A 55 -1.64 3.83 1.98
CA VAL A 55 -2.05 3.91 0.54
C VAL A 55 -0.85 4.28 -0.33
N CYS A 56 -0.85 3.85 -1.56
CA CYS A 56 0.30 4.19 -2.47
C CYS A 56 0.27 5.68 -2.81
N ASP A 57 1.39 6.23 -3.21
CA ASP A 57 1.44 7.68 -3.56
C ASP A 57 0.21 8.06 -4.39
N ALA A 58 -0.19 7.20 -5.30
CA ALA A 58 -1.38 7.53 -6.15
C ALA A 58 -2.60 7.79 -5.27
N CYS A 59 -3.05 6.79 -4.56
CA CYS A 59 -4.25 6.98 -3.67
C CYS A 59 -3.97 8.09 -2.66
N PHE A 60 -2.83 8.06 -2.02
CA PHE A 60 -2.52 9.12 -1.03
C PHE A 60 -2.88 10.50 -1.60
N ASN A 61 -2.49 10.78 -2.82
CA ASN A 61 -2.84 12.10 -3.42
C ASN A 61 -4.35 12.26 -3.50
N ASP A 62 -5.06 11.21 -3.82
CA ASP A 62 -6.54 11.31 -3.91
C ASP A 62 -7.13 11.58 -2.52
N LEU A 63 -6.53 11.02 -1.51
CA LEU A 63 -7.04 11.24 -0.13
C LEU A 63 -6.70 12.66 0.35
N GLN A 64 -5.47 13.06 0.18
CA GLN A 64 -5.08 14.45 0.61
C GLN A 64 -5.09 15.39 -0.59
N GLY A 65 -5.66 14.96 -1.68
CA GLY A 65 -5.70 15.84 -2.89
C GLY A 65 -4.30 16.33 -3.22
ZN ZN B . 7.31 -0.65 -5.20
ZN ZN C . -4.11 2.41 -4.14
C1 ITP D . 2.15 -5.42 7.15
O1 ITP D . 3.02 -6.19 8.12
C2 ITP D . 0.65 -5.49 7.28
O2 ITP D . 0.10 -6.80 6.96
C3 ITP D . 0.10 -4.41 6.37
O3 ITP D . -1.30 -4.50 6.37
C4 ITP D . 0.69 -4.42 4.87
O4 ITP D . 1.51 -3.28 4.71
C5 ITP D . 1.59 -5.60 4.61
O5 ITP D . 0.75 -6.81 4.66
C6 ITP D . 2.69 -5.72 5.71
O6 ITP D . 3.62 -4.75 5.42
P1 ITP D . 3.63 -7.71 7.90
OP1 ITP D . 2.79 -8.43 6.94
OP2 ITP D . 3.64 -8.42 9.21
OP3 ITP D . 4.98 -7.21 7.47
P3 ITP D . -2.20 -3.25 6.56
O10 ITP D . -3.45 -3.89 6.59
O11 ITP D . -1.61 -2.71 7.77
O12 ITP D . -1.93 -2.44 5.41
H1 ITP D . 2.45 -4.37 7.19
H2 ITP D . 0.39 -5.28 8.32
HO2 ITP D . 0.63 -7.52 7.46
H3 ITP D . 0.41 -3.43 6.73
H4 ITP D . -0.16 -4.37 4.19
HO4 ITP D . 1.39 -2.89 3.77
H5 ITP D . 2.02 -5.47 3.62
HO5 ITP D . 0.54 -7.11 3.70
H6 ITP D . 3.05 -6.75 5.64
HO6 ITP D . 3.84 -4.23 6.27
N ARG A 1 -4.90 -13.96 3.84
CA ARG A 1 -6.35 -14.14 4.12
C ARG A 1 -7.19 -13.42 3.06
N LYS A 2 -6.95 -12.17 2.86
CA LYS A 2 -7.73 -11.41 1.83
C LYS A 2 -7.09 -10.03 1.61
N TRP A 3 -7.87 -8.97 1.65
CA TRP A 3 -7.29 -7.62 1.43
C TRP A 3 -6.56 -7.57 0.08
N ALA A 4 -5.46 -6.87 0.02
CA ALA A 4 -4.71 -6.78 -1.27
C ALA A 4 -3.97 -8.09 -1.54
N GLU A 5 -4.67 -9.20 -1.53
CA GLU A 5 -4.01 -10.51 -1.79
C GLU A 5 -2.66 -10.57 -1.07
N ASP A 6 -2.67 -10.54 0.23
CA ASP A 6 -1.38 -10.60 1.00
C ASP A 6 -1.00 -12.06 1.25
N ASN A 7 -1.20 -12.92 0.29
CA ASN A 7 -0.84 -14.35 0.49
C ASN A 7 0.01 -14.86 -0.68
N GLU A 8 -0.22 -14.35 -1.85
CA GLU A 8 0.57 -14.81 -3.03
C GLU A 8 1.33 -13.63 -3.66
N VAL A 9 1.07 -12.43 -3.24
CA VAL A 9 1.78 -11.26 -3.84
C VAL A 9 3.14 -11.05 -3.18
N GLN A 10 4.10 -11.89 -3.46
CA GLN A 10 5.44 -11.71 -2.86
C GLN A 10 6.27 -10.75 -3.72
N ASN A 11 5.67 -9.67 -4.13
CA ASN A 11 6.39 -8.68 -4.99
C ASN A 11 5.59 -7.38 -5.12
N CYS A 12 6.17 -6.28 -4.73
CA CYS A 12 5.44 -4.97 -4.82
C CYS A 12 4.76 -4.84 -6.19
N MET A 13 3.73 -4.04 -6.26
CA MET A 13 3.01 -3.86 -7.54
C MET A 13 3.72 -2.83 -8.41
N ALA A 14 4.21 -1.77 -7.81
CA ALA A 14 4.91 -0.72 -8.60
C ALA A 14 6.40 -1.04 -8.71
N CYS A 15 7.15 -0.81 -7.66
CA CYS A 15 8.62 -1.10 -7.73
C CYS A 15 8.84 -2.52 -8.24
N GLY A 16 7.92 -3.40 -7.97
CA GLY A 16 8.07 -4.80 -8.44
C GLY A 16 9.32 -5.42 -7.83
N LYS A 17 9.60 -5.12 -6.59
CA LYS A 17 10.80 -5.70 -5.93
C LYS A 17 10.44 -7.03 -5.23
N GLY A 18 11.13 -8.09 -5.56
CA GLY A 18 10.83 -9.39 -4.92
C GLY A 18 10.97 -9.27 -3.41
N PHE A 19 9.89 -9.02 -2.72
CA PHE A 19 9.93 -8.87 -1.25
C PHE A 19 10.88 -9.91 -0.63
N SER A 20 11.59 -9.53 0.40
CA SER A 20 12.53 -10.49 1.06
C SER A 20 12.56 -10.23 2.56
N VAL A 21 13.71 -10.33 3.17
CA VAL A 21 13.80 -10.08 4.63
C VAL A 21 14.08 -8.61 4.91
N THR A 22 14.86 -7.97 4.08
CA THR A 22 15.18 -6.54 4.30
C THR A 22 14.15 -5.65 3.59
N VAL A 23 13.11 -6.25 3.06
CA VAL A 23 12.05 -5.44 2.37
C VAL A 23 10.67 -5.92 2.77
N ARG A 24 9.74 -5.03 2.94
CA ARG A 24 8.36 -5.44 3.35
C ARG A 24 7.39 -5.27 2.17
N ARG A 25 6.12 -5.48 2.40
CA ARG A 25 5.12 -5.34 1.30
C ARG A 25 3.90 -4.57 1.77
N HIS A 26 4.02 -3.30 2.00
CA HIS A 26 2.83 -2.54 2.45
C HIS A 26 1.85 -2.40 1.28
N HIS A 27 0.62 -2.77 1.45
CA HIS A 27 -0.34 -2.66 0.32
C HIS A 27 -1.31 -1.50 0.53
N CYS A 28 -1.71 -0.86 -0.54
CA CYS A 28 -2.67 0.28 -0.40
C CYS A 28 -4.03 -0.24 0.03
N ARG A 29 -4.50 0.18 1.17
CA ARG A 29 -5.83 -0.30 1.65
C ARG A 29 -6.95 0.38 0.86
N GLN A 30 -6.62 1.30 0.01
CA GLN A 30 -7.70 1.98 -0.79
C GLN A 30 -7.93 1.22 -2.10
N CYS A 31 -6.88 0.95 -2.83
CA CYS A 31 -7.03 0.22 -4.11
C CYS A 31 -6.96 -1.29 -3.88
N GLY A 32 -6.14 -1.71 -2.96
CA GLY A 32 -6.02 -3.17 -2.68
C GLY A 32 -4.81 -3.74 -3.43
N ASN A 33 -3.74 -3.00 -3.51
CA ASN A 33 -2.54 -3.52 -4.24
C ASN A 33 -1.35 -3.65 -3.28
N ILE A 34 -0.40 -4.49 -3.59
CA ILE A 34 0.77 -4.66 -2.69
C ILE A 34 1.88 -3.71 -3.11
N PHE A 35 2.42 -2.98 -2.17
CA PHE A 35 3.51 -2.02 -2.50
C PHE A 35 4.67 -2.21 -1.53
N CYS A 36 5.87 -1.91 -1.94
CA CYS A 36 7.02 -2.08 -1.01
C CYS A 36 7.11 -0.90 -0.04
N ALA A 37 7.88 -1.04 1.00
CA ALA A 37 8.01 0.06 1.98
C ALA A 37 8.29 1.40 1.26
N GLU A 38 8.77 1.33 0.06
CA GLU A 38 9.07 2.58 -0.69
C GLU A 38 7.83 3.10 -1.42
N CYS A 39 6.99 2.21 -1.90
CA CYS A 39 5.77 2.69 -2.64
C CYS A 39 4.65 3.01 -1.65
N SER A 40 4.40 2.15 -0.71
CA SER A 40 3.31 2.42 0.27
C SER A 40 3.86 3.19 1.48
N ALA A 41 4.94 3.89 1.30
CA ALA A 41 5.52 4.66 2.44
C ALA A 41 4.73 5.95 2.69
N LYS A 42 3.65 6.15 1.98
CA LYS A 42 2.84 7.39 2.18
C LYS A 42 1.55 7.06 2.93
N ASN A 43 0.97 8.04 3.57
CA ASN A 43 -0.31 7.79 4.32
C ASN A 43 -1.22 9.02 4.19
N ALA A 44 -2.49 8.84 4.46
CA ALA A 44 -3.43 10.00 4.35
C ALA A 44 -4.62 9.81 5.28
N LEU A 45 -5.01 10.84 5.98
CA LEU A 45 -6.17 10.72 6.90
C LEU A 45 -7.47 10.95 6.13
N THR A 46 -8.51 10.25 6.48
CA THR A 46 -9.81 10.44 5.76
C THR A 46 -10.95 10.59 6.75
N PRO A 47 -11.94 11.34 6.35
CA PRO A 47 -13.12 11.57 7.21
C PRO A 47 -13.98 10.31 7.30
N SER A 48 -13.69 9.33 6.49
CA SER A 48 -14.48 8.07 6.53
C SER A 48 -14.02 7.18 7.68
N SER A 49 -12.73 7.12 7.90
CA SER A 49 -12.21 6.27 9.01
C SER A 49 -11.53 7.14 10.07
N LYS A 50 -11.47 8.42 9.85
CA LYS A 50 -10.82 9.33 10.84
C LYS A 50 -9.40 8.84 11.14
N LYS A 51 -8.72 8.30 10.18
CA LYS A 51 -7.33 7.82 10.43
C LYS A 51 -6.51 7.87 9.13
N PRO A 52 -5.21 7.90 9.28
CA PRO A 52 -4.30 7.96 8.11
C PRO A 52 -4.25 6.60 7.40
N VAL A 53 -5.07 6.40 6.42
CA VAL A 53 -5.06 5.10 5.69
C VAL A 53 -3.78 4.95 4.87
N ARG A 54 -3.10 3.85 4.99
CA ARG A 54 -1.84 3.67 4.19
C ARG A 54 -2.18 3.41 2.72
N VAL A 55 -1.50 4.06 1.82
CA VAL A 55 -1.79 3.86 0.38
C VAL A 55 -0.57 4.24 -0.48
N CYS A 56 -0.50 3.75 -1.67
CA CYS A 56 0.66 4.09 -2.55
C CYS A 56 0.64 5.60 -2.86
N ASP A 57 1.78 6.17 -3.13
CA ASP A 57 1.82 7.63 -3.42
C ASP A 57 0.70 8.03 -4.38
N ALA A 58 0.21 7.12 -5.17
CA ALA A 58 -0.89 7.47 -6.11
C ALA A 58 -2.19 7.72 -5.35
N CYS A 59 -2.67 6.75 -4.63
CA CYS A 59 -3.94 6.94 -3.87
C CYS A 59 -3.77 8.08 -2.86
N PHE A 60 -2.63 8.13 -2.21
CA PHE A 60 -2.41 9.22 -1.21
C PHE A 60 -2.77 10.57 -1.82
N ASN A 61 -2.53 10.74 -3.10
CA ASN A 61 -2.86 12.03 -3.76
C ASN A 61 -4.37 12.16 -3.91
N ASP A 62 -5.03 11.10 -4.31
CA ASP A 62 -6.51 11.16 -4.47
C ASP A 62 -7.16 11.64 -3.17
N LEU A 63 -6.85 11.01 -2.07
CA LEU A 63 -7.43 11.43 -0.78
C LEU A 63 -7.21 12.94 -0.59
N GLN A 64 -6.00 13.39 -0.80
CA GLN A 64 -5.71 14.84 -0.64
C GLN A 64 -6.53 15.64 -1.64
N GLY A 65 -7.07 14.99 -2.64
CA GLY A 65 -7.88 15.71 -3.66
C GLY A 65 -7.07 15.88 -4.94
ZN ZN B . 7.10 -0.23 -5.15
ZN ZN C . -3.96 3.45 -4.34
C1 ITP D . 1.59 -6.30 6.25
O1 ITP D . 2.17 -7.61 6.73
C2 ITP D . 0.37 -5.72 6.92
O2 ITP D . -0.84 -6.50 6.69
C3 ITP D . 0.25 -4.32 6.40
O3 ITP D . -0.76 -3.64 7.10
C4 ITP D . 0.01 -4.29 4.81
O4 ITP D . 0.08 -2.93 4.40
C5 ITP D . 1.11 -5.00 4.09
O5 ITP D . 0.64 -5.21 2.71
C6 ITP D . 1.44 -6.37 4.69
O6 ITP D . 2.67 -6.74 4.19
P1 ITP D . 3.77 -8.01 6.80
OP1 ITP D . 4.46 -7.49 5.61
OP2 ITP D . 3.89 -9.49 6.86
OP3 ITP D . 4.00 -7.32 8.12
P3 ITP D . -2.18 -4.20 7.25
O10 ITP D . -1.98 -5.02 8.37
O11 ITP D . -2.92 -2.95 7.38
O12 ITP D . -2.46 -4.87 6.03
H1 ITP D . 2.38 -5.54 6.28
H2 ITP D . 0.54 -5.72 8.00
HO2 ITP D . -0.72 -7.08 5.85
H3 ITP D . 1.20 -3.79 6.50
H4 ITP D . -0.98 -4.69 4.61
HO4 ITP D . -0.87 -2.52 4.44
H5 ITP D . 1.98 -4.34 4.09
HO5 ITP D . 1.16 -4.60 2.06
H6 ITP D . 0.61 -7.04 4.41
HO6 ITP D . 3.16 -5.91 3.84
N ARG A 1 -5.80 -12.26 2.90
CA ARG A 1 -5.82 -13.27 1.79
C ARG A 1 -6.84 -12.86 0.72
N LYS A 2 -7.79 -12.05 1.07
CA LYS A 2 -8.80 -11.61 0.07
C LYS A 2 -8.58 -10.15 -0.32
N TRP A 3 -8.00 -9.39 0.56
CA TRP A 3 -7.75 -7.95 0.25
C TRP A 3 -6.66 -7.84 -0.83
N ALA A 4 -5.61 -7.09 -0.58
CA ALA A 4 -4.54 -6.97 -1.63
C ALA A 4 -3.68 -8.24 -1.69
N GLU A 5 -4.29 -9.40 -1.67
CA GLU A 5 -3.51 -10.67 -1.74
C GLU A 5 -2.29 -10.60 -0.82
N ASP A 6 -2.44 -11.04 0.41
CA ASP A 6 -1.29 -11.01 1.35
C ASP A 6 -0.50 -12.32 1.24
N ASN A 7 -0.87 -13.18 0.33
CA ASN A 7 -0.13 -14.47 0.17
C ASN A 7 0.19 -14.71 -1.30
N GLU A 8 -0.73 -14.42 -2.17
CA GLU A 8 -0.48 -14.62 -3.63
C GLU A 8 0.47 -13.55 -4.17
N VAL A 9 0.88 -12.63 -3.34
CA VAL A 9 1.79 -11.56 -3.81
C VAL A 9 3.07 -11.53 -2.96
N GLN A 10 4.18 -11.88 -3.54
CA GLN A 10 5.46 -11.88 -2.78
C GLN A 10 6.32 -10.70 -3.21
N ASN A 11 5.71 -9.69 -3.77
CA ASN A 11 6.50 -8.50 -4.21
C ASN A 11 5.58 -7.29 -4.40
N CYS A 12 6.13 -6.11 -4.53
CA CYS A 12 5.30 -4.89 -4.71
C CYS A 12 4.69 -4.86 -6.11
N MET A 13 3.70 -4.05 -6.32
CA MET A 13 3.07 -3.97 -7.67
C MET A 13 3.79 -2.92 -8.52
N ALA A 14 4.08 -1.78 -7.96
CA ALA A 14 4.80 -0.71 -8.73
C ALA A 14 6.26 -1.12 -8.91
N CYS A 15 7.06 -1.00 -7.88
CA CYS A 15 8.49 -1.40 -8.01
C CYS A 15 8.58 -2.83 -8.53
N GLY A 16 7.62 -3.64 -8.21
CA GLY A 16 7.63 -5.06 -8.69
C GLY A 16 8.87 -5.76 -8.16
N LYS A 17 9.39 -5.31 -7.06
CA LYS A 17 10.62 -5.94 -6.49
C LYS A 17 10.25 -7.16 -5.66
N GLY A 18 10.89 -8.27 -5.90
CA GLY A 18 10.60 -9.51 -5.12
C GLY A 18 10.86 -9.25 -3.64
N PHE A 19 9.84 -9.06 -2.86
CA PHE A 19 10.04 -8.81 -1.41
C PHE A 19 11.07 -9.78 -0.83
N SER A 20 11.69 -9.41 0.25
CA SER A 20 12.71 -10.29 0.88
C SER A 20 13.04 -9.79 2.28
N VAL A 21 14.16 -10.19 2.82
CA VAL A 21 14.54 -9.72 4.18
C VAL A 21 15.09 -8.29 4.10
N THR A 22 15.44 -7.83 2.93
CA THR A 22 15.97 -6.45 2.79
C THR A 22 14.82 -5.46 2.61
N VAL A 23 13.67 -5.94 2.22
CA VAL A 23 12.50 -5.03 2.03
C VAL A 23 11.24 -5.64 2.67
N ARG A 24 10.30 -4.82 3.03
CA ARG A 24 9.06 -5.35 3.66
C ARG A 24 7.88 -5.26 2.68
N ARG A 25 6.81 -5.94 2.96
CA ARG A 25 5.63 -5.90 2.04
C ARG A 25 4.52 -5.03 2.64
N HIS A 26 3.86 -4.26 1.82
CA HIS A 26 2.76 -3.39 2.31
C HIS A 26 1.72 -3.20 1.20
N HIS A 27 0.46 -3.17 1.54
CA HIS A 27 -0.57 -2.98 0.48
C HIS A 27 -1.47 -1.79 0.79
N CYS A 28 -1.88 -1.08 -0.23
CA CYS A 28 -2.75 0.10 -0.02
C CYS A 28 -4.16 -0.36 0.39
N ARG A 29 -4.68 0.18 1.46
CA ARG A 29 -6.04 -0.23 1.93
C ARG A 29 -7.14 0.41 1.07
N GLN A 30 -6.79 1.38 0.26
CA GLN A 30 -7.82 2.03 -0.60
C GLN A 30 -8.03 1.23 -1.89
N CYS A 31 -7.02 1.15 -2.70
CA CYS A 31 -7.15 0.38 -3.97
C CYS A 31 -7.03 -1.12 -3.69
N GLY A 32 -6.37 -1.49 -2.63
CA GLY A 32 -6.23 -2.93 -2.29
C GLY A 32 -5.09 -3.51 -3.12
N ASN A 33 -4.04 -2.76 -3.31
CA ASN A 33 -2.89 -3.27 -4.11
C ASN A 33 -1.71 -3.59 -3.20
N ILE A 34 -0.57 -3.93 -3.78
CA ILE A 34 0.62 -4.25 -2.93
C ILE A 34 1.78 -3.31 -3.31
N PHE A 35 2.43 -2.75 -2.33
CA PHE A 35 3.55 -1.82 -2.63
C PHE A 35 4.72 -2.07 -1.68
N CYS A 36 5.92 -1.77 -2.09
CA CYS A 36 7.09 -1.99 -1.20
C CYS A 36 7.17 -0.89 -0.15
N ALA A 37 7.88 -1.14 0.93
CA ALA A 37 8.00 -0.11 1.99
C ALA A 37 8.24 1.28 1.39
N GLU A 38 8.77 1.34 0.21
CA GLU A 38 9.04 2.66 -0.42
C GLU A 38 7.78 3.17 -1.14
N CYS A 39 7.01 2.29 -1.70
CA CYS A 39 5.78 2.74 -2.42
C CYS A 39 4.62 2.90 -1.44
N SER A 40 4.50 2.00 -0.50
CA SER A 40 3.39 2.12 0.49
C SER A 40 3.83 2.95 1.70
N ALA A 41 4.85 3.76 1.54
CA ALA A 41 5.32 4.59 2.68
C ALA A 41 4.48 5.87 2.78
N LYS A 42 3.37 5.92 2.11
CA LYS A 42 2.53 7.15 2.16
C LYS A 42 1.20 6.86 2.87
N ASN A 43 0.81 7.73 3.77
CA ASN A 43 -0.49 7.52 4.50
C ASN A 43 -1.27 8.83 4.54
N ALA A 44 -2.54 8.78 4.28
CA ALA A 44 -3.36 10.03 4.30
C ALA A 44 -4.63 9.84 5.12
N LEU A 45 -5.10 10.88 5.77
CA LEU A 45 -6.34 10.76 6.58
C LEU A 45 -7.56 10.67 5.65
N THR A 46 -8.37 9.66 5.80
CA THR A 46 -9.56 9.52 4.92
C THR A 46 -10.75 10.26 5.53
N PRO A 47 -11.47 10.95 4.68
CA PRO A 47 -12.66 11.70 5.14
C PRO A 47 -13.79 10.74 5.49
N SER A 48 -13.60 9.47 5.23
CA SER A 48 -14.65 8.46 5.55
C SER A 48 -14.60 8.12 7.04
N SER A 49 -13.49 7.57 7.50
CA SER A 49 -13.39 7.22 8.94
C SER A 49 -12.81 8.39 9.73
N LYS A 50 -11.96 8.13 10.68
CA LYS A 50 -11.37 9.23 11.49
C LYS A 50 -9.91 8.92 11.82
N LYS A 51 -9.17 8.39 10.88
CA LYS A 51 -7.75 8.05 11.15
C LYS A 51 -6.97 7.99 9.83
N PRO A 52 -5.67 8.08 9.94
CA PRO A 52 -4.80 8.02 8.75
C PRO A 52 -4.67 6.58 8.27
N VAL A 53 -5.05 6.31 7.05
CA VAL A 53 -4.95 4.91 6.53
C VAL A 53 -3.72 4.78 5.62
N ARG A 54 -3.29 3.57 5.39
CA ARG A 54 -2.11 3.36 4.51
C ARG A 54 -2.52 3.47 3.04
N VAL A 55 -1.72 4.13 2.24
CA VAL A 55 -2.07 4.27 0.80
C VAL A 55 -0.80 4.53 -0.02
N CYS A 56 -0.72 3.96 -1.20
CA CYS A 56 0.49 4.17 -2.04
C CYS A 56 0.53 5.63 -2.55
N ASP A 57 1.65 6.05 -3.05
CA ASP A 57 1.75 7.45 -3.57
C ASP A 57 0.54 7.76 -4.45
N ALA A 58 0.15 6.83 -5.28
CA ALA A 58 -1.02 7.08 -6.17
C ALA A 58 -2.25 7.44 -5.33
N CYS A 59 -2.50 6.71 -4.28
CA CYS A 59 -3.68 7.02 -3.42
C CYS A 59 -3.41 8.26 -2.56
N PHE A 60 -2.27 8.30 -1.90
CA PHE A 60 -1.98 9.48 -1.06
C PHE A 60 -2.26 10.77 -1.83
N ASN A 61 -1.90 10.82 -3.08
CA ASN A 61 -2.15 12.04 -3.90
C ASN A 61 -3.65 12.19 -4.16
N ASP A 62 -4.32 11.13 -4.54
CA ASP A 62 -5.77 11.22 -4.80
C ASP A 62 -6.51 11.62 -3.51
N LEU A 63 -6.02 11.18 -2.38
CA LEU A 63 -6.68 11.54 -1.09
C LEU A 63 -6.52 13.04 -0.84
N GLN A 64 -5.33 13.55 -1.00
CA GLN A 64 -5.11 15.01 -0.77
C GLN A 64 -6.21 15.82 -1.44
N GLY A 65 -6.82 15.28 -2.45
CA GLY A 65 -7.91 16.01 -3.16
C GLY A 65 -9.12 15.09 -3.34
ZN ZN B . 7.40 -0.27 -5.26
ZN ZN C . -3.81 2.47 -4.08
C1 ITP D . 2.16 -5.31 7.59
O1 ITP D . 3.05 -6.26 8.33
C2 ITP D . 0.64 -5.48 7.68
O2 ITP D . 0.18 -6.80 7.24
C3 ITP D . 0.05 -4.38 6.86
O3 ITP D . -1.34 -4.36 7.04
C4 ITP D . 0.44 -4.47 5.30
O4 ITP D . 0.84 -3.17 4.88
C5 ITP D . 1.63 -5.35 5.03
O5 ITP D . 1.16 -6.75 5.07
C6 ITP D . 2.72 -5.19 6.12
O6 ITP D . 3.21 -3.91 5.99
P1 ITP D . 4.15 -7.31 7.66
OP1 ITP D . 3.60 -7.86 6.43
OP2 ITP D . 4.42 -8.40 8.64
OP3 ITP D . 5.23 -6.28 7.58
P3 ITP D . -2.01 -3.46 8.10
O10 ITP D . -1.99 -2.24 7.39
O11 ITP D . -3.24 -4.19 8.30
O12 ITP D . -1.14 -3.53 9.24
H1 ITP D . 2.38 -4.29 7.91
H2 ITP D . 0.35 -5.38 8.73
HO2 ITP D . -0.81 -6.74 6.98
H3 ITP D . 0.48 -3.42 7.15
H4 ITP D . -0.46 -4.75 4.75
HO4 ITP D . 1.84 -3.19 4.62
H5 ITP D . 2.00 -5.10 4.05
HO5 ITP D . 1.90 -7.36 5.45
H6 ITP D . 3.45 -5.98 5.93
HO6 ITP D . 2.88 -3.33 6.78
N ARG A 1 -5.77 -12.00 2.01
CA ARG A 1 -6.79 -12.61 1.12
C ARG A 1 -7.88 -11.60 0.78
N LYS A 2 -8.69 -11.89 -0.22
CA LYS A 2 -9.77 -10.93 -0.60
C LYS A 2 -9.21 -9.50 -0.60
N TRP A 3 -7.95 -9.35 -0.90
CA TRP A 3 -7.34 -7.99 -0.92
C TRP A 3 -6.03 -8.04 -1.72
N ALA A 4 -5.21 -7.04 -1.58
CA ALA A 4 -3.92 -7.03 -2.33
C ALA A 4 -3.04 -8.19 -1.83
N GLU A 5 -2.93 -8.33 -0.54
CA GLU A 5 -2.10 -9.43 0.04
C GLU A 5 -2.75 -10.77 -0.29
N ASP A 6 -2.84 -11.09 -1.54
CA ASP A 6 -3.48 -12.37 -1.95
C ASP A 6 -2.54 -13.56 -1.80
N ASN A 7 -1.69 -13.56 -0.80
CA ASN A 7 -0.75 -14.70 -0.60
C ASN A 7 -0.20 -15.19 -1.95
N GLU A 8 -0.15 -14.33 -2.92
CA GLU A 8 0.39 -14.74 -4.25
C GLU A 8 1.23 -13.60 -4.83
N VAL A 9 1.55 -12.64 -4.03
CA VAL A 9 2.38 -11.50 -4.50
C VAL A 9 3.62 -11.35 -3.61
N GLN A 10 4.66 -12.06 -3.91
CA GLN A 10 5.90 -11.96 -3.08
C GLN A 10 6.76 -10.77 -3.50
N ASN A 11 6.15 -9.70 -3.95
CA ASN A 11 6.94 -8.51 -4.36
C ASN A 11 6.02 -7.31 -4.61
N CYS A 12 6.53 -6.13 -4.43
CA CYS A 12 5.69 -4.92 -4.64
C CYS A 12 5.21 -4.83 -6.09
N MET A 13 3.92 -4.74 -6.30
CA MET A 13 3.40 -4.67 -7.69
C MET A 13 3.98 -3.43 -8.40
N ALA A 14 4.18 -2.36 -7.68
CA ALA A 14 4.74 -1.13 -8.32
C ALA A 14 6.24 -1.32 -8.58
N CYS A 15 7.07 -0.94 -7.64
CA CYS A 15 8.54 -1.11 -7.84
C CYS A 15 8.81 -2.48 -8.44
N GLY A 16 8.05 -3.46 -8.06
CA GLY A 16 8.24 -4.83 -8.63
C GLY A 16 9.48 -5.47 -8.00
N LYS A 17 9.81 -5.10 -6.80
CA LYS A 17 11.01 -5.69 -6.15
C LYS A 17 10.64 -6.96 -5.36
N GLY A 18 11.29 -8.04 -5.64
CA GLY A 18 10.99 -9.31 -4.92
C GLY A 18 11.19 -9.12 -3.42
N PHE A 19 10.11 -9.00 -2.69
CA PHE A 19 10.22 -8.81 -1.22
C PHE A 19 11.32 -9.69 -0.64
N SER A 20 11.82 -9.35 0.52
CA SER A 20 12.89 -10.18 1.14
C SER A 20 12.86 -10.04 2.67
N VAL A 21 13.97 -10.22 3.31
CA VAL A 21 13.99 -10.09 4.81
C VAL A 21 14.18 -8.62 5.21
N THR A 22 14.91 -7.87 4.43
CA THR A 22 15.14 -6.44 4.77
C THR A 22 14.08 -5.56 4.12
N VAL A 23 13.28 -6.11 3.24
CA VAL A 23 12.23 -5.29 2.58
C VAL A 23 10.84 -5.82 2.94
N ARG A 24 10.09 -5.07 3.69
CA ARG A 24 8.72 -5.52 4.07
C ARG A 24 7.78 -5.37 2.88
N ARG A 25 6.52 -5.67 3.06
CA ARG A 25 5.56 -5.53 1.92
C ARG A 25 4.24 -4.95 2.41
N HIS A 26 3.76 -3.93 1.76
CA HIS A 26 2.47 -3.31 2.16
C HIS A 26 1.50 -3.32 0.98
N HIS A 27 0.25 -3.06 1.22
CA HIS A 27 -0.73 -3.07 0.10
C HIS A 27 -1.69 -1.88 0.21
N CYS A 28 -2.03 -1.26 -0.89
CA CYS A 28 -2.96 -0.10 -0.84
C CYS A 28 -4.37 -0.57 -0.49
N ARG A 29 -4.96 0.00 0.53
CA ARG A 29 -6.34 -0.42 0.93
C ARG A 29 -7.39 0.27 0.07
N GLN A 30 -6.98 1.15 -0.82
CA GLN A 30 -7.98 1.84 -1.68
C GLN A 30 -8.16 1.07 -2.99
N CYS A 31 -7.14 1.00 -3.79
CA CYS A 31 -7.25 0.27 -5.08
C CYS A 31 -7.07 -1.23 -4.85
N GLY A 32 -6.25 -1.60 -3.90
CA GLY A 32 -6.02 -3.05 -3.62
C GLY A 32 -4.77 -3.52 -4.36
N ASN A 33 -3.64 -2.99 -4.02
CA ASN A 33 -2.38 -3.41 -4.70
C ASN A 33 -1.32 -3.79 -3.68
N ILE A 34 -0.19 -4.27 -4.13
CA ILE A 34 0.91 -4.65 -3.19
C ILE A 34 2.11 -3.73 -3.41
N PHE A 35 2.47 -2.94 -2.44
CA PHE A 35 3.64 -2.03 -2.64
C PHE A 35 4.68 -2.26 -1.55
N CYS A 36 5.92 -1.94 -1.82
CA CYS A 36 6.98 -2.15 -0.80
C CYS A 36 7.10 -0.91 0.09
N ALA A 37 7.91 -0.99 1.11
CA ALA A 37 8.07 0.18 2.03
C ALA A 37 8.32 1.45 1.22
N GLU A 38 8.78 1.32 0.01
CA GLU A 38 9.05 2.53 -0.82
C GLU A 38 7.77 3.02 -1.50
N CYS A 39 7.08 2.15 -2.20
CA CYS A 39 5.83 2.58 -2.89
C CYS A 39 4.71 2.81 -1.86
N SER A 40 4.66 2.02 -0.83
CA SER A 40 3.59 2.20 0.19
C SER A 40 4.05 3.18 1.28
N ALA A 41 5.03 3.99 0.99
CA ALA A 41 5.52 4.96 2.00
C ALA A 41 4.58 6.17 2.08
N LYS A 42 3.50 6.14 1.35
CA LYS A 42 2.55 7.29 1.38
C LYS A 42 1.31 6.94 2.22
N ASN A 43 1.06 7.68 3.26
CA ASN A 43 -0.13 7.40 4.11
C ASN A 43 -0.93 8.68 4.33
N ALA A 44 -2.23 8.61 4.20
CA ALA A 44 -3.05 9.83 4.39
C ALA A 44 -4.32 9.52 5.18
N LEU A 45 -4.76 10.45 5.97
CA LEU A 45 -5.99 10.22 6.79
C LEU A 45 -7.21 10.84 6.08
N THR A 46 -8.33 10.20 6.14
CA THR A 46 -9.56 10.76 5.47
C THR A 46 -10.60 11.13 6.52
N PRO A 47 -11.61 11.82 6.07
CA PRO A 47 -12.70 12.25 6.98
C PRO A 47 -13.64 11.08 7.27
N SER A 48 -13.32 9.91 6.77
CA SER A 48 -14.18 8.72 7.01
C SER A 48 -14.08 8.27 8.47
N SER A 49 -12.90 8.30 9.03
CA SER A 49 -12.74 7.88 10.45
C SER A 49 -11.60 8.64 11.12
N LYS A 50 -11.33 9.84 10.68
CA LYS A 50 -10.23 10.64 11.29
C LYS A 50 -9.00 9.75 11.52
N LYS A 51 -8.83 8.73 10.73
CA LYS A 51 -7.66 7.82 10.90
C LYS A 51 -6.80 7.84 9.64
N PRO A 52 -5.51 7.71 9.83
CA PRO A 52 -4.58 7.70 8.67
C PRO A 52 -4.72 6.40 7.88
N VAL A 53 -5.14 6.50 6.65
CA VAL A 53 -5.31 5.27 5.82
C VAL A 53 -4.02 4.94 5.07
N ARG A 54 -3.76 3.68 4.83
CA ARG A 54 -2.52 3.31 4.10
C ARG A 54 -2.78 3.20 2.59
N VAL A 55 -1.96 3.83 1.79
CA VAL A 55 -2.17 3.77 0.32
C VAL A 55 -0.86 4.10 -0.42
N CYS A 56 -0.80 3.83 -1.68
CA CYS A 56 0.45 4.14 -2.44
C CYS A 56 0.50 5.64 -2.78
N ASP A 57 1.60 6.10 -3.32
CA ASP A 57 1.73 7.55 -3.66
C ASP A 57 0.50 8.02 -4.46
N ALA A 58 0.05 7.22 -5.40
CA ALA A 58 -1.13 7.64 -6.21
C ALA A 58 -2.35 7.87 -5.32
N CYS A 59 -2.85 6.82 -4.73
CA CYS A 59 -4.05 6.97 -3.85
C CYS A 59 -3.82 8.09 -2.83
N PHE A 60 -2.71 8.08 -2.15
CA PHE A 60 -2.44 9.15 -1.15
C PHE A 60 -2.83 10.51 -1.72
N ASN A 61 -2.56 10.75 -2.97
CA ASN A 61 -2.91 12.06 -3.59
C ASN A 61 -4.43 12.17 -3.74
N ASP A 62 -5.04 11.20 -4.38
CA ASP A 62 -6.52 11.24 -4.57
C ASP A 62 -7.21 11.40 -3.21
N LEU A 63 -6.64 10.84 -2.17
CA LEU A 63 -7.26 10.98 -0.82
C LEU A 63 -7.20 12.43 -0.36
N GLN A 64 -6.06 13.05 -0.48
CA GLN A 64 -5.94 14.48 -0.04
C GLN A 64 -7.15 15.27 -0.54
N GLY A 65 -7.68 14.89 -1.66
CA GLY A 65 -8.86 15.63 -2.21
C GLY A 65 -8.46 16.38 -3.48
ZN ZN B . 7.45 -0.12 -4.59
ZN ZN C . -3.47 2.99 -4.50
C1 ITP D . 1.69 -5.40 7.42
O1 ITP D . 2.41 -6.38 8.32
C2 ITP D . 0.17 -5.40 7.40
O2 ITP D . -0.42 -6.65 6.92
C3 ITP D . -0.23 -4.23 6.54
O3 ITP D . -1.62 -4.08 6.57
C4 ITP D . 0.33 -4.32 5.02
O4 ITP D . 1.02 -3.11 4.75
C5 ITP D . 1.35 -5.42 4.82
O5 ITP D . 0.62 -6.69 4.78
C6 ITP D . 2.35 -5.49 6.00
O6 ITP D . 3.17 -4.37 5.89
P1 ITP D . 3.26 -7.71 7.84
OP1 ITP D . 2.63 -8.29 6.66
OP2 ITP D . 3.28 -8.68 8.96
OP3 ITP D . 4.55 -6.94 7.68
P3 ITP D . -2.30 -2.89 7.26
O10 ITP D . -1.99 -3.19 8.59
O11 ITP D . -1.65 -1.80 6.56
O12 ITP D . -3.68 -3.01 6.90
H1 ITP D . 2.01 -4.38 7.67
H2 ITP D . -0.18 -5.25 8.42
HO2 ITP D . -1.03 -6.45 6.12
H3 ITP D . 0.26 -3.31 6.90
H4 ITP D . -0.54 -4.41 4.37
HO4 ITP D . 1.01 -2.94 3.72
H5 ITP D . 1.84 -5.22 3.88
HO5 ITP D . -0.38 -6.51 4.60
H6 ITP D . 2.88 -6.44 5.88
HO6 ITP D . 3.25 -3.91 6.80
N ARG A 1 -6.19 -14.05 2.30
CA ARG A 1 -7.31 -14.68 1.54
C ARG A 1 -8.15 -13.59 0.85
N LYS A 2 -9.02 -12.94 1.57
CA LYS A 2 -9.86 -11.88 0.96
C LYS A 2 -8.99 -10.68 0.57
N TRP A 3 -8.51 -9.93 1.53
CA TRP A 3 -7.65 -8.76 1.22
C TRP A 3 -6.26 -9.23 0.80
N ALA A 4 -5.48 -8.35 0.22
CA ALA A 4 -4.11 -8.75 -0.22
C ALA A 4 -3.14 -8.70 0.95
N GLU A 5 -3.17 -9.68 1.81
CA GLU A 5 -2.24 -9.67 2.98
C GLU A 5 -0.93 -10.37 2.61
N ASP A 6 -0.97 -11.64 2.36
CA ASP A 6 0.28 -12.38 1.99
C ASP A 6 -0.06 -13.66 1.24
N ASN A 7 -1.09 -13.62 0.42
CA ASN A 7 -1.48 -14.83 -0.34
C ASN A 7 -0.47 -15.08 -1.46
N GLU A 8 0.77 -15.28 -1.11
CA GLU A 8 1.83 -15.52 -2.13
C GLU A 8 2.20 -14.21 -2.82
N VAL A 9 1.97 -13.10 -2.17
CA VAL A 9 2.31 -11.79 -2.80
C VAL A 9 3.68 -11.31 -2.31
N GLN A 10 4.68 -12.14 -2.41
CA GLN A 10 6.04 -11.73 -1.95
C GLN A 10 6.70 -10.82 -2.99
N ASN A 11 6.01 -9.82 -3.46
CA ASN A 11 6.61 -8.92 -4.48
C ASN A 11 5.70 -7.70 -4.70
N CYS A 12 6.21 -6.51 -4.47
CA CYS A 12 5.39 -5.29 -4.67
C CYS A 12 4.75 -5.29 -6.07
N MET A 13 3.46 -5.10 -6.15
CA MET A 13 2.79 -5.08 -7.47
C MET A 13 3.27 -3.88 -8.29
N ALA A 14 3.65 -2.82 -7.64
CA ALA A 14 4.13 -1.62 -8.38
C ALA A 14 5.58 -1.83 -8.83
N CYS A 15 6.53 -1.47 -7.99
CA CYS A 15 7.96 -1.67 -8.36
C CYS A 15 8.13 -3.07 -8.94
N GLY A 16 7.45 -4.03 -8.37
CA GLY A 16 7.56 -5.42 -8.88
C GLY A 16 8.79 -6.11 -8.28
N LYS A 17 9.24 -5.65 -7.15
CA LYS A 17 10.44 -6.28 -6.53
C LYS A 17 10.02 -7.42 -5.59
N GLY A 18 10.72 -8.51 -5.65
CA GLY A 18 10.37 -9.66 -4.76
C GLY A 18 10.77 -9.33 -3.32
N PHE A 19 9.81 -9.06 -2.49
CA PHE A 19 10.12 -8.71 -1.07
C PHE A 19 11.24 -9.61 -0.51
N SER A 20 12.20 -9.02 0.13
CA SER A 20 13.32 -9.83 0.69
C SER A 20 13.63 -9.38 2.13
N VAL A 21 14.66 -9.93 2.72
CA VAL A 21 15.02 -9.54 4.12
C VAL A 21 15.30 -8.03 4.20
N THR A 22 15.55 -7.40 3.10
CA THR A 22 15.83 -5.93 3.13
C THR A 22 14.54 -5.13 2.96
N VAL A 23 13.57 -5.66 2.28
CA VAL A 23 12.29 -4.92 2.08
C VAL A 23 11.12 -5.71 2.66
N ARG A 24 10.18 -5.03 3.26
CA ARG A 24 9.00 -5.74 3.84
C ARG A 24 7.83 -5.68 2.86
N ARG A 25 6.67 -6.13 3.25
CA ARG A 25 5.51 -6.10 2.32
C ARG A 25 4.43 -5.13 2.84
N HIS A 26 3.83 -4.40 1.95
CA HIS A 26 2.76 -3.43 2.36
C HIS A 26 1.70 -3.35 1.27
N HIS A 27 0.47 -3.12 1.64
CA HIS A 27 -0.60 -3.03 0.59
C HIS A 27 -1.42 -1.76 0.76
N CYS A 28 -1.74 -1.10 -0.32
CA CYS A 28 -2.54 0.15 -0.24
C CYS A 28 -4.01 -0.20 0.02
N ARG A 29 -4.57 0.32 1.08
CA ARG A 29 -6.00 0.01 1.40
C ARG A 29 -6.94 0.89 0.57
N GLN A 30 -6.39 1.73 -0.26
CA GLN A 30 -7.26 2.62 -1.09
C GLN A 30 -7.47 2.00 -2.48
N CYS A 31 -6.41 1.60 -3.12
CA CYS A 31 -6.55 0.98 -4.48
C CYS A 31 -6.70 -0.54 -4.34
N GLY A 32 -6.05 -1.13 -3.37
CA GLY A 32 -6.15 -2.60 -3.18
C GLY A 32 -4.97 -3.27 -3.86
N ASN A 33 -3.77 -2.77 -3.66
CA ASN A 33 -2.58 -3.39 -4.31
C ASN A 33 -1.44 -3.54 -3.29
N ILE A 34 -0.41 -4.25 -3.66
CA ILE A 34 0.74 -4.44 -2.71
C ILE A 34 1.91 -3.53 -3.13
N PHE A 35 2.47 -2.82 -2.20
CA PHE A 35 3.61 -1.92 -2.55
C PHE A 35 4.76 -2.10 -1.54
N CYS A 36 5.97 -1.96 -1.99
CA CYS A 36 7.12 -2.12 -1.06
C CYS A 36 7.33 -0.85 -0.25
N ALA A 37 8.04 -0.93 0.84
CA ALA A 37 8.28 0.28 1.69
C ALA A 37 8.58 1.49 0.81
N GLU A 38 9.10 1.27 -0.37
CA GLU A 38 9.40 2.41 -1.28
C GLU A 38 8.12 2.90 -1.95
N CYS A 39 7.26 1.99 -2.34
CA CYS A 39 6.00 2.40 -2.99
C CYS A 39 4.92 2.66 -1.93
N SER A 40 4.90 1.84 -0.91
CA SER A 40 3.89 2.03 0.17
C SER A 40 4.43 2.98 1.23
N ALA A 41 5.35 3.84 0.86
CA ALA A 41 5.93 4.78 1.86
C ALA A 41 5.03 6.02 2.00
N LYS A 42 3.75 5.86 1.93
CA LYS A 42 2.83 7.03 2.07
C LYS A 42 1.55 6.60 2.81
N ASN A 43 1.04 7.45 3.65
CA ASN A 43 -0.21 7.11 4.41
C ASN A 43 -1.12 8.33 4.48
N ALA A 44 -2.41 8.14 4.57
CA ALA A 44 -3.33 9.30 4.64
C ALA A 44 -4.73 8.87 5.09
N LEU A 45 -5.35 9.64 5.94
CA LEU A 45 -6.71 9.29 6.42
C LEU A 45 -7.75 9.75 5.40
N THR A 46 -9.02 9.69 5.75
CA THR A 46 -10.07 10.15 4.82
C THR A 46 -11.21 10.82 5.60
N PRO A 47 -12.01 11.58 4.89
CA PRO A 47 -13.15 12.27 5.53
C PRO A 47 -14.23 11.27 5.91
N SER A 48 -14.19 10.10 5.32
CA SER A 48 -15.21 9.06 5.64
C SER A 48 -15.06 8.63 7.11
N SER A 49 -13.87 8.71 7.63
CA SER A 49 -13.64 8.31 9.05
C SER A 49 -12.35 8.94 9.57
N LYS A 50 -12.38 9.48 10.76
CA LYS A 50 -11.15 10.10 11.31
C LYS A 50 -10.07 9.04 11.54
N LYS A 51 -9.55 8.48 10.49
CA LYS A 51 -8.50 7.43 10.65
C LYS A 51 -7.51 7.47 9.48
N PRO A 52 -6.25 7.39 9.82
CA PRO A 52 -5.18 7.40 8.79
C PRO A 52 -5.07 6.03 8.11
N VAL A 53 -5.21 5.98 6.82
CA VAL A 53 -5.11 4.67 6.11
C VAL A 53 -3.82 4.59 5.29
N ARG A 54 -3.27 3.42 5.16
CA ARG A 54 -2.01 3.27 4.35
C ARG A 54 -2.34 3.41 2.87
N VAL A 55 -1.54 4.15 2.14
CA VAL A 55 -1.83 4.32 0.68
C VAL A 55 -0.56 4.70 -0.08
N CYS A 56 -0.39 4.17 -1.26
CA CYS A 56 0.83 4.51 -2.06
C CYS A 56 0.92 6.03 -2.26
N ASP A 57 1.89 6.47 -3.01
CA ASP A 57 2.03 7.94 -3.25
C ASP A 57 0.84 8.47 -4.06
N ALA A 58 0.47 7.78 -5.10
CA ALA A 58 -0.67 8.25 -5.94
C ALA A 58 -1.91 8.45 -5.07
N CYS A 59 -2.43 7.38 -4.51
CA CYS A 59 -3.65 7.52 -3.65
C CYS A 59 -3.41 8.58 -2.57
N PHE A 60 -2.28 8.56 -1.94
CA PHE A 60 -2.00 9.56 -0.88
C PHE A 60 -2.46 10.95 -1.35
N ASN A 61 -2.14 11.30 -2.57
CA ASN A 61 -2.57 12.63 -3.09
C ASN A 61 -4.07 12.60 -3.39
N ASP A 62 -4.59 11.45 -3.69
CA ASP A 62 -6.06 11.34 -3.99
C ASP A 62 -6.86 11.60 -2.71
N LEU A 63 -6.46 11.02 -1.62
CA LEU A 63 -7.21 11.25 -0.35
C LEU A 63 -7.18 12.73 0.02
N GLN A 64 -6.05 13.35 -0.12
CA GLN A 64 -5.95 14.80 0.22
C GLN A 64 -6.69 15.63 -0.83
N GLY A 65 -7.17 15.01 -1.87
CA GLY A 65 -7.90 15.77 -2.92
C GLY A 65 -9.14 14.98 -3.35
ZN ZN B . 7.44 -0.84 -5.03
ZN ZN C . -3.25 2.73 -4.49
C1 ITP D . 2.32 -4.80 7.92
O1 ITP D . 3.19 -5.68 8.78
C2 ITP D . 0.81 -4.86 8.07
O2 ITP D . 0.25 -6.16 7.72
C3 ITP D . 0.27 -3.76 7.20
O3 ITP D . -1.12 -3.68 7.38
C4 ITP D . 0.67 -3.89 5.64
O4 ITP D . 1.28 -2.68 5.25
C5 ITP D . 1.70 -4.96 5.38
O5 ITP D . 1.02 -6.26 5.47
C6 ITP D . 2.84 -4.94 6.44
O6 ITP D . 3.59 -3.81 6.17
P1 ITP D . 3.93 -7.09 8.32
OP1 ITP D . 3.16 -7.69 7.21
OP2 ITP D . 3.96 -8.01 9.49
OP3 ITP D . 5.24 -6.43 8.03
P3 ITP D . -1.88 -2.35 7.38
O10 ITP D . -2.06 -2.19 6.00
O11 ITP D . -2.99 -2.70 8.25
O12 ITP D . -0.99 -1.41 8.00
H1 ITP D . 2.63 -3.76 8.07
H2 ITP D . 0.58 -4.68 9.12
HO2 ITP D . 0.65 -6.88 8.34
H3 ITP D . 0.73 -2.81 7.47
H4 ITP D . -0.26 -4.04 5.08
HO4 ITP D . 1.14 -2.54 4.23
H5 ITP D . 2.08 -4.79 4.38
HO5 ITP D . 0.06 -6.13 5.82
H6 ITP D . 3.38 -5.88 6.31
HO6 ITP D . 3.34 -3.06 6.83
#